data_8H7R
# 
_entry.id   8H7R 
# 
_audit_conform.dict_name       mmcif_pdbx.dic 
_audit_conform.dict_version    5.403 
_audit_conform.dict_location   http://mmcif.pdb.org/dictionaries/ascii/mmcif_pdbx.dic 
# 
loop_
_database_2.database_id 
_database_2.database_code 
_database_2.pdbx_database_accession 
_database_2.pdbx_DOI 
PDB   8H7R         pdb_00008h7r 10.2210/pdb8h7r/pdb 
WWPDB D_1300033009 ?            ?                   
# 
loop_
_pdbx_audit_revision_history.ordinal 
_pdbx_audit_revision_history.data_content_type 
_pdbx_audit_revision_history.major_revision 
_pdbx_audit_revision_history.minor_revision 
_pdbx_audit_revision_history.revision_date 
_pdbx_audit_revision_history.part_number 
1 'Structure model' 1 0 2023-10-25 ? 
2 'Structure model' 1 1 2024-10-23 ? 
3 'Structure model' 1 2 2025-04-02 ? 
# 
_pdbx_audit_revision_details.ordinal             1 
_pdbx_audit_revision_details.revision_ordinal    1 
_pdbx_audit_revision_details.data_content_type   'Structure model' 
_pdbx_audit_revision_details.provider            repository 
_pdbx_audit_revision_details.type                'Initial release' 
_pdbx_audit_revision_details.description         ? 
_pdbx_audit_revision_details.details             ? 
# 
loop_
_pdbx_audit_revision_group.ordinal 
_pdbx_audit_revision_group.revision_ordinal 
_pdbx_audit_revision_group.data_content_type 
_pdbx_audit_revision_group.group 
1 2 'Structure model' 'Structure summary'   
2 3 'Structure model' 'Database references' 
# 
loop_
_pdbx_audit_revision_category.ordinal 
_pdbx_audit_revision_category.revision_ordinal 
_pdbx_audit_revision_category.data_content_type 
_pdbx_audit_revision_category.category 
1 2 'Structure model' pdbx_entry_details        
2 2 'Structure model' pdbx_modification_feature 
3 3 'Structure model' citation                  
4 3 'Structure model' citation_author           
# 
loop_
_pdbx_audit_revision_item.ordinal 
_pdbx_audit_revision_item.revision_ordinal 
_pdbx_audit_revision_item.data_content_type 
_pdbx_audit_revision_item.item 
1  2 'Structure model' '_pdbx_entry_details.has_protein_modification' 
2  3 'Structure model' '_citation.country'                            
3  3 'Structure model' '_citation.journal_abbrev'                     
4  3 'Structure model' '_citation.journal_id_CSD'                     
5  3 'Structure model' '_citation.journal_id_ISSN'                    
6  3 'Structure model' '_citation.journal_volume'                     
7  3 'Structure model' '_citation.page_first'                         
8  3 'Structure model' '_citation.page_last'                          
9  3 'Structure model' '_citation.pdbx_database_id_DOI'               
10 3 'Structure model' '_citation.pdbx_database_id_PubMed'            
11 3 'Structure model' '_citation.title'                              
12 3 'Structure model' '_citation.year'                               
# 
_pdbx_database_status.status_code                     REL 
_pdbx_database_status.status_code_sf                  REL 
_pdbx_database_status.status_code_mr                  ? 
_pdbx_database_status.entry_id                        8H7R 
_pdbx_database_status.recvd_initial_deposition_date   2022-10-20 
_pdbx_database_status.SG_entry                        N 
_pdbx_database_status.deposit_site                    PDBJ 
_pdbx_database_status.process_site                    RCSB 
_pdbx_database_status.status_code_cs                  ? 
_pdbx_database_status.status_code_nmr_data            ? 
_pdbx_database_status.methods_development_category    ? 
_pdbx_database_status.pdb_format_compatible           Y 
# 
loop_
_pdbx_database_related.db_name 
_pdbx_database_related.details 
_pdbx_database_related.db_id 
_pdbx_database_related.content_type 
PDB . 8H7I unspecified 
PDB . 8H7M unspecified 
PDB . 8H7N unspecified 
# 
_pdbx_contact_author.id                 2 
_pdbx_contact_author.email              gzwhongd@163.com 
_pdbx_contact_author.name_first         Hong 
_pdbx_contact_author.name_last          Wang 
_pdbx_contact_author.name_mi            ? 
_pdbx_contact_author.role               'principal investigator/group leader' 
_pdbx_contact_author.identifier_ORCID   0000-0001-9136-8959 
# 
loop_
_audit_author.name 
_audit_author.pdbx_ordinal 
_audit_author.identifier_ORCID 
'Wang, H.'  1 0000-0001-9136-8959 
'Li, J.D.'  2 0000-0003-4290-561X 
'Shen, X.'  3 0000-0003-3984-4238 
'Xu, Z.L.'  4 0000-0002-1197-4615 
'Sun, Y.M.' 5 ?                   
# 
_citation.abstract                  ? 
_citation.abstract_id_CAS           ? 
_citation.book_id_ISBN              ? 
_citation.book_publisher            ? 
_citation.book_publisher_city       ? 
_citation.book_title                ? 
_citation.coordinate_linkage        ? 
_citation.country                   US 
_citation.database_id_Medline       ? 
_citation.details                   ? 
_citation.id                        primary 
_citation.journal_abbrev            Anal.Chem. 
_citation.journal_id_ASTM           ? 
_citation.journal_id_CSD            ? 
_citation.journal_id_ISSN           1520-6882 
_citation.journal_full              ? 
_citation.journal_issue             ? 
_citation.journal_volume            95 
_citation.language                  ? 
_citation.page_first                11306 
_citation.page_last                 11315 
_citation.title                     
;Structural Insights into the Stability and Recognition Mechanism of the Antiquinalphos Nanobody for the Detection of Quinalphos in Foods.
;
_citation.year                      2023 
_citation.database_id_CSD           ? 
_citation.pdbx_database_id_DOI      10.1021/acs.analchem.3c01370 
_citation.pdbx_database_id_PubMed   37428097 
_citation.pdbx_database_id_patent   ? 
_citation.unpublished_flag          ? 
# 
loop_
_citation_author.citation_id 
_citation_author.name 
_citation_author.ordinal 
_citation_author.identifier_ORCID 
primary 'Li, J.D.'      1  ?                   
primary 'Wu, G.P.'      2  ?                   
primary 'Li, L.H.'      3  ?                   
primary 'Wang, L.T.'    4  ?                   
primary 'Liang, Y.F.'   5  ?                   
primary 'Fang, R.Y.'    6  ?                   
primary 'Zhang, Q.L.'   7  ?                   
primary 'Xie, L.L.'     8  ?                   
primary 'Shen, X.'      9  ?                   
primary 'Shen, Y.D.'    10 0000-0001-9236-5557 
primary 'Xu, Z.L.'      11 0000-0002-1197-4615 
primary 'Wang, H.'      12 0000-0001-9136-8959 
primary 'Hammock, B.D.' 13 0000-0003-1408-8317 
# 
loop_
_entity.id 
_entity.type 
_entity.src_method 
_entity.pdbx_description 
_entity.formula_weight 
_entity.pdbx_number_of_molecules 
_entity.pdbx_ec 
_entity.pdbx_mutation 
_entity.pdbx_fragment 
_entity.details 
1 polymer     man 'Nanobody 11A' 15189.646 1  ? ? ? ? 
2 non-polymer syn coumaphos      362.766   1  ? ? ? ? 
3 water       nat water          18.015    42 ? ? ? ? 
# 
_entity_poly.entity_id                      1 
_entity_poly.type                           'polypeptide(L)' 
_entity_poly.nstd_linkage                   no 
_entity_poly.nstd_monomer                   no 
_entity_poly.pdbx_seq_one_letter_code       
;EVQLVESGGGLVQPGGSLRLSCVGSGRVRTINTAGWYRQAPGQEPEFLARITVGGTTSYADSVKGRFTISRDLAKSTVYL
QMDYLKPEDTAVYYCNADFDFGSRTAWGQGTQVTVSSGQAGQHHHHHHGAYPYDVPDYAS
;
_entity_poly.pdbx_seq_one_letter_code_can   
;EVQLVESGGGLVQPGGSLRLSCVGSGRVRTINTAGWYRQAPGQEPEFLARITVGGTTSYADSVKGRFTISRDLAKSTVYL
QMDYLKPEDTAVYYCNADFDFGSRTAWGQGTQVTVSSGQAGQHHHHHHGAYPYDVPDYAS
;
_entity_poly.pdbx_strand_id                 A 
_entity_poly.pdbx_target_identifier         ? 
# 
loop_
_pdbx_entity_nonpoly.entity_id 
_pdbx_entity_nonpoly.name 
_pdbx_entity_nonpoly.comp_id 
2 coumaphos WZ0 
3 water     HOH 
# 
loop_
_entity_poly_seq.entity_id 
_entity_poly_seq.num 
_entity_poly_seq.mon_id 
_entity_poly_seq.hetero 
1 1   GLU n 
1 2   VAL n 
1 3   GLN n 
1 4   LEU n 
1 5   VAL n 
1 6   GLU n 
1 7   SER n 
1 8   GLY n 
1 9   GLY n 
1 10  GLY n 
1 11  LEU n 
1 12  VAL n 
1 13  GLN n 
1 14  PRO n 
1 15  GLY n 
1 16  GLY n 
1 17  SER n 
1 18  LEU n 
1 19  ARG n 
1 20  LEU n 
1 21  SER n 
1 22  CYS n 
1 23  VAL n 
1 24  GLY n 
1 25  SER n 
1 26  GLY n 
1 27  ARG n 
1 28  VAL n 
1 29  ARG n 
1 30  THR n 
1 31  ILE n 
1 32  ASN n 
1 33  THR n 
1 34  ALA n 
1 35  GLY n 
1 36  TRP n 
1 37  TYR n 
1 38  ARG n 
1 39  GLN n 
1 40  ALA n 
1 41  PRO n 
1 42  GLY n 
1 43  GLN n 
1 44  GLU n 
1 45  PRO n 
1 46  GLU n 
1 47  PHE n 
1 48  LEU n 
1 49  ALA n 
1 50  ARG n 
1 51  ILE n 
1 52  THR n 
1 53  VAL n 
1 54  GLY n 
1 55  GLY n 
1 56  THR n 
1 57  THR n 
1 58  SER n 
1 59  TYR n 
1 60  ALA n 
1 61  ASP n 
1 62  SER n 
1 63  VAL n 
1 64  LYS n 
1 65  GLY n 
1 66  ARG n 
1 67  PHE n 
1 68  THR n 
1 69  ILE n 
1 70  SER n 
1 71  ARG n 
1 72  ASP n 
1 73  LEU n 
1 74  ALA n 
1 75  LYS n 
1 76  SER n 
1 77  THR n 
1 78  VAL n 
1 79  TYR n 
1 80  LEU n 
1 81  GLN n 
1 82  MET n 
1 83  ASP n 
1 84  TYR n 
1 85  LEU n 
1 86  LYS n 
1 87  PRO n 
1 88  GLU n 
1 89  ASP n 
1 90  THR n 
1 91  ALA n 
1 92  VAL n 
1 93  TYR n 
1 94  TYR n 
1 95  CYS n 
1 96  ASN n 
1 97  ALA n 
1 98  ASP n 
1 99  PHE n 
1 100 ASP n 
1 101 PHE n 
1 102 GLY n 
1 103 SER n 
1 104 ARG n 
1 105 THR n 
1 106 ALA n 
1 107 TRP n 
1 108 GLY n 
1 109 GLN n 
1 110 GLY n 
1 111 THR n 
1 112 GLN n 
1 113 VAL n 
1 114 THR n 
1 115 VAL n 
1 116 SER n 
1 117 SER n 
1 118 GLY n 
1 119 GLN n 
1 120 ALA n 
1 121 GLY n 
1 122 GLN n 
1 123 HIS n 
1 124 HIS n 
1 125 HIS n 
1 126 HIS n 
1 127 HIS n 
1 128 HIS n 
1 129 GLY n 
1 130 ALA n 
1 131 TYR n 
1 132 PRO n 
1 133 TYR n 
1 134 ASP n 
1 135 VAL n 
1 136 PRO n 
1 137 ASP n 
1 138 TYR n 
1 139 ALA n 
1 140 SER n 
# 
_entity_src_gen.entity_id                          1 
_entity_src_gen.pdbx_src_id                        1 
_entity_src_gen.pdbx_alt_source_flag               sample 
_entity_src_gen.pdbx_seq_type                      'Biological sequence' 
_entity_src_gen.pdbx_beg_seq_num                   1 
_entity_src_gen.pdbx_end_seq_num                   140 
_entity_src_gen.gene_src_common_name               'Bactrian camel' 
_entity_src_gen.gene_src_genus                     ? 
_entity_src_gen.pdbx_gene_src_gene                 ? 
_entity_src_gen.gene_src_species                   ? 
_entity_src_gen.gene_src_strain                    ? 
_entity_src_gen.gene_src_tissue                    ? 
_entity_src_gen.gene_src_tissue_fraction           ? 
_entity_src_gen.gene_src_details                   ? 
_entity_src_gen.pdbx_gene_src_fragment             ? 
_entity_src_gen.pdbx_gene_src_scientific_name      'Camelus bactrianus' 
_entity_src_gen.pdbx_gene_src_ncbi_taxonomy_id     9837 
_entity_src_gen.pdbx_gene_src_variant              ? 
_entity_src_gen.pdbx_gene_src_cell_line            ? 
_entity_src_gen.pdbx_gene_src_atcc                 ? 
_entity_src_gen.pdbx_gene_src_organ                ? 
_entity_src_gen.pdbx_gene_src_organelle            ? 
_entity_src_gen.pdbx_gene_src_cell                 ? 
_entity_src_gen.pdbx_gene_src_cellular_location    ? 
_entity_src_gen.host_org_common_name               ? 
_entity_src_gen.pdbx_host_org_scientific_name      'Escherichia coli BL21(DE3)' 
_entity_src_gen.pdbx_host_org_ncbi_taxonomy_id     469008 
_entity_src_gen.host_org_genus                     ? 
_entity_src_gen.pdbx_host_org_gene                 ? 
_entity_src_gen.pdbx_host_org_organ                ? 
_entity_src_gen.host_org_species                   ? 
_entity_src_gen.pdbx_host_org_tissue               ? 
_entity_src_gen.pdbx_host_org_tissue_fraction      ? 
_entity_src_gen.pdbx_host_org_strain               ? 
_entity_src_gen.pdbx_host_org_variant              ? 
_entity_src_gen.pdbx_host_org_cell_line            ? 
_entity_src_gen.pdbx_host_org_atcc                 ? 
_entity_src_gen.pdbx_host_org_culture_collection   ? 
_entity_src_gen.pdbx_host_org_cell                 ? 
_entity_src_gen.pdbx_host_org_organelle            ? 
_entity_src_gen.pdbx_host_org_cellular_location    ? 
_entity_src_gen.pdbx_host_org_vector_type          ? 
_entity_src_gen.pdbx_host_org_vector               ? 
_entity_src_gen.host_org_details                   ? 
_entity_src_gen.expression_system_id               ? 
_entity_src_gen.plasmid_name                       ? 
_entity_src_gen.plasmid_details                    ? 
_entity_src_gen.pdbx_description                   ? 
# 
loop_
_chem_comp.id 
_chem_comp.type 
_chem_comp.mon_nstd_flag 
_chem_comp.name 
_chem_comp.pdbx_synonyms 
_chem_comp.formula 
_chem_comp.formula_weight 
ALA 'L-peptide linking' y ALANINE         ?                                                                               
'C3 H7 N O2'        89.093  
ARG 'L-peptide linking' y ARGININE        ?                                                                               
'C6 H15 N4 O2 1'    175.209 
ASN 'L-peptide linking' y ASPARAGINE      ?                                                                               
'C4 H8 N2 O3'       132.118 
ASP 'L-peptide linking' y 'ASPARTIC ACID' ?                                                                               
'C4 H7 N O4'        133.103 
CYS 'L-peptide linking' y CYSTEINE        ?                                                                               
'C3 H7 N O2 S'      121.158 
GLN 'L-peptide linking' y GLUTAMINE       ?                                                                               
'C5 H10 N2 O3'      146.144 
GLU 'L-peptide linking' y 'GLUTAMIC ACID' ?                                                                               
'C5 H9 N O4'        147.129 
GLY 'peptide linking'   y GLYCINE         ?                                                                               
'C2 H5 N O2'        75.067  
HIS 'L-peptide linking' y HISTIDINE       ?                                                                               
'C6 H10 N3 O2 1'    156.162 
HOH non-polymer         . WATER           ?                                                                               'H2 O' 
18.015  
ILE 'L-peptide linking' y ISOLEUCINE      ?                                                                               
'C6 H13 N O2'       131.173 
LEU 'L-peptide linking' y LEUCINE         ?                                                                               
'C6 H13 N O2'       131.173 
LYS 'L-peptide linking' y LYSINE          ?                                                                               
'C6 H15 N2 O2 1'    147.195 
MET 'L-peptide linking' y METHIONINE      ?                                                                               
'C5 H11 N O2 S'     149.211 
PHE 'L-peptide linking' y PHENYLALANINE   ?                                                                               
'C9 H11 N O2'       165.189 
PRO 'L-peptide linking' y PROLINE         ?                                                                               
'C5 H9 N O2'        115.130 
SER 'L-peptide linking' y SERINE          ?                                                                               
'C3 H7 N O3'        105.093 
THR 'L-peptide linking' y THREONINE       ?                                                                               
'C4 H9 N O3'        119.119 
TRP 'L-peptide linking' y TRYPTOPHAN      ?                                                                               
'C11 H12 N2 O2'     204.225 
TYR 'L-peptide linking' y TYROSINE        ?                                                                               
'C9 H11 N O3'       181.189 
VAL 'L-peptide linking' y VALINE          ?                                                                               
'C5 H11 N O2'       117.146 
WZ0 non-polymer         . coumaphos       'O-(3-chloro-4-methyl-2-oxo-2H-1-benzopyran-7-yl) O,O-diethyl phosphorothioate' 
'C14 H16 Cl O5 P S' 362.766 
# 
loop_
_pdbx_poly_seq_scheme.asym_id 
_pdbx_poly_seq_scheme.entity_id 
_pdbx_poly_seq_scheme.seq_id 
_pdbx_poly_seq_scheme.mon_id 
_pdbx_poly_seq_scheme.ndb_seq_num 
_pdbx_poly_seq_scheme.pdb_seq_num 
_pdbx_poly_seq_scheme.auth_seq_num 
_pdbx_poly_seq_scheme.pdb_mon_id 
_pdbx_poly_seq_scheme.auth_mon_id 
_pdbx_poly_seq_scheme.pdb_strand_id 
_pdbx_poly_seq_scheme.pdb_ins_code 
_pdbx_poly_seq_scheme.hetero 
A 1 1   GLU 1   1   1   GLU GLU A . n 
A 1 2   VAL 2   2   2   VAL VAL A . n 
A 1 3   GLN 3   3   3   GLN GLN A . n 
A 1 4   LEU 4   4   4   LEU LEU A . n 
A 1 5   VAL 5   5   5   VAL VAL A . n 
A 1 6   GLU 6   6   6   GLU GLU A . n 
A 1 7   SER 7   7   7   SER SER A . n 
A 1 8   GLY 8   8   8   GLY GLY A . n 
A 1 9   GLY 9   9   9   GLY GLY A . n 
A 1 10  GLY 10  10  10  GLY GLY A . n 
A 1 11  LEU 11  11  11  LEU LEU A . n 
A 1 12  VAL 12  12  12  VAL VAL A . n 
A 1 13  GLN 13  13  13  GLN GLN A . n 
A 1 14  PRO 14  14  14  PRO PRO A . n 
A 1 15  GLY 15  15  15  GLY GLY A . n 
A 1 16  GLY 16  16  16  GLY GLY A . n 
A 1 17  SER 17  17  17  SER SER A . n 
A 1 18  LEU 18  18  18  LEU LEU A . n 
A 1 19  ARG 19  19  19  ARG ARG A . n 
A 1 20  LEU 20  20  20  LEU LEU A . n 
A 1 21  SER 21  21  21  SER SER A . n 
A 1 22  CYS 22  22  22  CYS CYS A . n 
A 1 23  VAL 23  23  23  VAL VAL A . n 
A 1 24  GLY 24  24  24  GLY GLY A . n 
A 1 25  SER 25  25  25  SER SER A . n 
A 1 26  GLY 26  26  26  GLY GLY A . n 
A 1 27  ARG 27  27  27  ARG ARG A . n 
A 1 28  VAL 28  28  28  VAL VAL A . n 
A 1 29  ARG 29  29  29  ARG ARG A . n 
A 1 30  THR 30  30  30  THR THR A . n 
A 1 31  ILE 31  31  31  ILE ILE A . n 
A 1 32  ASN 32  32  32  ASN ASN A . n 
A 1 33  THR 33  33  33  THR THR A . n 
A 1 34  ALA 34  34  34  ALA ALA A . n 
A 1 35  GLY 35  35  35  GLY GLY A . n 
A 1 36  TRP 36  36  36  TRP TRP A . n 
A 1 37  TYR 37  37  37  TYR TYR A . n 
A 1 38  ARG 38  38  38  ARG ARG A . n 
A 1 39  GLN 39  39  39  GLN GLN A . n 
A 1 40  ALA 40  40  40  ALA ALA A . n 
A 1 41  PRO 41  41  41  PRO PRO A . n 
A 1 42  GLY 42  42  42  GLY GLY A . n 
A 1 43  GLN 43  43  43  GLN GLN A . n 
A 1 44  GLU 44  44  44  GLU GLU A . n 
A 1 45  PRO 45  45  45  PRO PRO A . n 
A 1 46  GLU 46  46  46  GLU GLU A . n 
A 1 47  PHE 47  47  47  PHE PHE A . n 
A 1 48  LEU 48  48  48  LEU LEU A . n 
A 1 49  ALA 49  49  49  ALA ALA A . n 
A 1 50  ARG 50  50  50  ARG ARG A . n 
A 1 51  ILE 51  51  51  ILE ILE A . n 
A 1 52  THR 52  52  52  THR THR A . n 
A 1 53  VAL 53  53  53  VAL VAL A . n 
A 1 54  GLY 54  54  54  GLY GLY A . n 
A 1 55  GLY 55  55  55  GLY GLY A . n 
A 1 56  THR 56  56  56  THR THR A . n 
A 1 57  THR 57  57  57  THR THR A . n 
A 1 58  SER 58  58  58  SER SER A . n 
A 1 59  TYR 59  59  59  TYR TYR A . n 
A 1 60  ALA 60  60  60  ALA ALA A . n 
A 1 61  ASP 61  61  61  ASP ASP A . n 
A 1 62  SER 62  62  62  SER SER A . n 
A 1 63  VAL 63  63  63  VAL VAL A . n 
A 1 64  LYS 64  64  64  LYS LYS A . n 
A 1 65  GLY 65  65  65  GLY GLY A . n 
A 1 66  ARG 66  66  66  ARG ARG A . n 
A 1 67  PHE 67  67  67  PHE PHE A . n 
A 1 68  THR 68  68  68  THR THR A . n 
A 1 69  ILE 69  69  69  ILE ILE A . n 
A 1 70  SER 70  70  70  SER SER A . n 
A 1 71  ARG 71  71  71  ARG ARG A . n 
A 1 72  ASP 72  72  72  ASP ASP A . n 
A 1 73  LEU 73  73  73  LEU LEU A . n 
A 1 74  ALA 74  74  74  ALA ALA A . n 
A 1 75  LYS 75  75  75  LYS LYS A . n 
A 1 76  SER 76  76  76  SER SER A . n 
A 1 77  THR 77  77  77  THR THR A . n 
A 1 78  VAL 78  78  78  VAL VAL A . n 
A 1 79  TYR 79  79  79  TYR TYR A . n 
A 1 80  LEU 80  80  80  LEU LEU A . n 
A 1 81  GLN 81  81  81  GLN GLN A . n 
A 1 82  MET 82  82  82  MET MET A . n 
A 1 83  ASP 83  83  83  ASP ASP A . n 
A 1 84  TYR 84  84  84  TYR TYR A . n 
A 1 85  LEU 85  85  85  LEU LEU A . n 
A 1 86  LYS 86  86  86  LYS LYS A . n 
A 1 87  PRO 87  87  87  PRO PRO A . n 
A 1 88  GLU 88  88  88  GLU GLU A . n 
A 1 89  ASP 89  89  89  ASP ASP A . n 
A 1 90  THR 90  90  90  THR THR A . n 
A 1 91  ALA 91  91  91  ALA ALA A . n 
A 1 92  VAL 92  92  92  VAL VAL A . n 
A 1 93  TYR 93  93  93  TYR TYR A . n 
A 1 94  TYR 94  94  94  TYR TYR A . n 
A 1 95  CYS 95  95  95  CYS CYS A . n 
A 1 96  ASN 96  96  96  ASN ASN A . n 
A 1 97  ALA 97  97  97  ALA ALA A . n 
A 1 98  ASP 98  98  98  ASP ASP A . n 
A 1 99  PHE 99  99  99  PHE PHE A . n 
A 1 100 ASP 100 100 100 ASP ASP A . n 
A 1 101 PHE 101 101 101 PHE PHE A . n 
A 1 102 GLY 102 102 102 GLY GLY A . n 
A 1 103 SER 103 103 103 SER SER A . n 
A 1 104 ARG 104 104 104 ARG ARG A . n 
A 1 105 THR 105 105 105 THR THR A . n 
A 1 106 ALA 106 106 106 ALA ALA A . n 
A 1 107 TRP 107 107 107 TRP TRP A . n 
A 1 108 GLY 108 108 108 GLY GLY A . n 
A 1 109 GLN 109 109 109 GLN GLN A . n 
A 1 110 GLY 110 110 110 GLY GLY A . n 
A 1 111 THR 111 111 111 THR THR A . n 
A 1 112 GLN 112 112 112 GLN GLN A . n 
A 1 113 VAL 113 113 113 VAL VAL A . n 
A 1 114 THR 114 114 114 THR THR A . n 
A 1 115 VAL 115 115 115 VAL VAL A . n 
A 1 116 SER 116 116 116 SER SER A . n 
A 1 117 SER 117 117 117 SER SER A . n 
A 1 118 GLY 118 118 118 GLY GLY A . n 
A 1 119 GLN 119 119 ?   ?   ?   A . n 
A 1 120 ALA 120 120 ?   ?   ?   A . n 
A 1 121 GLY 121 121 ?   ?   ?   A . n 
A 1 122 GLN 122 122 ?   ?   ?   A . n 
A 1 123 HIS 123 123 ?   ?   ?   A . n 
A 1 124 HIS 124 124 ?   ?   ?   A . n 
A 1 125 HIS 125 125 ?   ?   ?   A . n 
A 1 126 HIS 126 126 ?   ?   ?   A . n 
A 1 127 HIS 127 127 ?   ?   ?   A . n 
A 1 128 HIS 128 128 ?   ?   ?   A . n 
A 1 129 GLY 129 129 ?   ?   ?   A . n 
A 1 130 ALA 130 130 ?   ?   ?   A . n 
A 1 131 TYR 131 131 ?   ?   ?   A . n 
A 1 132 PRO 132 132 ?   ?   ?   A . n 
A 1 133 TYR 133 133 ?   ?   ?   A . n 
A 1 134 ASP 134 134 ?   ?   ?   A . n 
A 1 135 VAL 135 135 ?   ?   ?   A . n 
A 1 136 PRO 136 136 ?   ?   ?   A . n 
A 1 137 ASP 137 137 ?   ?   ?   A . n 
A 1 138 TYR 138 138 ?   ?   ?   A . n 
A 1 139 ALA 139 139 ?   ?   ?   A . n 
A 1 140 SER 140 140 ?   ?   ?   A . n 
# 
_pdbx_entity_instance_feature.ordinal        1 
_pdbx_entity_instance_feature.comp_id        WZ0 
_pdbx_entity_instance_feature.asym_id        ? 
_pdbx_entity_instance_feature.seq_num        ? 
_pdbx_entity_instance_feature.auth_comp_id   WZ0 
_pdbx_entity_instance_feature.auth_asym_id   ? 
_pdbx_entity_instance_feature.auth_seq_num   ? 
_pdbx_entity_instance_feature.feature_type   'SUBJECT OF INVESTIGATION' 
_pdbx_entity_instance_feature.details        ? 
# 
loop_
_pdbx_nonpoly_scheme.asym_id 
_pdbx_nonpoly_scheme.entity_id 
_pdbx_nonpoly_scheme.mon_id 
_pdbx_nonpoly_scheme.ndb_seq_num 
_pdbx_nonpoly_scheme.pdb_seq_num 
_pdbx_nonpoly_scheme.auth_seq_num 
_pdbx_nonpoly_scheme.pdb_mon_id 
_pdbx_nonpoly_scheme.auth_mon_id 
_pdbx_nonpoly_scheme.pdb_strand_id 
_pdbx_nonpoly_scheme.pdb_ins_code 
B 2 WZ0 1  201 201 WZ0 LIG A . 
C 3 HOH 1  301 41  HOH HOH A . 
C 3 HOH 2  302 42  HOH HOH A . 
C 3 HOH 3  303 6   HOH HOH A . 
C 3 HOH 4  304 9   HOH HOH A . 
C 3 HOH 5  305 22  HOH HOH A . 
C 3 HOH 6  306 2   HOH HOH A . 
C 3 HOH 7  307 13  HOH HOH A . 
C 3 HOH 8  308 1   HOH HOH A . 
C 3 HOH 9  309 40  HOH HOH A . 
C 3 HOH 10 310 7   HOH HOH A . 
C 3 HOH 11 311 43  HOH HOH A . 
C 3 HOH 12 312 25  HOH HOH A . 
C 3 HOH 13 313 5   HOH HOH A . 
C 3 HOH 14 314 20  HOH HOH A . 
C 3 HOH 15 315 17  HOH HOH A . 
C 3 HOH 16 316 16  HOH HOH A . 
C 3 HOH 17 317 26  HOH HOH A . 
C 3 HOH 18 318 27  HOH HOH A . 
C 3 HOH 19 319 3   HOH HOH A . 
C 3 HOH 20 320 45  HOH HOH A . 
C 3 HOH 21 321 28  HOH HOH A . 
C 3 HOH 22 322 38  HOH HOH A . 
C 3 HOH 23 323 21  HOH HOH A . 
C 3 HOH 24 324 12  HOH HOH A . 
C 3 HOH 25 325 39  HOH HOH A . 
C 3 HOH 26 326 37  HOH HOH A . 
C 3 HOH 27 327 33  HOH HOH A . 
C 3 HOH 28 328 15  HOH HOH A . 
C 3 HOH 29 329 19  HOH HOH A . 
C 3 HOH 30 330 14  HOH HOH A . 
C 3 HOH 31 331 31  HOH HOH A . 
C 3 HOH 32 332 8   HOH HOH A . 
C 3 HOH 33 333 29  HOH HOH A . 
C 3 HOH 34 334 30  HOH HOH A . 
C 3 HOH 35 335 11  HOH HOH A . 
C 3 HOH 36 336 18  HOH HOH A . 
C 3 HOH 37 337 24  HOH HOH A . 
C 3 HOH 38 338 44  HOH HOH A . 
C 3 HOH 39 339 36  HOH HOH A . 
C 3 HOH 40 340 35  HOH HOH A . 
C 3 HOH 41 341 23  HOH HOH A . 
C 3 HOH 42 342 46  HOH HOH A . 
# 
loop_
_pdbx_unobs_or_zero_occ_atoms.id 
_pdbx_unobs_or_zero_occ_atoms.PDB_model_num 
_pdbx_unobs_or_zero_occ_atoms.polymer_flag 
_pdbx_unobs_or_zero_occ_atoms.occupancy_flag 
_pdbx_unobs_or_zero_occ_atoms.auth_asym_id 
_pdbx_unobs_or_zero_occ_atoms.auth_comp_id 
_pdbx_unobs_or_zero_occ_atoms.auth_seq_id 
_pdbx_unobs_or_zero_occ_atoms.PDB_ins_code 
_pdbx_unobs_or_zero_occ_atoms.auth_atom_id 
_pdbx_unobs_or_zero_occ_atoms.label_alt_id 
_pdbx_unobs_or_zero_occ_atoms.label_asym_id 
_pdbx_unobs_or_zero_occ_atoms.label_comp_id 
_pdbx_unobs_or_zero_occ_atoms.label_seq_id 
_pdbx_unobs_or_zero_occ_atoms.label_atom_id 
1 1 Y 1 A PHE 101 ? CG  ? A PHE 101 CG  
2 1 Y 1 A PHE 101 ? CD1 ? A PHE 101 CD1 
3 1 Y 1 A PHE 101 ? CD2 ? A PHE 101 CD2 
4 1 Y 1 A PHE 101 ? CE1 ? A PHE 101 CE1 
5 1 Y 1 A PHE 101 ? CE2 ? A PHE 101 CE2 
6 1 Y 1 A PHE 101 ? CZ  ? A PHE 101 CZ  
# 
loop_
_software.citation_id 
_software.classification 
_software.compiler_name 
_software.compiler_version 
_software.contact_author 
_software.contact_author_email 
_software.date 
_software.description 
_software.dependencies 
_software.hardware 
_software.language 
_software.location 
_software.mods 
_software.name 
_software.os 
_software.os_version 
_software.type 
_software.version 
_software.pdbx_ordinal 
? refinement       ? ? ? ? ? ? ? ? ? ? ? PHENIX  ? ? ? 1.19.2_4158 1 
? 'data reduction' ? ? ? ? ? ? ? ? ? ? ? DIALS   ? ? ? .           2 
? 'data scaling'   ? ? ? ? ? ? ? ? ? ? ? Aimless ? ? ? .           3 
? phasing          ? ? ? ? ? ? ? ? ? ? ? PHASER  ? ? ? .           4 
# 
_cell.angle_alpha                  90.000 
_cell.angle_alpha_esd              ? 
_cell.angle_beta                   90.000 
_cell.angle_beta_esd               ? 
_cell.angle_gamma                  120.000 
_cell.angle_gamma_esd              ? 
_cell.entry_id                     8H7R 
_cell.details                      ? 
_cell.formula_units_Z              ? 
_cell.length_a                     84.166 
_cell.length_a_esd                 ? 
_cell.length_b                     84.166 
_cell.length_b_esd                 ? 
_cell.length_c                     32.301 
_cell.length_c_esd                 ? 
_cell.volume                       198161.389 
_cell.volume_esd                   ? 
_cell.Z_PDB                        6 
_cell.reciprocal_angle_alpha       ? 
_cell.reciprocal_angle_beta        ? 
_cell.reciprocal_angle_gamma       ? 
_cell.reciprocal_angle_alpha_esd   ? 
_cell.reciprocal_angle_beta_esd    ? 
_cell.reciprocal_angle_gamma_esd   ? 
_cell.reciprocal_length_a          ? 
_cell.reciprocal_length_b          ? 
_cell.reciprocal_length_c          ? 
_cell.reciprocal_length_a_esd      ? 
_cell.reciprocal_length_b_esd      ? 
_cell.reciprocal_length_c_esd      ? 
_cell.pdbx_unique_axis             ? 
_cell.pdbx_esd_method              ? 
# 
_symmetry.entry_id                         8H7R 
_symmetry.cell_setting                     ? 
_symmetry.Int_Tables_number                152 
_symmetry.space_group_name_Hall            
;P 31 2"
;
_symmetry.space_group_name_H-M             'P 31 2 1' 
_symmetry.pdbx_full_space_group_name_H-M   ? 
# 
_exptl.absorpt_coefficient_mu     ? 
_exptl.absorpt_correction_T_max   ? 
_exptl.absorpt_correction_T_min   ? 
_exptl.absorpt_correction_type    ? 
_exptl.absorpt_process_details    ? 
_exptl.entry_id                   8H7R 
_exptl.crystals_number            1 
_exptl.details                    ? 
_exptl.method                     'X-RAY DIFFRACTION' 
_exptl.method_details             ? 
# 
_exptl_crystal.colour                       ? 
_exptl_crystal.density_diffrn               ? 
_exptl_crystal.density_Matthews             2.50 
_exptl_crystal.density_method               ? 
_exptl_crystal.density_percent_sol          50.83 
_exptl_crystal.description                  ? 
_exptl_crystal.F_000                        ? 
_exptl_crystal.id                           1 
_exptl_crystal.preparation                  ? 
_exptl_crystal.size_max                     ? 
_exptl_crystal.size_mid                     ? 
_exptl_crystal.size_min                     ? 
_exptl_crystal.size_rad                     ? 
_exptl_crystal.colour_lustre                ? 
_exptl_crystal.colour_modifier              ? 
_exptl_crystal.colour_primary               ? 
_exptl_crystal.density_meas                 ? 
_exptl_crystal.density_meas_esd             ? 
_exptl_crystal.density_meas_gt              ? 
_exptl_crystal.density_meas_lt              ? 
_exptl_crystal.density_meas_temp            ? 
_exptl_crystal.density_meas_temp_esd        ? 
_exptl_crystal.density_meas_temp_gt         ? 
_exptl_crystal.density_meas_temp_lt         ? 
_exptl_crystal.pdbx_crystal_image_url       ? 
_exptl_crystal.pdbx_crystal_image_format    ? 
_exptl_crystal.pdbx_mosaicity               ? 
_exptl_crystal.pdbx_mosaicity_esd           ? 
_exptl_crystal.pdbx_mosaic_method           ? 
_exptl_crystal.pdbx_mosaic_block_size       ? 
_exptl_crystal.pdbx_mosaic_block_size_esd   ? 
# 
_exptl_crystal_grow.apparatus       ? 
_exptl_crystal_grow.atmosphere      ? 
_exptl_crystal_grow.crystal_id      1 
_exptl_crystal_grow.details         ? 
_exptl_crystal_grow.method          'VAPOR DIFFUSION, SITTING DROP' 
_exptl_crystal_grow.method_ref      ? 
_exptl_crystal_grow.pH              7.4 
_exptl_crystal_grow.pressure        ? 
_exptl_crystal_grow.pressure_esd    ? 
_exptl_crystal_grow.seeding         ? 
_exptl_crystal_grow.seeding_ref     ? 
_exptl_crystal_grow.temp            293.15 
_exptl_crystal_grow.temp_details    ? 
_exptl_crystal_grow.temp_esd        ? 
_exptl_crystal_grow.time            ? 
_exptl_crystal_grow.pdbx_details    '0.1 M citric acid, pH 3.5, 0.8 M ammonium sulfate' 
_exptl_crystal_grow.pdbx_pH_range   ? 
# 
_diffrn.ambient_environment              ? 
_diffrn.ambient_temp                     100 
_diffrn.ambient_temp_details             ? 
_diffrn.ambient_temp_esd                 ? 
_diffrn.crystal_id                       1 
_diffrn.crystal_support                  ? 
_diffrn.crystal_treatment                ? 
_diffrn.details                          ? 
_diffrn.id                               1 
_diffrn.ambient_pressure                 ? 
_diffrn.ambient_pressure_esd             ? 
_diffrn.ambient_pressure_gt              ? 
_diffrn.ambient_pressure_lt              ? 
_diffrn.ambient_temp_gt                  ? 
_diffrn.ambient_temp_lt                  ? 
_diffrn.pdbx_serial_crystal_experiment   N 
# 
_diffrn_detector.details                      ? 
_diffrn_detector.detector                     PIXEL 
_diffrn_detector.diffrn_id                    1 
_diffrn_detector.type                         'DECTRIS EIGER2 S 9M' 
_diffrn_detector.area_resol_mean              ? 
_diffrn_detector.dtime                        ? 
_diffrn_detector.pdbx_frames_total            ? 
_diffrn_detector.pdbx_collection_time_total   ? 
_diffrn_detector.pdbx_collection_date         2021-11-01 
_diffrn_detector.pdbx_frequency               ? 
# 
_diffrn_radiation.collimation                      ? 
_diffrn_radiation.diffrn_id                        1 
_diffrn_radiation.filter_edge                      ? 
_diffrn_radiation.inhomogeneity                    ? 
_diffrn_radiation.monochromator                    ? 
_diffrn_radiation.polarisn_norm                    ? 
_diffrn_radiation.polarisn_ratio                   ? 
_diffrn_radiation.probe                            ? 
_diffrn_radiation.type                             ? 
_diffrn_radiation.xray_symbol                      ? 
_diffrn_radiation.wavelength_id                    1 
_diffrn_radiation.pdbx_monochromatic_or_laue_m_l   M 
_diffrn_radiation.pdbx_wavelength_list             ? 
_diffrn_radiation.pdbx_wavelength                  ? 
_diffrn_radiation.pdbx_diffrn_protocol             'SINGLE WAVELENGTH' 
_diffrn_radiation.pdbx_analyzer                    ? 
_diffrn_radiation.pdbx_scattering_type             x-ray 
# 
_diffrn_radiation_wavelength.id           1 
_diffrn_radiation_wavelength.wavelength   0.979176 
_diffrn_radiation_wavelength.wt           1.0 
# 
_diffrn_source.current                     ? 
_diffrn_source.details                     ? 
_diffrn_source.diffrn_id                   1 
_diffrn_source.power                       ? 
_diffrn_source.size                        ? 
_diffrn_source.source                      SYNCHROTRON 
_diffrn_source.target                      ? 
_diffrn_source.type                        'SSRF BEAMLINE BL02U1' 
_diffrn_source.voltage                     ? 
_diffrn_source.take-off_angle              ? 
_diffrn_source.pdbx_wavelength_list        0.979176 
_diffrn_source.pdbx_wavelength             ? 
_diffrn_source.pdbx_synchrotron_beamline   BL02U1 
_diffrn_source.pdbx_synchrotron_site       SSRF 
# 
_reflns.B_iso_Wilson_estimate                          30.18 
_reflns.entry_id                                       8H7R 
_reflns.data_reduction_details                         ? 
_reflns.data_reduction_method                          ? 
_reflns.d_resolution_high                              2.00 
_reflns.d_resolution_low                               42.08 
_reflns.details                                        ? 
_reflns.limit_h_max                                    ? 
_reflns.limit_h_min                                    ? 
_reflns.limit_k_max                                    ? 
_reflns.limit_k_min                                    ? 
_reflns.limit_l_max                                    ? 
_reflns.limit_l_min                                    ? 
_reflns.number_all                                     ? 
_reflns.number_obs                                     9112 
_reflns.observed_criterion                             ? 
_reflns.observed_criterion_F_max                       ? 
_reflns.observed_criterion_F_min                       ? 
_reflns.observed_criterion_I_max                       ? 
_reflns.observed_criterion_I_min                       ? 
_reflns.observed_criterion_sigma_F                     ? 
_reflns.observed_criterion_sigma_I                     ? 
_reflns.percent_possible_obs                           99.8 
_reflns.R_free_details                                 ? 
_reflns.Rmerge_F_all                                   ? 
_reflns.Rmerge_F_obs                                   ? 
_reflns.Friedel_coverage                               ? 
_reflns.number_gt                                      ? 
_reflns.threshold_expression                           ? 
_reflns.pdbx_redundancy                                8.1 
_reflns.pdbx_Rmerge_I_obs                              0.096 
_reflns.pdbx_Rmerge_I_all                              ? 
_reflns.pdbx_Rsym_value                                ? 
_reflns.pdbx_netI_over_av_sigmaI                       ? 
_reflns.pdbx_netI_over_sigmaI                          12.4 
_reflns.pdbx_res_netI_over_av_sigmaI_2                 ? 
_reflns.pdbx_res_netI_over_sigmaI_2                    ? 
_reflns.pdbx_chi_squared                               ? 
_reflns.pdbx_scaling_rejects                           ? 
_reflns.pdbx_d_res_high_opt                            ? 
_reflns.pdbx_d_res_low_opt                             ? 
_reflns.pdbx_d_res_opt_method                          ? 
_reflns.phase_calculation_details                      ? 
_reflns.pdbx_Rrim_I_all                                ? 
_reflns.pdbx_Rpim_I_all                                ? 
_reflns.pdbx_d_opt                                     ? 
_reflns.pdbx_number_measured_all                       ? 
_reflns.pdbx_diffrn_id                                 1 
_reflns.pdbx_ordinal                                   1 
_reflns.pdbx_CC_half                                   0.998 
_reflns.pdbx_CC_star                                   ? 
_reflns.pdbx_R_split                                   ? 
_reflns.pdbx_aniso_diffraction_limit_axis_1_ortho[1]   ? 
_reflns.pdbx_aniso_diffraction_limit_axis_1_ortho[2]   ? 
_reflns.pdbx_aniso_diffraction_limit_axis_1_ortho[3]   ? 
_reflns.pdbx_aniso_diffraction_limit_axis_2_ortho[1]   ? 
_reflns.pdbx_aniso_diffraction_limit_axis_2_ortho[2]   ? 
_reflns.pdbx_aniso_diffraction_limit_axis_2_ortho[3]   ? 
_reflns.pdbx_aniso_diffraction_limit_axis_3_ortho[1]   ? 
_reflns.pdbx_aniso_diffraction_limit_axis_3_ortho[2]   ? 
_reflns.pdbx_aniso_diffraction_limit_axis_3_ortho[3]   ? 
_reflns.pdbx_aniso_diffraction_limit_1                 ? 
_reflns.pdbx_aniso_diffraction_limit_2                 ? 
_reflns.pdbx_aniso_diffraction_limit_3                 ? 
_reflns.pdbx_aniso_B_tensor_eigenvector_1_ortho[1]     ? 
_reflns.pdbx_aniso_B_tensor_eigenvector_1_ortho[2]     ? 
_reflns.pdbx_aniso_B_tensor_eigenvector_1_ortho[3]     ? 
_reflns.pdbx_aniso_B_tensor_eigenvector_2_ortho[1]     ? 
_reflns.pdbx_aniso_B_tensor_eigenvector_2_ortho[2]     ? 
_reflns.pdbx_aniso_B_tensor_eigenvector_2_ortho[3]     ? 
_reflns.pdbx_aniso_B_tensor_eigenvector_3_ortho[1]     ? 
_reflns.pdbx_aniso_B_tensor_eigenvector_3_ortho[2]     ? 
_reflns.pdbx_aniso_B_tensor_eigenvector_3_ortho[3]     ? 
_reflns.pdbx_aniso_B_tensor_eigenvalue_1               ? 
_reflns.pdbx_aniso_B_tensor_eigenvalue_2               ? 
_reflns.pdbx_aniso_B_tensor_eigenvalue_3               ? 
_reflns.pdbx_orthogonalization_convention              ? 
_reflns.pdbx_percent_possible_ellipsoidal              ? 
_reflns.pdbx_percent_possible_spherical                ? 
_reflns.pdbx_percent_possible_ellipsoidal_anomalous    ? 
_reflns.pdbx_percent_possible_spherical_anomalous      ? 
_reflns.pdbx_redundancy_anomalous                      ? 
_reflns.pdbx_CC_half_anomalous                         ? 
_reflns.pdbx_absDiff_over_sigma_anomalous              ? 
_reflns.pdbx_percent_possible_anomalous                ? 
_reflns.pdbx_observed_signal_threshold                 ? 
_reflns.pdbx_signal_type                               ? 
_reflns.pdbx_signal_details                            ? 
_reflns.pdbx_signal_software_id                        ? 
_reflns.pdbx_CC_split_method                           ? 
# 
_reflns_shell.d_res_high                                    2.00 
_reflns_shell.d_res_low                                     2.05 
_reflns_shell.meanI_over_sigI_all                           ? 
_reflns_shell.meanI_over_sigI_obs                           3.9 
_reflns_shell.number_measured_all                           ? 
_reflns_shell.number_measured_obs                           ? 
_reflns_shell.number_possible                               ? 
_reflns_shell.number_unique_all                             ? 
_reflns_shell.number_unique_obs                             664 
_reflns_shell.percent_possible_all                          99.1 
_reflns_shell.percent_possible_obs                          ? 
_reflns_shell.Rmerge_F_all                                  ? 
_reflns_shell.Rmerge_F_obs                                  ? 
_reflns_shell.Rmerge_I_all                                  ? 
_reflns_shell.Rmerge_I_obs                                  0.799 
_reflns_shell.meanI_over_sigI_gt                            ? 
_reflns_shell.meanI_over_uI_all                             ? 
_reflns_shell.meanI_over_uI_gt                              ? 
_reflns_shell.number_measured_gt                            ? 
_reflns_shell.number_unique_gt                              ? 
_reflns_shell.percent_possible_gt                           ? 
_reflns_shell.Rmerge_F_gt                                   ? 
_reflns_shell.Rmerge_I_gt                                   ? 
_reflns_shell.pdbx_redundancy                               7.9 
_reflns_shell.pdbx_Rsym_value                               ? 
_reflns_shell.pdbx_chi_squared                              ? 
_reflns_shell.pdbx_netI_over_sigmaI_all                     ? 
_reflns_shell.pdbx_netI_over_sigmaI_obs                     ? 
_reflns_shell.pdbx_Rrim_I_all                               ? 
_reflns_shell.pdbx_Rpim_I_all                               ? 
_reflns_shell.pdbx_rejects                                  ? 
_reflns_shell.pdbx_ordinal                                  1 
_reflns_shell.pdbx_diffrn_id                                1 
_reflns_shell.pdbx_CC_half                                  0.931 
_reflns_shell.pdbx_CC_star                                  ? 
_reflns_shell.pdbx_R_split                                  ? 
_reflns_shell.pdbx_percent_possible_ellipsoidal             ? 
_reflns_shell.pdbx_percent_possible_spherical               ? 
_reflns_shell.pdbx_percent_possible_ellipsoidal_anomalous   ? 
_reflns_shell.pdbx_percent_possible_spherical_anomalous     ? 
_reflns_shell.pdbx_redundancy_anomalous                     ? 
_reflns_shell.pdbx_CC_half_anomalous                        ? 
_reflns_shell.pdbx_absDiff_over_sigma_anomalous             ? 
_reflns_shell.pdbx_percent_possible_anomalous               ? 
# 
_refine.aniso_B[1][1]                            ? 
_refine.aniso_B[1][2]                            ? 
_refine.aniso_B[1][3]                            ? 
_refine.aniso_B[2][2]                            ? 
_refine.aniso_B[2][3]                            ? 
_refine.aniso_B[3][3]                            ? 
_refine.B_iso_max                                ? 
_refine.B_iso_mean                               32.76 
_refine.B_iso_min                                ? 
_refine.correlation_coeff_Fo_to_Fc               ? 
_refine.correlation_coeff_Fo_to_Fc_free          ? 
_refine.details                                  ? 
_refine.diff_density_max                         ? 
_refine.diff_density_max_esd                     ? 
_refine.diff_density_min                         ? 
_refine.diff_density_min_esd                     ? 
_refine.diff_density_rms                         ? 
_refine.diff_density_rms_esd                     ? 
_refine.entry_id                                 8H7R 
_refine.pdbx_refine_id                           'X-RAY DIFFRACTION' 
_refine.ls_abs_structure_details                 ? 
_refine.ls_abs_structure_Flack                   ? 
_refine.ls_abs_structure_Flack_esd               ? 
_refine.ls_abs_structure_Rogers                  ? 
_refine.ls_abs_structure_Rogers_esd              ? 
_refine.ls_d_res_high                            2.00 
_refine.ls_d_res_low                             29.53 
_refine.ls_extinction_coef                       ? 
_refine.ls_extinction_coef_esd                   ? 
_refine.ls_extinction_expression                 ? 
_refine.ls_extinction_method                     ? 
_refine.ls_goodness_of_fit_all                   ? 
_refine.ls_goodness_of_fit_all_esd               ? 
_refine.ls_goodness_of_fit_obs                   ? 
_refine.ls_goodness_of_fit_obs_esd               ? 
_refine.ls_hydrogen_treatment                    ? 
_refine.ls_matrix_type                           ? 
_refine.ls_number_constraints                    ? 
_refine.ls_number_parameters                     ? 
_refine.ls_number_reflns_all                     ? 
_refine.ls_number_reflns_obs                     9076 
_refine.ls_number_reflns_R_free                  434 
_refine.ls_number_reflns_R_work                  8642 
_refine.ls_number_restraints                     ? 
_refine.ls_percent_reflns_obs                    99.77 
_refine.ls_percent_reflns_R_free                 4.78 
_refine.ls_R_factor_all                          ? 
_refine.ls_R_factor_obs                          0.2261 
_refine.ls_R_factor_R_free                       0.2611 
_refine.ls_R_factor_R_free_error                 ? 
_refine.ls_R_factor_R_free_error_details         ? 
_refine.ls_R_factor_R_work                       0.2243 
_refine.ls_R_Fsqd_factor_obs                     ? 
_refine.ls_R_I_factor_obs                        ? 
_refine.ls_redundancy_reflns_all                 ? 
_refine.ls_redundancy_reflns_obs                 ? 
_refine.ls_restrained_S_all                      ? 
_refine.ls_restrained_S_obs                      ? 
_refine.ls_shift_over_esd_max                    ? 
_refine.ls_shift_over_esd_mean                   ? 
_refine.ls_structure_factor_coef                 ? 
_refine.ls_weighting_details                     ? 
_refine.ls_weighting_scheme                      ? 
_refine.ls_wR_factor_all                         ? 
_refine.ls_wR_factor_obs                         ? 
_refine.ls_wR_factor_R_free                      ? 
_refine.ls_wR_factor_R_work                      ? 
_refine.occupancy_max                            ? 
_refine.occupancy_min                            ? 
_refine.solvent_model_details                    'FLAT BULK SOLVENT MODEL' 
_refine.solvent_model_param_bsol                 ? 
_refine.solvent_model_param_ksol                 ? 
_refine.pdbx_R_complete                          ? 
_refine.ls_R_factor_gt                           ? 
_refine.ls_goodness_of_fit_gt                    ? 
_refine.ls_goodness_of_fit_ref                   ? 
_refine.ls_shift_over_su_max                     ? 
_refine.ls_shift_over_su_max_lt                  ? 
_refine.ls_shift_over_su_mean                    ? 
_refine.ls_shift_over_su_mean_lt                 ? 
_refine.pdbx_ls_sigma_I                          ? 
_refine.pdbx_ls_sigma_F                          1.35 
_refine.pdbx_ls_sigma_Fsqd                       ? 
_refine.pdbx_data_cutoff_high_absF               ? 
_refine.pdbx_data_cutoff_high_rms_absF           ? 
_refine.pdbx_data_cutoff_low_absF                ? 
_refine.pdbx_isotropic_thermal_model             ? 
_refine.pdbx_ls_cross_valid_method               'FREE R-VALUE' 
_refine.pdbx_method_to_determine_struct          'MOLECULAR REPLACEMENT' 
_refine.pdbx_starting_model                      'PDB entry 8H7I' 
_refine.pdbx_stereochemistry_target_values       'GeoStd + Monomer Library + CDL v1.2' 
_refine.pdbx_R_Free_selection_details            ? 
_refine.pdbx_stereochem_target_val_spec_case     ? 
_refine.pdbx_overall_ESU_R                       ? 
_refine.pdbx_overall_ESU_R_Free                  ? 
_refine.pdbx_solvent_vdw_probe_radii             1.1100 
_refine.pdbx_solvent_ion_probe_radii             ? 
_refine.pdbx_solvent_shrinkage_radii             0.9000 
_refine.pdbx_real_space_R                        ? 
_refine.pdbx_density_correlation                 ? 
_refine.pdbx_pd_number_of_powder_patterns        ? 
_refine.pdbx_pd_number_of_points                 ? 
_refine.pdbx_pd_meas_number_of_points            ? 
_refine.pdbx_pd_proc_ls_prof_R_factor            ? 
_refine.pdbx_pd_proc_ls_prof_wR_factor           ? 
_refine.pdbx_pd_Marquardt_correlation_coeff      ? 
_refine.pdbx_pd_Fsqrd_R_factor                   ? 
_refine.pdbx_pd_ls_matrix_band_width             ? 
_refine.pdbx_overall_phase_error                 29.5627 
_refine.pdbx_overall_SU_R_free_Cruickshank_DPI   ? 
_refine.pdbx_overall_SU_R_free_Blow_DPI          ? 
_refine.pdbx_overall_SU_R_Blow_DPI               ? 
_refine.pdbx_TLS_residual_ADP_flag               ? 
_refine.pdbx_diffrn_id                           1 
_refine.overall_SU_B                             ? 
_refine.overall_SU_ML                            0.1460 
_refine.overall_SU_R_Cruickshank_DPI             ? 
_refine.overall_SU_R_free                        ? 
_refine.overall_FOM_free_R_set                   ? 
_refine.overall_FOM_work_R_set                   ? 
_refine.pdbx_average_fsc_overall                 ? 
_refine.pdbx_average_fsc_work                    ? 
_refine.pdbx_average_fsc_free                    ? 
# 
_refine_hist.pdbx_refine_id                   'X-RAY DIFFRACTION' 
_refine_hist.cycle_id                         LAST 
_refine_hist.details                          ? 
_refine_hist.d_res_high                       2.00 
_refine_hist.d_res_low                        29.53 
_refine_hist.number_atoms_solvent             42 
_refine_hist.number_atoms_total               949 
_refine_hist.number_reflns_all                ? 
_refine_hist.number_reflns_obs                ? 
_refine_hist.number_reflns_R_free             ? 
_refine_hist.number_reflns_R_work             ? 
_refine_hist.R_factor_all                     ? 
_refine_hist.R_factor_obs                     ? 
_refine_hist.R_factor_R_free                  ? 
_refine_hist.R_factor_R_work                  ? 
_refine_hist.pdbx_number_residues_total       ? 
_refine_hist.pdbx_B_iso_mean_ligand           ? 
_refine_hist.pdbx_B_iso_mean_solvent          ? 
_refine_hist.pdbx_number_atoms_protein        885 
_refine_hist.pdbx_number_atoms_nucleic_acid   0 
_refine_hist.pdbx_number_atoms_ligand         22 
_refine_hist.pdbx_number_atoms_lipid          ? 
_refine_hist.pdbx_number_atoms_carb           ? 
_refine_hist.pdbx_pseudo_atom_details         ? 
# 
loop_
_refine_ls_restr.pdbx_refine_id 
_refine_ls_restr.criterion 
_refine_ls_restr.dev_ideal 
_refine_ls_restr.dev_ideal_target 
_refine_ls_restr.number 
_refine_ls_restr.rejects 
_refine_ls_restr.type 
_refine_ls_restr.weight 
_refine_ls_restr.pdbx_restraint_function 
'X-RAY DIFFRACTION' ? 0.0018  ? 928  ? f_bond_d           ? ? 
'X-RAY DIFFRACTION' ? 0.4503  ? 1262 ? f_angle_d          ? ? 
'X-RAY DIFFRACTION' ? 0.0394  ? 137  ? f_chiral_restr     ? ? 
'X-RAY DIFFRACTION' ? 0.0043  ? 162  ? f_plane_restr      ? ? 
'X-RAY DIFFRACTION' ? 12.1034 ? 341  ? f_dihedral_angle_d ? ? 
# 
loop_
_refine_ls_shell.pdbx_refine_id 
_refine_ls_shell.d_res_high 
_refine_ls_shell.d_res_low 
_refine_ls_shell.number_reflns_all 
_refine_ls_shell.number_reflns_obs 
_refine_ls_shell.number_reflns_R_free 
_refine_ls_shell.number_reflns_R_work 
_refine_ls_shell.percent_reflns_obs 
_refine_ls_shell.percent_reflns_R_free 
_refine_ls_shell.R_factor_all 
_refine_ls_shell.R_factor_obs 
_refine_ls_shell.R_factor_R_free 
_refine_ls_shell.R_factor_R_free_error 
_refine_ls_shell.R_factor_R_work 
_refine_ls_shell.redundancy_reflns_all 
_refine_ls_shell.redundancy_reflns_obs 
_refine_ls_shell.wR_factor_all 
_refine_ls_shell.wR_factor_obs 
_refine_ls_shell.wR_factor_R_free 
_refine_ls_shell.wR_factor_R_work 
_refine_ls_shell.pdbx_R_complete 
_refine_ls_shell.pdbx_total_number_of_bins_used 
_refine_ls_shell.pdbx_phase_error 
_refine_ls_shell.pdbx_fsc_work 
_refine_ls_shell.pdbx_fsc_free 
'X-RAY DIFFRACTION' 2.00 2.05  . . 145 2822 99.63 . . . 0.2665 . 0.2752 . . . . . . . . . . . 
'X-RAY DIFFRACTION' 2.29 2.88  . . 146 2852 99.77 . . . 0.2621 . 0.2612 . . . . . . . . . . . 
'X-RAY DIFFRACTION' 2.89 29.53 . . 143 2968 99.94 . . . 0.2595 . 0.2004 . . . . . . . . . . . 
# 
_struct.entry_id                     8H7R 
_struct.title                        'Structure of nanobody 11A in complex with coumaphos' 
_struct.pdbx_model_details           ? 
_struct.pdbx_formula_weight          ? 
_struct.pdbx_formula_weight_method   ? 
_struct.pdbx_model_type_details      ? 
_struct.pdbx_CASP_flag               N 
# 
_struct_keywords.entry_id        8H7R 
_struct_keywords.text            'nanobody, organophosphorus pesticide, IMMUNE SYSTEM' 
_struct_keywords.pdbx_keywords   'IMMUNE SYSTEM' 
# 
loop_
_struct_asym.id 
_struct_asym.pdbx_blank_PDB_chainid_flag 
_struct_asym.pdbx_modified 
_struct_asym.entity_id 
_struct_asym.details 
A N N 1 ? 
B N N 2 ? 
C N N 3 ? 
# 
_struct_ref.id                         1 
_struct_ref.db_name                    PDB 
_struct_ref.db_code                    8H7R 
_struct_ref.pdbx_db_accession          8H7R 
_struct_ref.pdbx_db_isoform            ? 
_struct_ref.entity_id                  1 
_struct_ref.pdbx_seq_one_letter_code   ? 
_struct_ref.pdbx_align_begin           1 
# 
_struct_ref_seq.align_id                      1 
_struct_ref_seq.ref_id                        1 
_struct_ref_seq.pdbx_PDB_id_code              8H7R 
_struct_ref_seq.pdbx_strand_id                A 
_struct_ref_seq.seq_align_beg                 1 
_struct_ref_seq.pdbx_seq_align_beg_ins_code   ? 
_struct_ref_seq.seq_align_end                 140 
_struct_ref_seq.pdbx_seq_align_end_ins_code   ? 
_struct_ref_seq.pdbx_db_accession             8H7R 
_struct_ref_seq.db_align_beg                  1 
_struct_ref_seq.pdbx_db_align_beg_ins_code    ? 
_struct_ref_seq.db_align_end                  140 
_struct_ref_seq.pdbx_db_align_end_ins_code    ? 
_struct_ref_seq.pdbx_auth_seq_align_beg       1 
_struct_ref_seq.pdbx_auth_seq_align_end       140 
# 
_pdbx_struct_assembly.id                   1 
_pdbx_struct_assembly.details              author_defined_assembly 
_pdbx_struct_assembly.method_details       ? 
_pdbx_struct_assembly.oligomeric_details   monomeric 
_pdbx_struct_assembly.oligomeric_count     1 
# 
_pdbx_struct_assembly_gen.assembly_id       1 
_pdbx_struct_assembly_gen.oper_expression   1 
_pdbx_struct_assembly_gen.asym_id_list      A,B,C 
# 
_pdbx_struct_assembly_auth_evidence.id                     1 
_pdbx_struct_assembly_auth_evidence.assembly_id            1 
_pdbx_struct_assembly_auth_evidence.experimental_support   'isothermal titration calorimetry' 
_pdbx_struct_assembly_auth_evidence.details                ? 
# 
_pdbx_struct_oper_list.id                   1 
_pdbx_struct_oper_list.type                 'identity operation' 
_pdbx_struct_oper_list.name                 1_555 
_pdbx_struct_oper_list.symmetry_operation   x,y,z 
_pdbx_struct_oper_list.matrix[1][1]         1.0000000000 
_pdbx_struct_oper_list.matrix[1][2]         0.0000000000 
_pdbx_struct_oper_list.matrix[1][3]         0.0000000000 
_pdbx_struct_oper_list.vector[1]            0.0000000000 
_pdbx_struct_oper_list.matrix[2][1]         0.0000000000 
_pdbx_struct_oper_list.matrix[2][2]         1.0000000000 
_pdbx_struct_oper_list.matrix[2][3]         0.0000000000 
_pdbx_struct_oper_list.vector[2]            0.0000000000 
_pdbx_struct_oper_list.matrix[3][1]         0.0000000000 
_pdbx_struct_oper_list.matrix[3][2]         0.0000000000 
_pdbx_struct_oper_list.matrix[3][3]         1.0000000000 
_pdbx_struct_oper_list.vector[3]            0.0000000000 
# 
_struct_conf.conf_type_id            HELX_P 
_struct_conf.id                      HELX_P1 
_struct_conf.pdbx_PDB_helix_id       AA1 
_struct_conf.beg_label_comp_id       LYS 
_struct_conf.beg_label_asym_id       A 
_struct_conf.beg_label_seq_id        86 
_struct_conf.pdbx_beg_PDB_ins_code   ? 
_struct_conf.end_label_comp_id       THR 
_struct_conf.end_label_asym_id       A 
_struct_conf.end_label_seq_id        90 
_struct_conf.pdbx_end_PDB_ins_code   ? 
_struct_conf.beg_auth_comp_id        LYS 
_struct_conf.beg_auth_asym_id        A 
_struct_conf.beg_auth_seq_id         86 
_struct_conf.end_auth_comp_id        THR 
_struct_conf.end_auth_asym_id        A 
_struct_conf.end_auth_seq_id         90 
_struct_conf.pdbx_PDB_helix_class    5 
_struct_conf.details                 ? 
_struct_conf.pdbx_PDB_helix_length   5 
# 
_struct_conf_type.id          HELX_P 
_struct_conf_type.criteria    ? 
_struct_conf_type.reference   ? 
# 
_struct_conn.id                            disulf1 
_struct_conn.conn_type_id                  disulf 
_struct_conn.pdbx_leaving_atom_flag        ? 
_struct_conn.pdbx_PDB_id                   ? 
_struct_conn.ptnr1_label_asym_id           A 
_struct_conn.ptnr1_label_comp_id           CYS 
_struct_conn.ptnr1_label_seq_id            22 
_struct_conn.ptnr1_label_atom_id           SG 
_struct_conn.pdbx_ptnr1_label_alt_id       ? 
_struct_conn.pdbx_ptnr1_PDB_ins_code       ? 
_struct_conn.pdbx_ptnr1_standard_comp_id   ? 
_struct_conn.ptnr1_symmetry                1_555 
_struct_conn.ptnr2_label_asym_id           A 
_struct_conn.ptnr2_label_comp_id           CYS 
_struct_conn.ptnr2_label_seq_id            95 
_struct_conn.ptnr2_label_atom_id           SG 
_struct_conn.pdbx_ptnr2_label_alt_id       ? 
_struct_conn.pdbx_ptnr2_PDB_ins_code       ? 
_struct_conn.ptnr1_auth_asym_id            A 
_struct_conn.ptnr1_auth_comp_id            CYS 
_struct_conn.ptnr1_auth_seq_id             22 
_struct_conn.ptnr2_auth_asym_id            A 
_struct_conn.ptnr2_auth_comp_id            CYS 
_struct_conn.ptnr2_auth_seq_id             95 
_struct_conn.ptnr2_symmetry                1_555 
_struct_conn.pdbx_ptnr3_label_atom_id      ? 
_struct_conn.pdbx_ptnr3_label_seq_id       ? 
_struct_conn.pdbx_ptnr3_label_comp_id      ? 
_struct_conn.pdbx_ptnr3_label_asym_id      ? 
_struct_conn.pdbx_ptnr3_label_alt_id       ? 
_struct_conn.pdbx_ptnr3_PDB_ins_code       ? 
_struct_conn.details                       ? 
_struct_conn.pdbx_dist_value               2.034 
_struct_conn.pdbx_value_order              ? 
_struct_conn.pdbx_role                     ? 
# 
_struct_conn_type.id          disulf 
_struct_conn_type.criteria    ? 
_struct_conn_type.reference   ? 
# 
_pdbx_modification_feature.ordinal                            1 
_pdbx_modification_feature.label_comp_id                      CYS 
_pdbx_modification_feature.label_asym_id                      A 
_pdbx_modification_feature.label_seq_id                       22 
_pdbx_modification_feature.label_alt_id                       ? 
_pdbx_modification_feature.modified_residue_label_comp_id     CYS 
_pdbx_modification_feature.modified_residue_label_asym_id     A 
_pdbx_modification_feature.modified_residue_label_seq_id      95 
_pdbx_modification_feature.modified_residue_label_alt_id      ? 
_pdbx_modification_feature.auth_comp_id                       CYS 
_pdbx_modification_feature.auth_asym_id                       A 
_pdbx_modification_feature.auth_seq_id                        22 
_pdbx_modification_feature.PDB_ins_code                       ? 
_pdbx_modification_feature.symmetry                           1_555 
_pdbx_modification_feature.modified_residue_auth_comp_id      CYS 
_pdbx_modification_feature.modified_residue_auth_asym_id      A 
_pdbx_modification_feature.modified_residue_auth_seq_id       95 
_pdbx_modification_feature.modified_residue_PDB_ins_code      ? 
_pdbx_modification_feature.modified_residue_symmetry          1_555 
_pdbx_modification_feature.comp_id_linking_atom               SG 
_pdbx_modification_feature.modified_residue_id_linking_atom   SG 
_pdbx_modification_feature.modified_residue_id                . 
_pdbx_modification_feature.ref_pcm_id                         . 
_pdbx_modification_feature.ref_comp_id                        . 
_pdbx_modification_feature.type                               None 
_pdbx_modification_feature.category                           'Disulfide bridge' 
# 
loop_
_struct_sheet.id 
_struct_sheet.type 
_struct_sheet.number_strands 
_struct_sheet.details 
AA1 ? 4 ? 
AA2 ? 6 ? 
AA3 ? 4 ? 
# 
loop_
_struct_sheet_order.sheet_id 
_struct_sheet_order.range_id_1 
_struct_sheet_order.range_id_2 
_struct_sheet_order.offset 
_struct_sheet_order.sense 
AA1 1 2 ? anti-parallel 
AA1 2 3 ? anti-parallel 
AA1 3 4 ? anti-parallel 
AA2 1 2 ? parallel      
AA2 2 3 ? anti-parallel 
AA2 3 4 ? anti-parallel 
AA2 4 5 ? anti-parallel 
AA2 5 6 ? anti-parallel 
AA3 1 2 ? parallel      
AA3 2 3 ? anti-parallel 
AA3 3 4 ? anti-parallel 
# 
loop_
_struct_sheet_range.sheet_id 
_struct_sheet_range.id 
_struct_sheet_range.beg_label_comp_id 
_struct_sheet_range.beg_label_asym_id 
_struct_sheet_range.beg_label_seq_id 
_struct_sheet_range.pdbx_beg_PDB_ins_code 
_struct_sheet_range.end_label_comp_id 
_struct_sheet_range.end_label_asym_id 
_struct_sheet_range.end_label_seq_id 
_struct_sheet_range.pdbx_end_PDB_ins_code 
_struct_sheet_range.beg_auth_comp_id 
_struct_sheet_range.beg_auth_asym_id 
_struct_sheet_range.beg_auth_seq_id 
_struct_sheet_range.end_auth_comp_id 
_struct_sheet_range.end_auth_asym_id 
_struct_sheet_range.end_auth_seq_id 
AA1 1 VAL A 2   ? SER A 7   ? VAL A 2   SER A 7   
AA1 2 LEU A 18  ? GLY A 26  ? LEU A 18  GLY A 26  
AA1 3 THR A 77  ? MET A 82  ? THR A 77  MET A 82  
AA1 4 PHE A 67  ? ASP A 72  ? PHE A 67  ASP A 72  
AA2 1 GLY A 10  ? VAL A 12  ? GLY A 10  VAL A 12  
AA2 2 THR A 111 ? VAL A 115 ? THR A 111 VAL A 115 
AA2 3 ALA A 91  ? PHE A 99  ? ALA A 91  PHE A 99  
AA2 4 ILE A 31  ? GLN A 39  ? ILE A 31  GLN A 39  
AA2 5 GLU A 46  ? THR A 52  ? GLU A 46  THR A 52  
AA2 6 THR A 57  ? TYR A 59  ? THR A 57  TYR A 59  
AA3 1 GLY A 10  ? VAL A 12  ? GLY A 10  VAL A 12  
AA3 2 THR A 111 ? VAL A 115 ? THR A 111 VAL A 115 
AA3 3 ALA A 91  ? PHE A 99  ? ALA A 91  PHE A 99  
AA3 4 ARG A 104 ? TRP A 107 ? ARG A 104 TRP A 107 
# 
loop_
_pdbx_struct_sheet_hbond.sheet_id 
_pdbx_struct_sheet_hbond.range_id_1 
_pdbx_struct_sheet_hbond.range_id_2 
_pdbx_struct_sheet_hbond.range_1_label_atom_id 
_pdbx_struct_sheet_hbond.range_1_label_comp_id 
_pdbx_struct_sheet_hbond.range_1_label_asym_id 
_pdbx_struct_sheet_hbond.range_1_label_seq_id 
_pdbx_struct_sheet_hbond.range_1_PDB_ins_code 
_pdbx_struct_sheet_hbond.range_1_auth_atom_id 
_pdbx_struct_sheet_hbond.range_1_auth_comp_id 
_pdbx_struct_sheet_hbond.range_1_auth_asym_id 
_pdbx_struct_sheet_hbond.range_1_auth_seq_id 
_pdbx_struct_sheet_hbond.range_2_label_atom_id 
_pdbx_struct_sheet_hbond.range_2_label_comp_id 
_pdbx_struct_sheet_hbond.range_2_label_asym_id 
_pdbx_struct_sheet_hbond.range_2_label_seq_id 
_pdbx_struct_sheet_hbond.range_2_PDB_ins_code 
_pdbx_struct_sheet_hbond.range_2_auth_atom_id 
_pdbx_struct_sheet_hbond.range_2_auth_comp_id 
_pdbx_struct_sheet_hbond.range_2_auth_asym_id 
_pdbx_struct_sheet_hbond.range_2_auth_seq_id 
AA1 1 2 N VAL A 5   ? N VAL A 5   O VAL A 23  ? O VAL A 23  
AA1 2 3 N LEU A 18  ? N LEU A 18  O MET A 82  ? O MET A 82  
AA1 3 4 O GLN A 81  ? O GLN A 81  N THR A 68  ? N THR A 68  
AA2 1 2 N GLY A 10  ? N GLY A 10  O GLN A 112 ? O GLN A 112 
AA2 2 3 O THR A 111 ? O THR A 111 N TYR A 93  ? N TYR A 93  
AA2 3 4 O ASP A 98  ? O ASP A 98  N ASN A 32  ? N ASN A 32  
AA2 4 5 N ARG A 38  ? N ARG A 38  O GLU A 46  ? O GLU A 46  
AA2 5 6 N ARG A 50  ? N ARG A 50  O SER A 58  ? O SER A 58  
AA3 1 2 N GLY A 10  ? N GLY A 10  O GLN A 112 ? O GLN A 112 
AA3 2 3 O THR A 111 ? O THR A 111 N TYR A 93  ? N TYR A 93  
AA3 3 4 N PHE A 99  ? N PHE A 99  O ARG A 104 ? O ARG A 104 
# 
_pdbx_entry_details.entry_id                   8H7R 
_pdbx_entry_details.has_ligand_of_interest     Y 
_pdbx_entry_details.compound_details           ? 
_pdbx_entry_details.source_details             ? 
_pdbx_entry_details.nonpolymer_details         ? 
_pdbx_entry_details.sequence_details           ? 
_pdbx_entry_details.has_protein_modification   Y 
# 
_pdbx_validate_torsion.id              1 
_pdbx_validate_torsion.PDB_model_num   1 
_pdbx_validate_torsion.auth_comp_id    LEU 
_pdbx_validate_torsion.auth_asym_id    A 
_pdbx_validate_torsion.auth_seq_id     48 
_pdbx_validate_torsion.PDB_ins_code    ? 
_pdbx_validate_torsion.label_alt_id    ? 
_pdbx_validate_torsion.phi             -121.49 
_pdbx_validate_torsion.psi             -58.94 
# 
loop_
_space_group_symop.id 
_space_group_symop.operation_xyz 
1 x,y,z          
2 -y,x-y,z+1/3   
3 -x+y,-x,z+2/3  
4 x-y,-y,-z+2/3  
5 -x,-x+y,-z+1/3 
6 y,x,-z         
# 
loop_
_pdbx_unobs_or_zero_occ_residues.id 
_pdbx_unobs_or_zero_occ_residues.PDB_model_num 
_pdbx_unobs_or_zero_occ_residues.polymer_flag 
_pdbx_unobs_or_zero_occ_residues.occupancy_flag 
_pdbx_unobs_or_zero_occ_residues.auth_asym_id 
_pdbx_unobs_or_zero_occ_residues.auth_comp_id 
_pdbx_unobs_or_zero_occ_residues.auth_seq_id 
_pdbx_unobs_or_zero_occ_residues.PDB_ins_code 
_pdbx_unobs_or_zero_occ_residues.label_asym_id 
_pdbx_unobs_or_zero_occ_residues.label_comp_id 
_pdbx_unobs_or_zero_occ_residues.label_seq_id 
1  1 Y 1 A GLN 119 ? A GLN 119 
2  1 Y 1 A ALA 120 ? A ALA 120 
3  1 Y 1 A GLY 121 ? A GLY 121 
4  1 Y 1 A GLN 122 ? A GLN 122 
5  1 Y 1 A HIS 123 ? A HIS 123 
6  1 Y 1 A HIS 124 ? A HIS 124 
7  1 Y 1 A HIS 125 ? A HIS 125 
8  1 Y 1 A HIS 126 ? A HIS 126 
9  1 Y 1 A HIS 127 ? A HIS 127 
10 1 Y 1 A HIS 128 ? A HIS 128 
11 1 Y 1 A GLY 129 ? A GLY 129 
12 1 Y 1 A ALA 130 ? A ALA 130 
13 1 Y 1 A TYR 131 ? A TYR 131 
14 1 Y 1 A PRO 132 ? A PRO 132 
15 1 Y 1 A TYR 133 ? A TYR 133 
16 1 Y 1 A ASP 134 ? A ASP 134 
17 1 Y 1 A VAL 135 ? A VAL 135 
18 1 Y 1 A PRO 136 ? A PRO 136 
19 1 Y 1 A ASP 137 ? A ASP 137 
20 1 Y 1 A TYR 138 ? A TYR 138 
21 1 Y 1 A ALA 139 ? A ALA 139 
22 1 Y 1 A SER 140 ? A SER 140 
# 
loop_
_chem_comp_atom.comp_id 
_chem_comp_atom.atom_id 
_chem_comp_atom.type_symbol 
_chem_comp_atom.pdbx_aromatic_flag 
_chem_comp_atom.pdbx_stereo_config 
_chem_comp_atom.pdbx_ordinal 
ALA N    N  N N 1   
ALA CA   C  N S 2   
ALA C    C  N N 3   
ALA O    O  N N 4   
ALA CB   C  N N 5   
ALA OXT  O  N N 6   
ALA H    H  N N 7   
ALA H2   H  N N 8   
ALA HA   H  N N 9   
ALA HB1  H  N N 10  
ALA HB2  H  N N 11  
ALA HB3  H  N N 12  
ALA HXT  H  N N 13  
ARG N    N  N N 14  
ARG CA   C  N S 15  
ARG C    C  N N 16  
ARG O    O  N N 17  
ARG CB   C  N N 18  
ARG CG   C  N N 19  
ARG CD   C  N N 20  
ARG NE   N  N N 21  
ARG CZ   C  N N 22  
ARG NH1  N  N N 23  
ARG NH2  N  N N 24  
ARG OXT  O  N N 25  
ARG H    H  N N 26  
ARG H2   H  N N 27  
ARG HA   H  N N 28  
ARG HB2  H  N N 29  
ARG HB3  H  N N 30  
ARG HG2  H  N N 31  
ARG HG3  H  N N 32  
ARG HD2  H  N N 33  
ARG HD3  H  N N 34  
ARG HE   H  N N 35  
ARG HH11 H  N N 36  
ARG HH12 H  N N 37  
ARG HH21 H  N N 38  
ARG HH22 H  N N 39  
ARG HXT  H  N N 40  
ASN N    N  N N 41  
ASN CA   C  N S 42  
ASN C    C  N N 43  
ASN O    O  N N 44  
ASN CB   C  N N 45  
ASN CG   C  N N 46  
ASN OD1  O  N N 47  
ASN ND2  N  N N 48  
ASN OXT  O  N N 49  
ASN H    H  N N 50  
ASN H2   H  N N 51  
ASN HA   H  N N 52  
ASN HB2  H  N N 53  
ASN HB3  H  N N 54  
ASN HD21 H  N N 55  
ASN HD22 H  N N 56  
ASN HXT  H  N N 57  
ASP N    N  N N 58  
ASP CA   C  N S 59  
ASP C    C  N N 60  
ASP O    O  N N 61  
ASP CB   C  N N 62  
ASP CG   C  N N 63  
ASP OD1  O  N N 64  
ASP OD2  O  N N 65  
ASP OXT  O  N N 66  
ASP H    H  N N 67  
ASP H2   H  N N 68  
ASP HA   H  N N 69  
ASP HB2  H  N N 70  
ASP HB3  H  N N 71  
ASP HD2  H  N N 72  
ASP HXT  H  N N 73  
CYS N    N  N N 74  
CYS CA   C  N R 75  
CYS C    C  N N 76  
CYS O    O  N N 77  
CYS CB   C  N N 78  
CYS SG   S  N N 79  
CYS OXT  O  N N 80  
CYS H    H  N N 81  
CYS H2   H  N N 82  
CYS HA   H  N N 83  
CYS HB2  H  N N 84  
CYS HB3  H  N N 85  
CYS HG   H  N N 86  
CYS HXT  H  N N 87  
GLN N    N  N N 88  
GLN CA   C  N S 89  
GLN C    C  N N 90  
GLN O    O  N N 91  
GLN CB   C  N N 92  
GLN CG   C  N N 93  
GLN CD   C  N N 94  
GLN OE1  O  N N 95  
GLN NE2  N  N N 96  
GLN OXT  O  N N 97  
GLN H    H  N N 98  
GLN H2   H  N N 99  
GLN HA   H  N N 100 
GLN HB2  H  N N 101 
GLN HB3  H  N N 102 
GLN HG2  H  N N 103 
GLN HG3  H  N N 104 
GLN HE21 H  N N 105 
GLN HE22 H  N N 106 
GLN HXT  H  N N 107 
GLU N    N  N N 108 
GLU CA   C  N S 109 
GLU C    C  N N 110 
GLU O    O  N N 111 
GLU CB   C  N N 112 
GLU CG   C  N N 113 
GLU CD   C  N N 114 
GLU OE1  O  N N 115 
GLU OE2  O  N N 116 
GLU OXT  O  N N 117 
GLU H    H  N N 118 
GLU H2   H  N N 119 
GLU HA   H  N N 120 
GLU HB2  H  N N 121 
GLU HB3  H  N N 122 
GLU HG2  H  N N 123 
GLU HG3  H  N N 124 
GLU HE2  H  N N 125 
GLU HXT  H  N N 126 
GLY N    N  N N 127 
GLY CA   C  N N 128 
GLY C    C  N N 129 
GLY O    O  N N 130 
GLY OXT  O  N N 131 
GLY H    H  N N 132 
GLY H2   H  N N 133 
GLY HA2  H  N N 134 
GLY HA3  H  N N 135 
GLY HXT  H  N N 136 
HIS N    N  N N 137 
HIS CA   C  N S 138 
HIS C    C  N N 139 
HIS O    O  N N 140 
HIS CB   C  N N 141 
HIS CG   C  Y N 142 
HIS ND1  N  Y N 143 
HIS CD2  C  Y N 144 
HIS CE1  C  Y N 145 
HIS NE2  N  Y N 146 
HIS OXT  O  N N 147 
HIS H    H  N N 148 
HIS H2   H  N N 149 
HIS HA   H  N N 150 
HIS HB2  H  N N 151 
HIS HB3  H  N N 152 
HIS HD1  H  N N 153 
HIS HD2  H  N N 154 
HIS HE1  H  N N 155 
HIS HE2  H  N N 156 
HIS HXT  H  N N 157 
HOH O    O  N N 158 
HOH H1   H  N N 159 
HOH H2   H  N N 160 
ILE N    N  N N 161 
ILE CA   C  N S 162 
ILE C    C  N N 163 
ILE O    O  N N 164 
ILE CB   C  N S 165 
ILE CG1  C  N N 166 
ILE CG2  C  N N 167 
ILE CD1  C  N N 168 
ILE OXT  O  N N 169 
ILE H    H  N N 170 
ILE H2   H  N N 171 
ILE HA   H  N N 172 
ILE HB   H  N N 173 
ILE HG12 H  N N 174 
ILE HG13 H  N N 175 
ILE HG21 H  N N 176 
ILE HG22 H  N N 177 
ILE HG23 H  N N 178 
ILE HD11 H  N N 179 
ILE HD12 H  N N 180 
ILE HD13 H  N N 181 
ILE HXT  H  N N 182 
LEU N    N  N N 183 
LEU CA   C  N S 184 
LEU C    C  N N 185 
LEU O    O  N N 186 
LEU CB   C  N N 187 
LEU CG   C  N N 188 
LEU CD1  C  N N 189 
LEU CD2  C  N N 190 
LEU OXT  O  N N 191 
LEU H    H  N N 192 
LEU H2   H  N N 193 
LEU HA   H  N N 194 
LEU HB2  H  N N 195 
LEU HB3  H  N N 196 
LEU HG   H  N N 197 
LEU HD11 H  N N 198 
LEU HD12 H  N N 199 
LEU HD13 H  N N 200 
LEU HD21 H  N N 201 
LEU HD22 H  N N 202 
LEU HD23 H  N N 203 
LEU HXT  H  N N 204 
LYS N    N  N N 205 
LYS CA   C  N S 206 
LYS C    C  N N 207 
LYS O    O  N N 208 
LYS CB   C  N N 209 
LYS CG   C  N N 210 
LYS CD   C  N N 211 
LYS CE   C  N N 212 
LYS NZ   N  N N 213 
LYS OXT  O  N N 214 
LYS H    H  N N 215 
LYS H2   H  N N 216 
LYS HA   H  N N 217 
LYS HB2  H  N N 218 
LYS HB3  H  N N 219 
LYS HG2  H  N N 220 
LYS HG3  H  N N 221 
LYS HD2  H  N N 222 
LYS HD3  H  N N 223 
LYS HE2  H  N N 224 
LYS HE3  H  N N 225 
LYS HZ1  H  N N 226 
LYS HZ2  H  N N 227 
LYS HZ3  H  N N 228 
LYS HXT  H  N N 229 
MET N    N  N N 230 
MET CA   C  N S 231 
MET C    C  N N 232 
MET O    O  N N 233 
MET CB   C  N N 234 
MET CG   C  N N 235 
MET SD   S  N N 236 
MET CE   C  N N 237 
MET OXT  O  N N 238 
MET H    H  N N 239 
MET H2   H  N N 240 
MET HA   H  N N 241 
MET HB2  H  N N 242 
MET HB3  H  N N 243 
MET HG2  H  N N 244 
MET HG3  H  N N 245 
MET HE1  H  N N 246 
MET HE2  H  N N 247 
MET HE3  H  N N 248 
MET HXT  H  N N 249 
PHE N    N  N N 250 
PHE CA   C  N S 251 
PHE C    C  N N 252 
PHE O    O  N N 253 
PHE CB   C  N N 254 
PHE CG   C  Y N 255 
PHE CD1  C  Y N 256 
PHE CD2  C  Y N 257 
PHE CE1  C  Y N 258 
PHE CE2  C  Y N 259 
PHE CZ   C  Y N 260 
PHE OXT  O  N N 261 
PHE H    H  N N 262 
PHE H2   H  N N 263 
PHE HA   H  N N 264 
PHE HB2  H  N N 265 
PHE HB3  H  N N 266 
PHE HD1  H  N N 267 
PHE HD2  H  N N 268 
PHE HE1  H  N N 269 
PHE HE2  H  N N 270 
PHE HZ   H  N N 271 
PHE HXT  H  N N 272 
PRO N    N  N N 273 
PRO CA   C  N S 274 
PRO C    C  N N 275 
PRO O    O  N N 276 
PRO CB   C  N N 277 
PRO CG   C  N N 278 
PRO CD   C  N N 279 
PRO OXT  O  N N 280 
PRO H    H  N N 281 
PRO HA   H  N N 282 
PRO HB2  H  N N 283 
PRO HB3  H  N N 284 
PRO HG2  H  N N 285 
PRO HG3  H  N N 286 
PRO HD2  H  N N 287 
PRO HD3  H  N N 288 
PRO HXT  H  N N 289 
SER N    N  N N 290 
SER CA   C  N S 291 
SER C    C  N N 292 
SER O    O  N N 293 
SER CB   C  N N 294 
SER OG   O  N N 295 
SER OXT  O  N N 296 
SER H    H  N N 297 
SER H2   H  N N 298 
SER HA   H  N N 299 
SER HB2  H  N N 300 
SER HB3  H  N N 301 
SER HG   H  N N 302 
SER HXT  H  N N 303 
THR N    N  N N 304 
THR CA   C  N S 305 
THR C    C  N N 306 
THR O    O  N N 307 
THR CB   C  N R 308 
THR OG1  O  N N 309 
THR CG2  C  N N 310 
THR OXT  O  N N 311 
THR H    H  N N 312 
THR H2   H  N N 313 
THR HA   H  N N 314 
THR HB   H  N N 315 
THR HG1  H  N N 316 
THR HG21 H  N N 317 
THR HG22 H  N N 318 
THR HG23 H  N N 319 
THR HXT  H  N N 320 
TRP N    N  N N 321 
TRP CA   C  N S 322 
TRP C    C  N N 323 
TRP O    O  N N 324 
TRP CB   C  N N 325 
TRP CG   C  Y N 326 
TRP CD1  C  Y N 327 
TRP CD2  C  Y N 328 
TRP NE1  N  Y N 329 
TRP CE2  C  Y N 330 
TRP CE3  C  Y N 331 
TRP CZ2  C  Y N 332 
TRP CZ3  C  Y N 333 
TRP CH2  C  Y N 334 
TRP OXT  O  N N 335 
TRP H    H  N N 336 
TRP H2   H  N N 337 
TRP HA   H  N N 338 
TRP HB2  H  N N 339 
TRP HB3  H  N N 340 
TRP HD1  H  N N 341 
TRP HE1  H  N N 342 
TRP HE3  H  N N 343 
TRP HZ2  H  N N 344 
TRP HZ3  H  N N 345 
TRP HH2  H  N N 346 
TRP HXT  H  N N 347 
TYR N    N  N N 348 
TYR CA   C  N S 349 
TYR C    C  N N 350 
TYR O    O  N N 351 
TYR CB   C  N N 352 
TYR CG   C  Y N 353 
TYR CD1  C  Y N 354 
TYR CD2  C  Y N 355 
TYR CE1  C  Y N 356 
TYR CE2  C  Y N 357 
TYR CZ   C  Y N 358 
TYR OH   O  N N 359 
TYR OXT  O  N N 360 
TYR H    H  N N 361 
TYR H2   H  N N 362 
TYR HA   H  N N 363 
TYR HB2  H  N N 364 
TYR HB3  H  N N 365 
TYR HD1  H  N N 366 
TYR HD2  H  N N 367 
TYR HE1  H  N N 368 
TYR HE2  H  N N 369 
TYR HH   H  N N 370 
TYR HXT  H  N N 371 
VAL N    N  N N 372 
VAL CA   C  N S 373 
VAL C    C  N N 374 
VAL O    O  N N 375 
VAL CB   C  N N 376 
VAL CG1  C  N N 377 
VAL CG2  C  N N 378 
VAL OXT  O  N N 379 
VAL H    H  N N 380 
VAL H2   H  N N 381 
VAL HA   H  N N 382 
VAL HB   H  N N 383 
VAL HG11 H  N N 384 
VAL HG12 H  N N 385 
VAL HG13 H  N N 386 
VAL HG21 H  N N 387 
VAL HG22 H  N N 388 
VAL HG23 H  N N 389 
VAL HXT  H  N N 390 
WZ0 C4   C  N N 391 
WZ0 C5   C  Y N 392 
WZ0 C6   C  Y N 393 
WZ0 C7   C  Y N 394 
WZ0 C8   C  Y N 395 
WZ0 C10  C  Y N 396 
WZ0 C13  C  N N 397 
WZ0 C1   C  N N 398 
WZ0 C11  C  N N 399 
WZ0 C12  C  N N 400 
WZ0 C14  C  N N 401 
WZ0 C2   C  N N 402 
WZ0 C3   C  N N 403 
WZ0 C9   C  Y N 404 
WZ0 O1   O  N N 405 
WZ0 O2   O  N N 406 
WZ0 O3   O  N N 407 
WZ0 O4   O  N N 408 
WZ0 O5   O  N N 409 
WZ0 P1   P  N N 410 
WZ0 S1   S  N N 411 
WZ0 CL1  CL N N 412 
WZ0 H1   H  N N 413 
WZ0 H2   H  N N 414 
WZ0 H3   H  N N 415 
WZ0 H4   H  N N 416 
WZ0 H5   H  N N 417 
WZ0 H6   H  N N 418 
WZ0 H7   H  N N 419 
WZ0 H8   H  N N 420 
WZ0 H9   H  N N 421 
WZ0 H10  H  N N 422 
WZ0 H11  H  N N 423 
WZ0 H12  H  N N 424 
WZ0 H13  H  N N 425 
WZ0 H14  H  N N 426 
WZ0 H15  H  N N 427 
WZ0 H16  H  N N 428 
# 
loop_
_chem_comp_bond.comp_id 
_chem_comp_bond.atom_id_1 
_chem_comp_bond.atom_id_2 
_chem_comp_bond.value_order 
_chem_comp_bond.pdbx_aromatic_flag 
_chem_comp_bond.pdbx_stereo_config 
_chem_comp_bond.pdbx_ordinal 
ALA N   CA   sing N N 1   
ALA N   H    sing N N 2   
ALA N   H2   sing N N 3   
ALA CA  C    sing N N 4   
ALA CA  CB   sing N N 5   
ALA CA  HA   sing N N 6   
ALA C   O    doub N N 7   
ALA C   OXT  sing N N 8   
ALA CB  HB1  sing N N 9   
ALA CB  HB2  sing N N 10  
ALA CB  HB3  sing N N 11  
ALA OXT HXT  sing N N 12  
ARG N   CA   sing N N 13  
ARG N   H    sing N N 14  
ARG N   H2   sing N N 15  
ARG CA  C    sing N N 16  
ARG CA  CB   sing N N 17  
ARG CA  HA   sing N N 18  
ARG C   O    doub N N 19  
ARG C   OXT  sing N N 20  
ARG CB  CG   sing N N 21  
ARG CB  HB2  sing N N 22  
ARG CB  HB3  sing N N 23  
ARG CG  CD   sing N N 24  
ARG CG  HG2  sing N N 25  
ARG CG  HG3  sing N N 26  
ARG CD  NE   sing N N 27  
ARG CD  HD2  sing N N 28  
ARG CD  HD3  sing N N 29  
ARG NE  CZ   sing N N 30  
ARG NE  HE   sing N N 31  
ARG CZ  NH1  sing N N 32  
ARG CZ  NH2  doub N N 33  
ARG NH1 HH11 sing N N 34  
ARG NH1 HH12 sing N N 35  
ARG NH2 HH21 sing N N 36  
ARG NH2 HH22 sing N N 37  
ARG OXT HXT  sing N N 38  
ASN N   CA   sing N N 39  
ASN N   H    sing N N 40  
ASN N   H2   sing N N 41  
ASN CA  C    sing N N 42  
ASN CA  CB   sing N N 43  
ASN CA  HA   sing N N 44  
ASN C   O    doub N N 45  
ASN C   OXT  sing N N 46  
ASN CB  CG   sing N N 47  
ASN CB  HB2  sing N N 48  
ASN CB  HB3  sing N N 49  
ASN CG  OD1  doub N N 50  
ASN CG  ND2  sing N N 51  
ASN ND2 HD21 sing N N 52  
ASN ND2 HD22 sing N N 53  
ASN OXT HXT  sing N N 54  
ASP N   CA   sing N N 55  
ASP N   H    sing N N 56  
ASP N   H2   sing N N 57  
ASP CA  C    sing N N 58  
ASP CA  CB   sing N N 59  
ASP CA  HA   sing N N 60  
ASP C   O    doub N N 61  
ASP C   OXT  sing N N 62  
ASP CB  CG   sing N N 63  
ASP CB  HB2  sing N N 64  
ASP CB  HB3  sing N N 65  
ASP CG  OD1  doub N N 66  
ASP CG  OD2  sing N N 67  
ASP OD2 HD2  sing N N 68  
ASP OXT HXT  sing N N 69  
CYS N   CA   sing N N 70  
CYS N   H    sing N N 71  
CYS N   H2   sing N N 72  
CYS CA  C    sing N N 73  
CYS CA  CB   sing N N 74  
CYS CA  HA   sing N N 75  
CYS C   O    doub N N 76  
CYS C   OXT  sing N N 77  
CYS CB  SG   sing N N 78  
CYS CB  HB2  sing N N 79  
CYS CB  HB3  sing N N 80  
CYS SG  HG   sing N N 81  
CYS OXT HXT  sing N N 82  
GLN N   CA   sing N N 83  
GLN N   H    sing N N 84  
GLN N   H2   sing N N 85  
GLN CA  C    sing N N 86  
GLN CA  CB   sing N N 87  
GLN CA  HA   sing N N 88  
GLN C   O    doub N N 89  
GLN C   OXT  sing N N 90  
GLN CB  CG   sing N N 91  
GLN CB  HB2  sing N N 92  
GLN CB  HB3  sing N N 93  
GLN CG  CD   sing N N 94  
GLN CG  HG2  sing N N 95  
GLN CG  HG3  sing N N 96  
GLN CD  OE1  doub N N 97  
GLN CD  NE2  sing N N 98  
GLN NE2 HE21 sing N N 99  
GLN NE2 HE22 sing N N 100 
GLN OXT HXT  sing N N 101 
GLU N   CA   sing N N 102 
GLU N   H    sing N N 103 
GLU N   H2   sing N N 104 
GLU CA  C    sing N N 105 
GLU CA  CB   sing N N 106 
GLU CA  HA   sing N N 107 
GLU C   O    doub N N 108 
GLU C   OXT  sing N N 109 
GLU CB  CG   sing N N 110 
GLU CB  HB2  sing N N 111 
GLU CB  HB3  sing N N 112 
GLU CG  CD   sing N N 113 
GLU CG  HG2  sing N N 114 
GLU CG  HG3  sing N N 115 
GLU CD  OE1  doub N N 116 
GLU CD  OE2  sing N N 117 
GLU OE2 HE2  sing N N 118 
GLU OXT HXT  sing N N 119 
GLY N   CA   sing N N 120 
GLY N   H    sing N N 121 
GLY N   H2   sing N N 122 
GLY CA  C    sing N N 123 
GLY CA  HA2  sing N N 124 
GLY CA  HA3  sing N N 125 
GLY C   O    doub N N 126 
GLY C   OXT  sing N N 127 
GLY OXT HXT  sing N N 128 
HIS N   CA   sing N N 129 
HIS N   H    sing N N 130 
HIS N   H2   sing N N 131 
HIS CA  C    sing N N 132 
HIS CA  CB   sing N N 133 
HIS CA  HA   sing N N 134 
HIS C   O    doub N N 135 
HIS C   OXT  sing N N 136 
HIS CB  CG   sing N N 137 
HIS CB  HB2  sing N N 138 
HIS CB  HB3  sing N N 139 
HIS CG  ND1  sing Y N 140 
HIS CG  CD2  doub Y N 141 
HIS ND1 CE1  doub Y N 142 
HIS ND1 HD1  sing N N 143 
HIS CD2 NE2  sing Y N 144 
HIS CD2 HD2  sing N N 145 
HIS CE1 NE2  sing Y N 146 
HIS CE1 HE1  sing N N 147 
HIS NE2 HE2  sing N N 148 
HIS OXT HXT  sing N N 149 
HOH O   H1   sing N N 150 
HOH O   H2   sing N N 151 
ILE N   CA   sing N N 152 
ILE N   H    sing N N 153 
ILE N   H2   sing N N 154 
ILE CA  C    sing N N 155 
ILE CA  CB   sing N N 156 
ILE CA  HA   sing N N 157 
ILE C   O    doub N N 158 
ILE C   OXT  sing N N 159 
ILE CB  CG1  sing N N 160 
ILE CB  CG2  sing N N 161 
ILE CB  HB   sing N N 162 
ILE CG1 CD1  sing N N 163 
ILE CG1 HG12 sing N N 164 
ILE CG1 HG13 sing N N 165 
ILE CG2 HG21 sing N N 166 
ILE CG2 HG22 sing N N 167 
ILE CG2 HG23 sing N N 168 
ILE CD1 HD11 sing N N 169 
ILE CD1 HD12 sing N N 170 
ILE CD1 HD13 sing N N 171 
ILE OXT HXT  sing N N 172 
LEU N   CA   sing N N 173 
LEU N   H    sing N N 174 
LEU N   H2   sing N N 175 
LEU CA  C    sing N N 176 
LEU CA  CB   sing N N 177 
LEU CA  HA   sing N N 178 
LEU C   O    doub N N 179 
LEU C   OXT  sing N N 180 
LEU CB  CG   sing N N 181 
LEU CB  HB2  sing N N 182 
LEU CB  HB3  sing N N 183 
LEU CG  CD1  sing N N 184 
LEU CG  CD2  sing N N 185 
LEU CG  HG   sing N N 186 
LEU CD1 HD11 sing N N 187 
LEU CD1 HD12 sing N N 188 
LEU CD1 HD13 sing N N 189 
LEU CD2 HD21 sing N N 190 
LEU CD2 HD22 sing N N 191 
LEU CD2 HD23 sing N N 192 
LEU OXT HXT  sing N N 193 
LYS N   CA   sing N N 194 
LYS N   H    sing N N 195 
LYS N   H2   sing N N 196 
LYS CA  C    sing N N 197 
LYS CA  CB   sing N N 198 
LYS CA  HA   sing N N 199 
LYS C   O    doub N N 200 
LYS C   OXT  sing N N 201 
LYS CB  CG   sing N N 202 
LYS CB  HB2  sing N N 203 
LYS CB  HB3  sing N N 204 
LYS CG  CD   sing N N 205 
LYS CG  HG2  sing N N 206 
LYS CG  HG3  sing N N 207 
LYS CD  CE   sing N N 208 
LYS CD  HD2  sing N N 209 
LYS CD  HD3  sing N N 210 
LYS CE  NZ   sing N N 211 
LYS CE  HE2  sing N N 212 
LYS CE  HE3  sing N N 213 
LYS NZ  HZ1  sing N N 214 
LYS NZ  HZ2  sing N N 215 
LYS NZ  HZ3  sing N N 216 
LYS OXT HXT  sing N N 217 
MET N   CA   sing N N 218 
MET N   H    sing N N 219 
MET N   H2   sing N N 220 
MET CA  C    sing N N 221 
MET CA  CB   sing N N 222 
MET CA  HA   sing N N 223 
MET C   O    doub N N 224 
MET C   OXT  sing N N 225 
MET CB  CG   sing N N 226 
MET CB  HB2  sing N N 227 
MET CB  HB3  sing N N 228 
MET CG  SD   sing N N 229 
MET CG  HG2  sing N N 230 
MET CG  HG3  sing N N 231 
MET SD  CE   sing N N 232 
MET CE  HE1  sing N N 233 
MET CE  HE2  sing N N 234 
MET CE  HE3  sing N N 235 
MET OXT HXT  sing N N 236 
PHE N   CA   sing N N 237 
PHE N   H    sing N N 238 
PHE N   H2   sing N N 239 
PHE CA  C    sing N N 240 
PHE CA  CB   sing N N 241 
PHE CA  HA   sing N N 242 
PHE C   O    doub N N 243 
PHE C   OXT  sing N N 244 
PHE CB  CG   sing N N 245 
PHE CB  HB2  sing N N 246 
PHE CB  HB3  sing N N 247 
PHE CG  CD1  doub Y N 248 
PHE CG  CD2  sing Y N 249 
PHE CD1 CE1  sing Y N 250 
PHE CD1 HD1  sing N N 251 
PHE CD2 CE2  doub Y N 252 
PHE CD2 HD2  sing N N 253 
PHE CE1 CZ   doub Y N 254 
PHE CE1 HE1  sing N N 255 
PHE CE2 CZ   sing Y N 256 
PHE CE2 HE2  sing N N 257 
PHE CZ  HZ   sing N N 258 
PHE OXT HXT  sing N N 259 
PRO N   CA   sing N N 260 
PRO N   CD   sing N N 261 
PRO N   H    sing N N 262 
PRO CA  C    sing N N 263 
PRO CA  CB   sing N N 264 
PRO CA  HA   sing N N 265 
PRO C   O    doub N N 266 
PRO C   OXT  sing N N 267 
PRO CB  CG   sing N N 268 
PRO CB  HB2  sing N N 269 
PRO CB  HB3  sing N N 270 
PRO CG  CD   sing N N 271 
PRO CG  HG2  sing N N 272 
PRO CG  HG3  sing N N 273 
PRO CD  HD2  sing N N 274 
PRO CD  HD3  sing N N 275 
PRO OXT HXT  sing N N 276 
SER N   CA   sing N N 277 
SER N   H    sing N N 278 
SER N   H2   sing N N 279 
SER CA  C    sing N N 280 
SER CA  CB   sing N N 281 
SER CA  HA   sing N N 282 
SER C   O    doub N N 283 
SER C   OXT  sing N N 284 
SER CB  OG   sing N N 285 
SER CB  HB2  sing N N 286 
SER CB  HB3  sing N N 287 
SER OG  HG   sing N N 288 
SER OXT HXT  sing N N 289 
THR N   CA   sing N N 290 
THR N   H    sing N N 291 
THR N   H2   sing N N 292 
THR CA  C    sing N N 293 
THR CA  CB   sing N N 294 
THR CA  HA   sing N N 295 
THR C   O    doub N N 296 
THR C   OXT  sing N N 297 
THR CB  OG1  sing N N 298 
THR CB  CG2  sing N N 299 
THR CB  HB   sing N N 300 
THR OG1 HG1  sing N N 301 
THR CG2 HG21 sing N N 302 
THR CG2 HG22 sing N N 303 
THR CG2 HG23 sing N N 304 
THR OXT HXT  sing N N 305 
TRP N   CA   sing N N 306 
TRP N   H    sing N N 307 
TRP N   H2   sing N N 308 
TRP CA  C    sing N N 309 
TRP CA  CB   sing N N 310 
TRP CA  HA   sing N N 311 
TRP C   O    doub N N 312 
TRP C   OXT  sing N N 313 
TRP CB  CG   sing N N 314 
TRP CB  HB2  sing N N 315 
TRP CB  HB3  sing N N 316 
TRP CG  CD1  doub Y N 317 
TRP CG  CD2  sing Y N 318 
TRP CD1 NE1  sing Y N 319 
TRP CD1 HD1  sing N N 320 
TRP CD2 CE2  doub Y N 321 
TRP CD2 CE3  sing Y N 322 
TRP NE1 CE2  sing Y N 323 
TRP NE1 HE1  sing N N 324 
TRP CE2 CZ2  sing Y N 325 
TRP CE3 CZ3  doub Y N 326 
TRP CE3 HE3  sing N N 327 
TRP CZ2 CH2  doub Y N 328 
TRP CZ2 HZ2  sing N N 329 
TRP CZ3 CH2  sing Y N 330 
TRP CZ3 HZ3  sing N N 331 
TRP CH2 HH2  sing N N 332 
TRP OXT HXT  sing N N 333 
TYR N   CA   sing N N 334 
TYR N   H    sing N N 335 
TYR N   H2   sing N N 336 
TYR CA  C    sing N N 337 
TYR CA  CB   sing N N 338 
TYR CA  HA   sing N N 339 
TYR C   O    doub N N 340 
TYR C   OXT  sing N N 341 
TYR CB  CG   sing N N 342 
TYR CB  HB2  sing N N 343 
TYR CB  HB3  sing N N 344 
TYR CG  CD1  doub Y N 345 
TYR CG  CD2  sing Y N 346 
TYR CD1 CE1  sing Y N 347 
TYR CD1 HD1  sing N N 348 
TYR CD2 CE2  doub Y N 349 
TYR CD2 HD2  sing N N 350 
TYR CE1 CZ   doub Y N 351 
TYR CE1 HE1  sing N N 352 
TYR CE2 CZ   sing Y N 353 
TYR CE2 HE2  sing N N 354 
TYR CZ  OH   sing N N 355 
TYR OH  HH   sing N N 356 
TYR OXT HXT  sing N N 357 
VAL N   CA   sing N N 358 
VAL N   H    sing N N 359 
VAL N   H2   sing N N 360 
VAL CA  C    sing N N 361 
VAL CA  CB   sing N N 362 
VAL CA  HA   sing N N 363 
VAL C   O    doub N N 364 
VAL C   OXT  sing N N 365 
VAL CB  CG1  sing N N 366 
VAL CB  CG2  sing N N 367 
VAL CB  HB   sing N N 368 
VAL CG1 HG11 sing N N 369 
VAL CG1 HG12 sing N N 370 
VAL CG1 HG13 sing N N 371 
VAL CG2 HG21 sing N N 372 
VAL CG2 HG22 sing N N 373 
VAL CG2 HG23 sing N N 374 
VAL OXT HXT  sing N N 375 
WZ0 C14 C11  sing N N 376 
WZ0 C9  C10  doub Y N 377 
WZ0 C9  C8   sing Y N 378 
WZ0 C11 C8   sing N N 379 
WZ0 C11 C12  doub N N 380 
WZ0 CL1 C12  sing N N 381 
WZ0 C10 C5   sing Y N 382 
WZ0 C8  C7   doub Y N 383 
WZ0 C12 C13  sing N N 384 
WZ0 S1  P1   doub N N 385 
WZ0 C5  O3   sing N N 386 
WZ0 C5  C6   doub Y N 387 
WZ0 C7  C6   sing Y N 388 
WZ0 C7  O5   sing N N 389 
WZ0 C13 O5   sing N N 390 
WZ0 C13 O4   doub N N 391 
WZ0 O3  P1   sing N N 392 
WZ0 P1  O1   sing N N 393 
WZ0 P1  O2   sing N N 394 
WZ0 C2  O1   sing N N 395 
WZ0 C2  C1   sing N N 396 
WZ0 O2  C3   sing N N 397 
WZ0 C3  C4   sing N N 398 
WZ0 C4  H1   sing N N 399 
WZ0 C4  H2   sing N N 400 
WZ0 C4  H3   sing N N 401 
WZ0 C6  H4   sing N N 402 
WZ0 C10 H5   sing N N 403 
WZ0 C1  H6   sing N N 404 
WZ0 C1  H7   sing N N 405 
WZ0 C1  H8   sing N N 406 
WZ0 C14 H9   sing N N 407 
WZ0 C14 H10  sing N N 408 
WZ0 C14 H11  sing N N 409 
WZ0 C2  H12  sing N N 410 
WZ0 C2  H13  sing N N 411 
WZ0 C3  H14  sing N N 412 
WZ0 C3  H15  sing N N 413 
WZ0 C9  H16  sing N N 414 
# 
_pdbx_audit_support.funding_organization   'Ministry of Science and Technology (MoST, China)' 
_pdbx_audit_support.country                China 
_pdbx_audit_support.grant_number           2019YFE0116600 
_pdbx_audit_support.ordinal                1 
# 
_space_group.name_H-M_alt     'P 31 2 1' 
_space_group.name_Hall        
;P 31 2"
;
_space_group.IT_number        152 
_space_group.crystal_system   trigonal 
_space_group.id               1 
# 
_atom_sites.entry_id                    8H7R 
_atom_sites.Cartn_transf_matrix[1][1]   ? 
_atom_sites.Cartn_transf_matrix[1][2]   ? 
_atom_sites.Cartn_transf_matrix[1][3]   ? 
_atom_sites.Cartn_transf_matrix[2][1]   ? 
_atom_sites.Cartn_transf_matrix[2][2]   ? 
_atom_sites.Cartn_transf_matrix[2][3]   ? 
_atom_sites.Cartn_transf_matrix[3][1]   ? 
_atom_sites.Cartn_transf_matrix[3][2]   ? 
_atom_sites.Cartn_transf_matrix[3][3]   ? 
_atom_sites.Cartn_transf_vector[1]      ? 
_atom_sites.Cartn_transf_vector[2]      ? 
_atom_sites.Cartn_transf_vector[3]      ? 
_atom_sites.fract_transf_matrix[1][1]   -0.00231745 
_atom_sites.fract_transf_matrix[1][2]   -0.00638050 
_atom_sites.fract_transf_matrix[1][3]   -0.01192210 
_atom_sites.fract_transf_matrix[2][1]   0.00973513 
_atom_sites.fract_transf_matrix[2][2]   -0.00022918 
_atom_sites.fract_transf_matrix[2][3]   -0.00966363 
_atom_sites.fract_transf_matrix[3][1]   0.01119236 
_atom_sites.fract_transf_matrix[3][2]   -0.02629844 
_atom_sites.fract_transf_matrix[3][3]   0.01189887 
_atom_sites.fract_transf_vector[1]      0.293071 
_atom_sites.fract_transf_vector[2]      -0.176694 
_atom_sites.fract_transf_vector[3]      -0.051087 
_atom_sites.solution_primary            ? 
_atom_sites.solution_secondary          ? 
_atom_sites.solution_hydrogens          ? 
_atom_sites.special_details             ? 
# 
loop_
_atom_type.symbol 
_atom_type.scat_dispersion_real 
_atom_type.scat_dispersion_imag 
_atom_type.scat_Cromer_Mann_a1 
_atom_type.scat_Cromer_Mann_a2 
_atom_type.scat_Cromer_Mann_a3 
_atom_type.scat_Cromer_Mann_a4 
_atom_type.scat_Cromer_Mann_b1 
_atom_type.scat_Cromer_Mann_b2 
_atom_type.scat_Cromer_Mann_b3 
_atom_type.scat_Cromer_Mann_b4 
_atom_type.scat_Cromer_Mann_c 
_atom_type.scat_source 
_atom_type.scat_dispersion_source 
C  ? ? 3.54356 2.42580 ? ? 25.62398 1.50364  ? ? 0.0 
;2-Gaussian fit: Grosse-Kunstleve RW, Sauter NK, Adams PD: Newsletter of the IUCr Commission on Crystallographic Computing 2004, 3, 22-31.
;
? 
CL ? ? 9.50761 7.44341 ? ? 1.04373  23.83732 ? ? 0.0 
;2-Gaussian fit: Grosse-Kunstleve RW, Sauter NK, Adams PD: Newsletter of the IUCr Commission on Crystallographic Computing 2004, 3, 22-31.
;
? 
N  ? ? 4.01032 2.96436 ? ? 19.97189 1.75589  ? ? 0.0 
;2-Gaussian fit: Grosse-Kunstleve RW, Sauter NK, Adams PD: Newsletter of the IUCr Commission on Crystallographic Computing 2004, 3, 22-31.
;
? 
O  ? ? 4.49882 3.47563 ? ? 15.80542 1.70748  ? ? 0.0 
;2-Gaussian fit: Grosse-Kunstleve RW, Sauter NK, Adams PD: Newsletter of the IUCr Commission on Crystallographic Computing 2004, 3, 22-31.
;
? 
P  ? ? 9.51135 5.44231 ? ? 1.42069  35.72801 ? ? 0.0 
;2-Gaussian fit: Grosse-Kunstleve RW, Sauter NK, Adams PD: Newsletter of the IUCr Commission on Crystallographic Computing 2004, 3, 22-31.
;
? 
S  ? ? 9.55732 6.39887 ? ? 1.23737  29.19336 ? ? 0.0 
;2-Gaussian fit: Grosse-Kunstleve RW, Sauter NK, Adams PD: Newsletter of the IUCr Commission on Crystallographic Computing 2004, 3, 22-31.
;
? 
# 
loop_
_atom_site.group_PDB 
_atom_site.id 
_atom_site.type_symbol 
_atom_site.label_atom_id 
_atom_site.label_alt_id 
_atom_site.label_comp_id 
_atom_site.label_asym_id 
_atom_site.label_entity_id 
_atom_site.label_seq_id 
_atom_site.pdbx_PDB_ins_code 
_atom_site.Cartn_x 
_atom_site.Cartn_y 
_atom_site.Cartn_z 
_atom_site.occupancy 
_atom_site.B_iso_or_equiv 
_atom_site.pdbx_formal_charge 
_atom_site.auth_seq_id 
_atom_site.auth_comp_id 
_atom_site.auth_asym_id 
_atom_site.auth_atom_id 
_atom_site.pdbx_PDB_model_num 
ATOM   1   N  N   . GLU A 1 1   ? 0.15137   11.19454  17.02228  1.000 44.07180 ? 1   GLU A N   1 
ATOM   2   C  CA  . GLU A 1 1   ? -0.89203  10.31039  16.51515  1.000 43.08381 ? 1   GLU A CA  1 
ATOM   3   C  C   . GLU A 1 1   ? -1.05531  10.45642  15.00545  1.000 41.61530 ? 1   GLU A C   1 
ATOM   4   O  O   . GLU A 1 1   ? -1.12528  11.56855  14.48156  1.000 40.91754 ? 1   GLU A O   1 
ATOM   5   C  CB  . GLU A 1 1   ? -2.22055  10.59126  17.22037  1.000 43.73668 ? 1   GLU A CB  1 
ATOM   6   C  CG  . GLU A 1 1   ? -3.40432  9.78620   16.69588  1.000 43.97844 ? 1   GLU A CG  1 
ATOM   7   C  CD  . GLU A 1 1   ? -3.45124  8.36303   17.22797  1.000 46.12800 ? 1   GLU A CD  1 
ATOM   8   O  OE1 . GLU A 1 1   ? -2.38242  7.78415   17.51519  1.000 46.27609 ? 1   GLU A OE1 1 
ATOM   9   O  OE2 . GLU A 1 1   ? -4.56866  7.82124   17.36281  1.000 50.42978 ? 1   GLU A OE2 1 
ATOM   10  N  N   . VAL A 1 2   ? -1.11747  9.32182   14.31247  1.000 40.80693 ? 2   VAL A N   1 
ATOM   11  C  CA  . VAL A 1 2   ? -1.21183  9.28178   12.85885  1.000 39.06750 ? 2   VAL A CA  1 
ATOM   12  C  C   . VAL A 1 2   ? -2.37422  8.38092   12.46646  1.000 38.25840 ? 2   VAL A C   1 
ATOM   13  O  O   . VAL A 1 2   ? -2.54376  7.29153   13.02511  1.000 39.11409 ? 2   VAL A O   1 
ATOM   14  C  CB  . VAL A 1 2   ? 0.10332   8.78389   12.22003  1.000 38.25520 ? 2   VAL A CB  1 
ATOM   15  C  CG1 . VAL A 1 2   ? -0.06023  8.60352   10.71557  1.000 37.02814 ? 2   VAL A CG1 1 
ATOM   16  C  CG2 . VAL A 1 2   ? 1.24111   9.74787   12.52227  1.000 38.92051 ? 2   VAL A CG2 1 
ATOM   17  N  N   . GLN A 1 3   ? -3.17976  8.84056   11.51171  1.000 37.87504 ? 3   GLN A N   1 
ATOM   18  C  CA  . GLN A 1 3   ? -4.25609  8.04691   10.93972  1.000 35.78041 ? 3   GLN A CA  1 
ATOM   19  C  C   . GLN A 1 3   ? -4.02262  7.88122   9.44373   1.000 34.16972 ? 3   GLN A C   1 
ATOM   20  O  O   . GLN A 1 3   ? -3.48944  8.77570   8.77967   1.000 34.12802 ? 3   GLN A O   1 
ATOM   21  C  CB  . GLN A 1 3   ? -5.62907  8.68868   11.18461  1.000 36.75343 ? 3   GLN A CB  1 
ATOM   22  C  CG  . GLN A 1 3   ? -5.89538  9.07655   12.63234  1.000 39.24817 ? 3   GLN A CG  1 
ATOM   23  C  CD  . GLN A 1 3   ? -5.45799  10.49582  12.94781  1.000 43.87418 ? 3   GLN A CD  1 
ATOM   24  O  OE1 . GLN A 1 3   ? -5.26706  11.31337  12.04735  1.000 43.59391 ? 3   GLN A OE1 1 
ATOM   25  N  NE2 . GLN A 1 3   ? -5.29932  10.79540  14.23140  1.000 43.16311 ? 3   GLN A NE2 1 
ATOM   26  N  N   . LEU A 1 4   ? -4.42547  6.72626   8.91841   1.000 32.36425 ? 4   LEU A N   1 
ATOM   27  C  CA  . LEU A 1 4   ? -4.25255  6.39117   7.51124   1.000 30.29892 ? 4   LEU A CA  1 
ATOM   28  C  C   . LEU A 1 4   ? -5.60274  6.04841   6.90120   1.000 30.60378 ? 4   LEU A C   1 
ATOM   29  O  O   . LEU A 1 4   ? -6.35475  5.24534   7.46237   1.000 29.15021 ? 4   LEU A O   1 
ATOM   30  C  CB  . LEU A 1 4   ? -3.28613  5.21650   7.34097   1.000 29.54136 ? 4   LEU A CB  1 
ATOM   31  C  CG  . LEU A 1 4   ? -1.90361  5.38806   7.96969   1.000 29.11486 ? 4   LEU A CG  1 
ATOM   32  C  CD1 . LEU A 1 4   ? -1.04378  4.16221   7.71193   1.000 28.23656 ? 4   LEU A CD1 1 
ATOM   33  C  CD2 . LEU A 1 4   ? -1.23283  6.64324   7.43804   1.000 30.41527 ? 4   LEU A CD2 1 
ATOM   34  N  N   . VAL A 1 5   ? -5.90265  6.65081   5.75349   1.000 29.84545 ? 5   VAL A N   1 
ATOM   35  C  CA  . VAL A 1 5   ? -7.14171  6.40368   5.02398   1.000 29.65375 ? 5   VAL A CA  1 
ATOM   36  C  C   . VAL A 1 5   ? -6.77545  5.92419   3.62672   1.000 29.78381 ? 5   VAL A C   1 
ATOM   37  O  O   . VAL A 1 5   ? -6.03137  6.60237   2.90725   1.000 29.50865 ? 5   VAL A O   1 
ATOM   38  C  CB  . VAL A 1 5   ? -8.02845  7.65666   4.95784   1.000 29.58372 ? 5   VAL A CB  1 
ATOM   39  C  CG1 . VAL A 1 5   ? -9.30537  7.36241   4.18418   1.000 29.23190 ? 5   VAL A CG1 1 
ATOM   40  C  CG2 . VAL A 1 5   ? -8.34487  8.15556   6.35930   1.000 29.61918 ? 5   VAL A CG2 1 
ATOM   41  N  N   . GLU A 1 6   ? -7.30050  4.76699   3.24167   1.000 30.02172 ? 6   GLU A N   1 
ATOM   42  C  CA  . GLU A 1 6   ? -6.99532  4.16380   1.95417   1.000 29.28287 ? 6   GLU A CA  1 
ATOM   43  C  C   . GLU A 1 6   ? -8.14398  4.35793   0.97278   1.000 29.46723 ? 6   GLU A C   1 
ATOM   44  O  O   . GLU A 1 6   ? -9.28148  4.64616   1.35389   1.000 30.63258 ? 6   GLU A O   1 
ATOM   45  C  CB  . GLU A 1 6   ? -6.70463  2.67151   2.11002   1.000 27.85162 ? 6   GLU A CB  1 
ATOM   46  C  CG  . GLU A 1 6   ? -5.71829  2.34542   3.20759   1.000 27.71642 ? 6   GLU A CG  1 
ATOM   47  C  CD  . GLU A 1 6   ? -5.39641  0.87086   3.26093   1.000 26.81332 ? 6   GLU A CD  1 
ATOM   48  O  OE1 . GLU A 1 6   ? -5.50844  0.20775   2.20865   1.000 26.96083 ? 6   GLU A OE1 1 
ATOM   49  O  OE2 . GLU A 1 6   ? -5.04047  0.37499   4.34941   1.000 26.89966 ? 6   GLU A OE2 1 
ATOM   50  N  N   . SER A 1 7   ? -7.82707  4.17835   -0.30676  1.000 29.55891 ? 7   SER A N   1 
ATOM   51  C  CA  . SER A 1 7   ? -8.80653  4.25833   -1.38215  1.000 30.57052 ? 7   SER A CA  1 
ATOM   52  C  C   . SER A 1 7   ? -8.16683  3.72128   -2.65296  1.000 30.27923 ? 7   SER A C   1 
ATOM   53  O  O   . SER A 1 7   ? -6.93975  3.64978   -2.76611  1.000 29.51795 ? 7   SER A O   1 
ATOM   54  C  CB  . SER A 1 7   ? -9.29754  5.69366   -1.59571  1.000 30.95317 ? 7   SER A CB  1 
ATOM   55  O  OG  . SER A 1 7   ? -8.21790  6.55150   -1.92087  1.000 31.01917 ? 7   SER A OG  1 
ATOM   56  N  N   . GLY A 1 8   ? -9.01554  3.33931   -3.60685  1.000 30.92604 ? 8   GLY A N   1 
ATOM   57  C  CA  . GLY A 1 8   ? -8.56382  2.94090   -4.92612  1.000 30.41950 ? 8   GLY A CA  1 
ATOM   58  C  C   . GLY A 1 8   ? -8.74437  1.47830   -5.27233  1.000 30.10488 ? 8   GLY A C   1 
ATOM   59  O  O   . GLY A 1 8   ? -8.32291  1.06618   -6.35975  1.000 30.41079 ? 8   GLY A O   1 
ATOM   60  N  N   . GLY A 1 9   ? -9.35222  0.67897   -4.40156  1.000 29.89577 ? 9   GLY A N   1 
ATOM   61  C  CA  . GLY A 1 9   ? -9.52850  -0.73147  -4.68591  1.000 29.17516 ? 9   GLY A CA  1 
ATOM   62  C  C   . GLY A 1 9   ? -10.61073 -1.00551  -5.70941  1.000 29.48799 ? 9   GLY A C   1 
ATOM   63  O  O   . GLY A 1 9   ? -10.88417 -0.17198  -6.57963  1.000 32.08665 ? 9   GLY A O   1 
ATOM   64  N  N   . GLY A 1 10  ? -11.22762 -2.18028  -5.62171  1.000 27.56233 ? 10  GLY A N   1 
ATOM   65  C  CA  . GLY A 1 10  ? -12.33448 -2.50962  -6.49581  1.000 27.32701 ? 10  GLY A CA  1 
ATOM   66  C  C   . GLY A 1 10  ? -12.08207 -3.69864  -7.39715  1.000 26.69492 ? 10  GLY A C   1 
ATOM   67  O  O   . GLY A 1 10  ? -11.23109 -4.54553  -7.10908  1.000 26.73139 ? 10  GLY A O   1 
ATOM   68  N  N   . LEU A 1 11  ? -12.82423 -3.76665  -8.49643  1.000 26.29104 ? 11  LEU A N   1 
ATOM   69  C  CA  . LEU A 1 11  ? -12.74170 -4.86697  -9.44459  1.000 26.14459 ? 11  LEU A CA  1 
ATOM   70  C  C   . LEU A 1 11  ? -11.87749 -4.46972  -10.63306 1.000 25.54591 ? 11  LEU A C   1 
ATOM   71  O  O   . LEU A 1 11  ? -11.92336 -3.32482  -11.09332 1.000 26.17618 ? 11  LEU A O   1 
ATOM   72  C  CB  . LEU A 1 11  ? -14.13640 -5.27024  -9.92943  1.000 25.84976 ? 11  LEU A CB  1 
ATOM   73  C  CG  . LEU A 1 11  ? -14.85303 -6.41108  -9.20441  1.000 26.09053 ? 11  LEU A CG  1 
ATOM   74  C  CD1 . LEU A 1 11  ? -14.12299 -7.72132  -9.44421  1.000 26.55021 ? 11  LEU A CD1 1 
ATOM   75  C  CD2 . LEU A 1 11  ? -14.99021 -6.13050  -7.71530  1.000 26.20597 ? 11  LEU A CD2 1 
ATOM   76  N  N   . VAL A 1 12  ? -11.09588 -5.42346  -11.12990 1.000 25.34556 ? 12  VAL A N   1 
ATOM   77  C  CA  . VAL A 1 12  ? -10.22482 -5.19415  -12.27680 1.000 26.14573 ? 12  VAL A CA  1 
ATOM   78  C  C   . VAL A 1 12  ? -10.02082 -6.52556  -12.98652 1.000 26.24148 ? 12  VAL A C   1 
ATOM   79  O  O   . VAL A 1 12  ? -9.99228  -7.58382  -12.35173 1.000 25.76042 ? 12  VAL A O   1 
ATOM   80  C  CB  . VAL A 1 12  ? -8.88612  -4.55182  -11.84336 1.000 25.11150 ? 12  VAL A CB  1 
ATOM   81  C  CG1 . VAL A 1 12  ? -8.14581  -5.44780  -10.85781 1.000 25.19457 ? 12  VAL A CG1 1 
ATOM   82  C  CG2 . VAL A 1 12  ? -8.01775  -4.22900  -13.05097 1.000 26.20953 ? 12  VAL A CG2 1 
ATOM   83  N  N   . GLN A 1 13  ? -9.90825  -6.47327  -14.31195 1.000 26.63639 ? 13  GLN A N   1 
ATOM   84  C  CA  . GLN A 1 13  ? -9.70033  -7.67922  -15.09298 1.000 27.45315 ? 13  GLN A CA  1 
ATOM   85  C  C   . GLN A 1 13  ? -8.24785  -8.13878  -14.98350 1.000 27.70980 ? 13  GLN A C   1 
ATOM   86  O  O   . GLN A 1 13  ? -7.35225  -7.33761  -14.70109 1.000 25.66711 ? 13  GLN A O   1 
ATOM   87  C  CB  . GLN A 1 13  ? -10.05819 -7.43421  -16.55670 1.000 28.39884 ? 13  GLN A CB  1 
ATOM   88  C  CG  . GLN A 1 13  ? -9.07788  -6.53835  -17.31163 1.000 28.66492 ? 13  GLN A CG  1 
ATOM   89  C  CD  . GLN A 1 13  ? -9.18800  -5.07197  -16.92373 1.000 28.55859 ? 13  GLN A CD  1 
ATOM   90  O  OE1 . GLN A 1 13  ? -10.10478 -4.67297  -16.20423 1.000 28.71233 ? 13  GLN A OE1 1 
ATOM   91  N  NE2 . GLN A 1 13  ? -8.25039  -4.26220  -17.40209 1.000 29.78682 ? 13  GLN A NE2 1 
ATOM   92  N  N   . PRO A 1 14  ? -7.99051  -9.43054  -15.18481 1.000 27.94047 ? 14  PRO A N   1 
ATOM   93  C  CA  . PRO A 1 14  ? -6.60078  -9.90281  -15.20177 1.000 27.06609 ? 14  PRO A CA  1 
ATOM   94  C  C   . PRO A 1 14  ? -5.79037  -9.16950  -16.26040 1.000 27.05993 ? 14  PRO A C   1 
ATOM   95  O  O   . PRO A 1 14  ? -6.22430  -9.01419  -17.40379 1.000 28.17661 ? 14  PRO A O   1 
ATOM   96  C  CB  . PRO A 1 14  ? -6.73968  -11.39551 -15.51546 1.000 27.32455 ? 14  PRO A CB  1 
ATOM   97  C  CG  . PRO A 1 14  ? -8.09713  -11.75255 -15.00220 1.000 28.15682 ? 14  PRO A CG  1 
ATOM   98  C  CD  . PRO A 1 14  ? -8.95115  -10.54476 -15.28152 1.000 28.18147 ? 14  PRO A CD  1 
ATOM   99  N  N   . GLY A 1 15  ? -4.60699  -8.70394  -15.86226 1.000 26.80202 ? 15  GLY A N   1 
ATOM   100 C  CA  . GLY A 1 15  ? -3.77988  -7.88143  -16.71476 1.000 26.23171 ? 15  GLY A CA  1 
ATOM   101 C  C   . GLY A 1 15  ? -4.02183  -6.39324  -16.58822 1.000 26.78693 ? 15  GLY A C   1 
ATOM   102 O  O   . GLY A 1 15  ? -3.21862  -5.60559  -17.10560 1.000 26.34594 ? 15  GLY A O   1 
ATOM   103 N  N   . GLY A 1 16  ? -5.09805  -5.98287  -15.91684 1.000 25.87842 ? 16  GLY A N   1 
ATOM   104 C  CA  . GLY A 1 16  ? -5.39308  -4.58049  -15.72646 1.000 26.84634 ? 16  GLY A CA  1 
ATOM   105 C  C   . GLY A 1 16  ? -4.58808  -3.96578  -14.59844 1.000 27.20359 ? 16  GLY A C   1 
ATOM   106 O  O   . GLY A 1 16  ? -3.76928  -4.61008  -13.94220 1.000 25.76223 ? 16  GLY A O   1 
ATOM   107 N  N   . SER A 1 17  ? -4.83917  -2.67976  -14.36818 1.000 26.68226 ? 17  SER A N   1 
ATOM   108 C  CA  . SER A 1 17  ? -4.07983  -1.91129  -13.39662 1.000 26.98099 ? 17  SER A CA  1 
ATOM   109 C  C   . SER A 1 17  ? -5.01359  -1.19164  -12.43538 1.000 26.73299 ? 17  SER A C   1 
ATOM   110 O  O   . SER A 1 17  ? -6.14964  -0.85098  -12.77594 1.000 26.01235 ? 17  SER A O   1 
ATOM   111 C  CB  . SER A 1 17  ? -3.16491  -0.88763  -14.08059 1.000 26.57397 ? 17  SER A CB  1 
ATOM   112 O  OG  . SER A 1 17  ? -3.92481  0.12770   -14.71085 1.000 27.14936 ? 17  SER A OG  1 
ATOM   113 N  N   . LEU A 1 18  ? -4.51214  -0.96836  -11.22407 1.000 26.42099 ? 18  LEU A N   1 
ATOM   114 C  CA  . LEU A 1 18  ? -5.18196  -0.15964  -10.21916 1.000 27.24393 ? 18  LEU A CA  1 
ATOM   115 C  C   . LEU A 1 18  ? -4.12816  0.62886   -9.45910  1.000 27.79536 ? 18  LEU A C   1 
ATOM   116 O  O   . LEU A 1 18  ? -2.97889  0.19675   -9.33789  1.000 27.04564 ? 18  LEU A O   1 
ATOM   117 C  CB  . LEU A 1 18  ? -5.99766  -1.01331  -9.23511  1.000 27.07766 ? 18  LEU A CB  1 
ATOM   118 C  CG  . LEU A 1 18  ? -7.29260  -1.67364  -9.71023  1.000 26.45270 ? 18  LEU A CG  1 
ATOM   119 C  CD1 . LEU A 1 18  ? -7.91927  -2.47458  -8.57700  1.000 26.37174 ? 18  LEU A CD1 1 
ATOM   120 C  CD2 . LEU A 1 18  ? -8.26903  -0.63160  -10.23030 1.000 26.49765 ? 18  LEU A CD2 1 
ATOM   121 N  N   . ARG A 1 19  ? -4.52263  1.79167   -8.95093  1.000 27.81928 ? 19  ARG A N   1 
ATOM   122 C  CA  . ARG A 1 19  ? -3.66362  2.58693   -8.08669  1.000 28.92401 ? 19  ARG A CA  1 
ATOM   123 C  C   . ARG A 1 19  ? -4.35144  2.77836   -6.74463  1.000 28.68824 ? 19  ARG A C   1 
ATOM   124 O  O   . ARG A 1 19  ? -5.49537  3.24300   -6.68774  1.000 28.86623 ? 19  ARG A O   1 
ATOM   125 C  CB  . ARG A 1 19  ? -3.33043  3.94606   -8.70329  1.000 30.11673 ? 19  ARG A CB  1 
ATOM   126 C  CG  . ARG A 1 19  ? -2.18379  4.64715   -7.98985  1.000 30.74518 ? 19  ARG A CG  1 
ATOM   127 C  CD  . ARG A 1 19  ? -1.97161  6.06310   -8.48823  1.000 33.58602 ? 19  ARG A CD  1 
ATOM   128 N  NE  . ARG A 1 19  ? -3.03580  6.95704   -8.04992  1.000 36.03652 ? 19  ARG A NE  1 
ATOM   129 C  CZ  . ARG A 1 19  ? -2.96040  8.28017   -8.08369  1.000 38.57580 ? 19  ARG A CZ  1 
ATOM   130 N  NH1 . ARG A 1 19  ? -1.87809  8.89919   -8.52787  1.000 39.10835 ? 19  ARG A NH1 1 
ATOM   131 N  NH2 . ARG A 1 19  ? -3.99359  9.00014   -7.65464  1.000 47.10372 ? 19  ARG A NH2 1 
ATOM   132 N  N   . LEU A 1 20  ? -3.65474  2.41590   -5.67324  1.000 27.43574 ? 20  LEU A N   1 
ATOM   133 C  CA  . LEU A 1 20  ? -4.14486  2.59800   -4.31648  1.000 27.87522 ? 20  LEU A CA  1 
ATOM   134 C  C   . LEU A 1 20  ? -3.47932  3.81724   -3.69584  1.000 28.72945 ? 20  LEU A C   1 
ATOM   135 O  O   . LEU A 1 20  ? -2.30018  4.08659   -3.94228  1.000 26.81976 ? 20  LEU A O   1 
ATOM   136 C  CB  . LEU A 1 20  ? -3.86297  1.36152   -3.46280  1.000 26.76799 ? 20  LEU A CB  1 
ATOM   137 C  CG  . LEU A 1 20  ? -4.21236  0.01293   -4.08882  1.000 26.27128 ? 20  LEU A CG  1 
ATOM   138 C  CD1 . LEU A 1 20  ? -3.80743  -1.11430  -3.15748  1.000 24.66079 ? 20  LEU A CD1 1 
ATOM   139 C  CD2 . LEU A 1 20  ? -5.69428  -0.06140  -4.41434  1.000 26.65518 ? 20  LEU A CD2 1 
ATOM   140 N  N   . SER A 1 21  ? -4.24215  4.55327   -2.89551  1.000 28.65129 ? 21  SER A N   1 
ATOM   141 C  CA  . SER A 1 21  ? -3.74122  5.71756   -2.18486  1.000 28.77964 ? 21  SER A CA  1 
ATOM   142 C  C   . SER A 1 21  ? -3.80602  5.46773   -0.68504  1.000 29.17474 ? 21  SER A C   1 
ATOM   143 O  O   . SER A 1 21  ? -4.71612  4.79674   -0.19114  1.000 28.84477 ? 21  SER A O   1 
ATOM   144 C  CB  . SER A 1 21  ? -4.54234  6.97705   -2.54138  1.000 29.66726 ? 21  SER A CB  1 
ATOM   145 O  OG  . SER A 1 21  ? -4.41252  7.29224   -3.91660  1.000 31.84295 ? 21  SER A OG  1 
ATOM   146 N  N   . CYS A 1 22  ? -2.82323  6.00706   0.03351   1.000 28.02738 ? 22  CYS A N   1 
ATOM   147 C  CA  . CYS A 1 22  ? -2.74942  5.90842   1.49068   1.000 29.25776 ? 22  CYS A CA  1 
ATOM   148 C  C   . CYS A 1 22  ? -2.53512  7.31946   2.02581   1.000 30.23889 ? 22  CYS A C   1 
ATOM   149 O  O   . CYS A 1 22  ? -1.40150  7.80583   2.06424   1.000 30.50319 ? 22  CYS A O   1 
ATOM   150 C  CB  . CYS A 1 22  ? -1.62845  4.96944   1.92373   1.000 28.77944 ? 22  CYS A CB  1 
ATOM   151 S  SG  . CYS A 1 22  ? -1.43619  4.74562   3.71122   1.000 28.86927 ? 22  CYS A SG  1 
ATOM   152 N  N   . VAL A 1 23  ? -3.61964  7.97296   2.43150   1.000 29.98033 ? 23  VAL A N   1 
ATOM   153 C  CA  . VAL A 1 23  ? -3.57236  9.36404   2.87073   1.000 31.50527 ? 23  VAL A CA  1 
ATOM   154 C  C   . VAL A 1 23  ? -3.33827  9.39987   4.37435   1.000 31.28567 ? 23  VAL A C   1 
ATOM   155 O  O   . VAL A 1 23  ? -4.11032  8.82195   5.14722   1.000 30.64771 ? 23  VAL A O   1 
ATOM   156 C  CB  . VAL A 1 23  ? -4.86101  10.11300  2.49920   1.000 30.70461 ? 23  VAL A CB  1 
ATOM   157 C  CG1 . VAL A 1 23  ? -4.76666  11.57314  2.92297   1.000 31.46334 ? 23  VAL A CG1 1 
ATOM   158 C  CG2 . VAL A 1 23  ? -5.13068  10.00335  1.00687   1.000 30.04400 ? 23  VAL A CG2 1 
ATOM   159 N  N   . GLY A 1 24  ? -2.27841  10.08561  4.78817   1.000 32.15744 ? 24  GLY A N   1 
ATOM   160 C  CA  . GLY A 1 24  ? -1.94157  10.21996  6.19340   1.000 32.80740 ? 24  GLY A CA  1 
ATOM   161 C  C   . GLY A 1 24  ? -2.40831  11.55461  6.75136   1.000 34.23291 ? 24  GLY A C   1 
ATOM   162 O  O   . GLY A 1 24  ? -2.28942  12.59065  6.09781   1.000 35.45309 ? 24  GLY A O   1 
ATOM   163 N  N   . SER A 1 25  ? -2.94358  11.50899  7.96655   1.000 35.65440 ? 25  SER A N   1 
ATOM   164 C  CA  . SER A 1 25  ? -3.34793  12.69989  8.69463   1.000 36.66881 ? 25  SER A CA  1 
ATOM   165 C  C   . SER A 1 25  ? -2.75675  12.64786  10.09636  1.000 37.62544 ? 25  SER A C   1 
ATOM   166 O  O   . SER A 1 25  ? -2.28150  11.60695  10.55802  1.000 38.34894 ? 25  SER A O   1 
ATOM   167 C  CB  . SER A 1 25  ? -4.87594  12.83217  8.75179   1.000 37.19321 ? 25  SER A CB  1 
ATOM   168 O  OG  . SER A 1 25  ? -5.47479  11.63702  9.22074   1.000 37.18932 ? 25  SER A OG  1 
ATOM   169 N  N   . GLY A 1 26  ? -2.78844  13.79046  10.77524  1.000 39.11000 ? 26  GLY A N   1 
ATOM   170 C  CA  . GLY A 1 26  ? -2.20368  13.88983  12.09677  1.000 39.25905 ? 26  GLY A CA  1 
ATOM   171 C  C   . GLY A 1 26  ? -0.76408  14.35416  12.04619  1.000 39.28690 ? 26  GLY A C   1 
ATOM   172 O  O   . GLY A 1 26  ? -0.40543  15.18019  11.20199  1.000 39.40182 ? 26  GLY A O   1 
ATOM   173 N  N   . ARG A 1 27  ? 0.07709   13.82583  12.93626  1.000 39.80656 ? 27  ARG A N   1 
ATOM   174 C  CA  . ARG A 1 27  ? 1.48657   14.21498  12.99374  1.000 41.10482 ? 27  ARG A CA  1 
ATOM   175 C  C   . ARG A 1 27  ? 2.25578   13.46990  11.90060  1.000 39.99756 ? 27  ARG A C   1 
ATOM   176 O  O   . ARG A 1 27  ? 3.09338   12.60024  12.15106  1.000 40.00013 ? 27  ARG A O   1 
ATOM   177 C  CB  . ARG A 1 27  ? 2.05595   13.94661  14.38047  1.000 43.63027 ? 27  ARG A CB  1 
ATOM   178 C  CG  . ARG A 1 27  ? 1.11409   14.35167  15.50708  1.000 45.77664 ? 27  ARG A CG  1 
ATOM   179 C  CD  . ARG A 1 27  ? 1.82254   15.09915  16.63113  1.000 51.14261 ? 27  ARG A CD  1 
ATOM   180 N  NE  . ARG A 1 27  ? 2.78191   14.26967  17.35121  1.000 57.37521 ? 27  ARG A NE  1 
ATOM   181 C  CZ  . ARG A 1 27  ? 4.09254   14.47204  17.35687  1.000 55.43116 ? 27  ARG A CZ  1 
ATOM   182 N  NH1 . ARG A 1 27  ? 4.63972   15.47584  16.69003  1.000 55.32290 ? 27  ARG A NH1 1 
ATOM   183 N  NH2 . ARG A 1 27  ? 4.87283   13.65211  18.05653  1.000 55.16249 ? 27  ARG A NH2 1 
ATOM   184 N  N   . VAL A 1 28  ? 1.95164   13.84049  10.65320  1.000 39.03469 ? 28  VAL A N   1 
ATOM   185 C  CA  . VAL A 1 28  ? 2.54229   13.15491  9.50760   1.000 38.73324 ? 28  VAL A CA  1 
ATOM   186 C  C   . VAL A 1 28  ? 4.03431   13.44050  9.40962   1.000 39.42832 ? 28  VAL A C   1 
ATOM   187 O  O   . VAL A 1 28  ? 4.78804   12.64032  8.84254   1.000 39.72600 ? 28  VAL A O   1 
ATOM   188 C  CB  . VAL A 1 28  ? 1.80984   13.54494  8.20983   1.000 38.10711 ? 28  VAL A CB  1 
ATOM   189 C  CG1 . VAL A 1 28  ? 0.36431   13.07277  8.25436   1.000 37.86422 ? 28  VAL A CG1 1 
ATOM   190 C  CG2 . VAL A 1 28  ? 1.87883   15.04904  7.98700   1.000 38.89046 ? 28  VAL A CG2 1 
ATOM   191 N  N   . ARG A 1 29  ? 4.48963   14.56954  9.96094   1.000 40.92433 ? 29  ARG A N   1 
ATOM   192 C  CA  . ARG A 1 29  ? 5.91144   14.89557  9.94130   1.000 41.43440 ? 29  ARG A CA  1 
ATOM   193 C  C   . ARG A 1 29  ? 6.75420   13.84874  10.65775  1.000 40.67493 ? 29  ARG A C   1 
ATOM   194 O  O   . ARG A 1 29  ? 7.94899   13.72558  10.36807  1.000 39.64938 ? 29  ARG A O   1 
ATOM   195 C  CB  . ARG A 1 29  ? 6.14131   16.26850  10.57659  1.000 44.26316 ? 29  ARG A CB  1 
ATOM   196 C  CG  . ARG A 1 29  ? 5.34008   17.39327  9.94072   1.000 46.85391 ? 29  ARG A CG  1 
ATOM   197 C  CD  . ARG A 1 29  ? 5.84675   17.70754  8.54607   1.000 49.69570 ? 29  ARG A CD  1 
ATOM   198 N  NE  . ARG A 1 29  ? 7.15741   18.34709  8.56703   1.000 53.78522 ? 29  ARG A NE  1 
ATOM   199 C  CZ  . ARG A 1 29  ? 7.36597   19.63589  8.33362   1.000 57.38018 ? 29  ARG A CZ  1 
ATOM   200 N  NH1 . ARG A 1 29  ? 6.36915   20.45495  8.03828   1.000 59.06289 ? 29  ARG A NH1 1 
ATOM   201 N  NH2 . ARG A 1 29  ? 8.60636   20.11382  8.39235   1.000 60.71981 ? 29  ARG A NH2 1 
ATOM   202 N  N   . THR A 1 30  ? 6.16040   13.09307  11.58184  1.000 39.64379 ? 30  THR A N   1 
ATOM   203 C  CA  . THR A 1 30  ? 6.88326   12.07626  12.33439  1.000 39.25711 ? 30  THR A CA  1 
ATOM   204 C  C   . THR A 1 30  ? 6.99283   10.74970  11.59507  1.000 38.96189 ? 30  THR A C   1 
ATOM   205 O  O   . THR A 1 30  ? 7.75027   9.87849   12.03550  1.000 39.68047 ? 30  THR A O   1 
ATOM   206 C  CB  . THR A 1 30  ? 6.20664   11.84221  13.68800  1.000 39.61529 ? 30  THR A CB  1 
ATOM   207 O  OG1 . THR A 1 30  ? 4.87346   11.35916  13.47925  1.000 41.25644 ? 30  THR A OG1 1 
ATOM   208 C  CG2 . THR A 1 30  ? 6.15181   13.13591  14.48763  1.000 43.84815 ? 30  THR A CG2 1 
ATOM   209 N  N   . ILE A 1 31  ? 6.25924   10.57446  10.49337  1.000 37.98067 ? 31  ILE A N   1 
ATOM   210 C  CA  . ILE A 1 31  ? 6.30824   9.31949   9.75320   1.000 37.09036 ? 31  ILE A CA  1 
ATOM   211 C  C   . ILE A 1 31  ? 7.69857   9.12569   9.16970   1.000 37.30744 ? 31  ILE A C   1 
ATOM   212 O  O   . ILE A 1 31  ? 8.25609   10.02802  8.53327   1.000 36.59973 ? 31  ILE A O   1 
ATOM   213 C  CB  . ILE A 1 31  ? 5.23221   9.30334   8.65724   1.000 35.88984 ? 31  ILE A CB  1 
ATOM   214 C  CG1 . ILE A 1 31  ? 3.83432   9.33221   9.28007   1.000 36.14031 ? 31  ILE A CG1 1 
ATOM   215 C  CG2 . ILE A 1 31  ? 5.40140   8.08555   7.75683   1.000 34.58072 ? 31  ILE A CG2 1 
ATOM   216 C  CD1 . ILE A 1 31  ? 2.71591   9.39984   8.26239   1.000 34.67865 ? 31  ILE A CD1 1 
ATOM   217 N  N   . ASN A 1 32  ? 8.26987   7.94269   9.39203   1.000 36.72655 ? 32  ASN A N   1 
ATOM   218 C  CA  . ASN A 1 32  ? 9.58501   7.59250   8.86927   1.000 35.66094 ? 32  ASN A CA  1 
ATOM   219 C  C   . ASN A 1 32  ? 9.49713   6.72721   7.61875   1.000 35.02725 ? 32  ASN A C   1 
ATOM   220 O  O   . ASN A 1 32  ? 10.16494  7.00650   6.61953   1.000 34.37345 ? 32  ASN A O   1 
ATOM   221 C  CB  . ASN A 1 32  ? 10.40249  6.86872   9.94499   1.000 37.02849 ? 32  ASN A CB  1 
ATOM   222 C  CG  . ASN A 1 32  ? 10.34864  7.57172   11.28634  1.000 39.29113 ? 32  ASN A CG  1 
ATOM   223 O  OD1 . ASN A 1 32  ? 9.58017   7.18981   12.16967  1.000 40.63684 ? 32  ASN A OD1 1 
ATOM   224 N  ND2 . ASN A 1 32  ? 11.16217  8.60905   11.44427  1.000 43.70656 ? 32  ASN A ND2 1 
ATOM   225 N  N   . THR A 1 33  ? 8.69280   5.66853   7.66100   1.000 34.91312 ? 33  THR A N   1 
ATOM   226 C  CA  . THR A 1 33  ? 8.48152   4.79353   6.51953   1.000 34.07242 ? 33  THR A CA  1 
ATOM   227 C  C   . THR A 1 33  ? 6.99624   4.49943   6.37866   1.000 32.62440 ? 33  THR A C   1 
ATOM   228 O  O   . THR A 1 33  ? 6.21765   4.64097   7.32523   1.000 32.18730 ? 33  THR A O   1 
ATOM   229 C  CB  . THR A 1 33  ? 9.24450   3.46457   6.65057   1.000 36.42115 ? 33  THR A CB  1 
ATOM   230 O  OG1 . THR A 1 33  ? 8.76943   2.75071   7.79974   1.000 37.91271 ? 33  THR A OG1 1 
ATOM   231 C  CG2 . THR A 1 33  ? 10.74149  3.70217   6.78551   1.000 37.04619 ? 33  THR A CG2 1 
ATOM   232 N  N   . ALA A 1 34  ? 6.61590   4.08377   5.17425   1.000 31.16330 ? 34  ALA A N   1 
ATOM   233 C  CA  . ALA A 1 34  ? 5.26765   3.62070   4.89045   1.000 29.59667 ? 34  ALA A CA  1 
ATOM   234 C  C   . ALA A 1 34  ? 5.35826   2.38499   4.01039   1.000 29.40110 ? 34  ALA A C   1 
ATOM   235 O  O   . ALA A 1 34  ? 6.22377   2.29226   3.13671   1.000 28.59611 ? 34  ALA A O   1 
ATOM   236 C  CB  . ALA A 1 34  ? 4.42363   4.70324   4.20753   1.000 29.15985 ? 34  ALA A CB  1 
ATOM   237 N  N   . GLY A 1 35  ? 4.46178   1.43098   4.25032   1.000 27.47722 ? 35  GLY A N   1 
ATOM   238 C  CA  . GLY A 1 35  ? 4.50544   0.17172   3.53993   1.000 27.58781 ? 35  GLY A CA  1 
ATOM   239 C  C   . GLY A 1 35  ? 3.12490   -0.26443  3.09906   1.000 26.96828 ? 35  GLY A C   1 
ATOM   240 O  O   . GLY A 1 35  ? 2.10473   0.16587   3.64099   1.000 26.14752 ? 35  GLY A O   1 
ATOM   241 N  N   . TRP A 1 36  ? 3.11215   -1.13211  2.09290   1.000 24.59218 ? 36  TRP A N   1 
ATOM   242 C  CA  . TRP A 1 36  ? 1.89044   -1.73498  1.58659   1.000 27.01484 ? 36  TRP A CA  1 
ATOM   243 C  C   . TRP A 1 36  ? 1.90301   -3.22911  1.86903   1.000 26.37430 ? 36  TRP A C   1 
ATOM   244 O  O   . TRP A 1 36  ? 2.92104   -3.90080  1.67643   1.000 25.60285 ? 36  TRP A O   1 
ATOM   245 C  CB  . TRP A 1 36  ? 1.72505   -1.48475  0.08672   1.000 25.74841 ? 36  TRP A CB  1 
ATOM   246 C  CG  . TRP A 1 36  ? 1.18294   -0.12821  -0.22059  1.000 25.06559 ? 36  TRP A CG  1 
ATOM   247 C  CD1 . TRP A 1 36  ? 1.88650   0.96136   -0.64339  1.000 25.49871 ? 36  TRP A CD1 1 
ATOM   248 C  CD2 . TRP A 1 36  ? -0.18201  0.29035   -0.11522  1.000 24.89633 ? 36  TRP A CD2 1 
ATOM   249 N  NE1 . TRP A 1 36  ? 1.04180   2.03117   -0.81505  1.000 26.18198 ? 36  TRP A NE1 1 
ATOM   250 C  CE2 . TRP A 1 36  ? -0.23354  1.64500   -0.49673  1.000 25.71910 ? 36  TRP A CE2 1 
ATOM   251 C  CE3 . TRP A 1 36  ? -1.36699  -0.35105  0.25974   1.000 25.53623 ? 36  TRP A CE3 1 
ATOM   252 C  CZ2 . TRP A 1 36  ? -1.42165  2.37033   -0.51337  1.000 26.51974 ? 36  TRP A CZ2 1 
ATOM   253 C  CZ3 . TRP A 1 36  ? -2.54523  0.37069   0.24317   1.000 25.64832 ? 36  TRP A CZ3 1 
ATOM   254 C  CH2 . TRP A 1 36  ? -2.56369  1.71762   -0.14030  1.000 26.02549 ? 36  TRP A CH2 1 
ATOM   255 N  N   . TYR A 1 37  ? 0.77032   -3.73611  2.34224   1.000 24.84818 ? 37  TYR A N   1 
ATOM   256 C  CA  . TYR A 1 37  ? 0.59197   -5.14268  2.65980   1.000 25.32855 ? 37  TYR A CA  1 
ATOM   257 C  C   . TYR A 1 37  ? -0.71987  -5.60942  2.04770   1.000 25.05021 ? 37  TYR A C   1 
ATOM   258 O  O   . TYR A 1 37  ? -1.54997  -4.80316  1.61984   1.000 24.64838 ? 37  TYR A O   1 
ATOM   259 C  CB  . TYR A 1 37  ? 0.59214   -5.38316  4.17954   1.000 25.38948 ? 37  TYR A CB  1 
ATOM   260 C  CG  . TYR A 1 37  ? 1.85973   -4.95233  4.88988   1.000 26.03146 ? 37  TYR A CG  1 
ATOM   261 C  CD1 . TYR A 1 37  ? 2.13409   -3.60927  5.11322   1.000 25.10945 ? 37  TYR A CD1 1 
ATOM   262 C  CD2 . TYR A 1 37  ? 2.77203   -5.89061  5.35413   1.000 26.54003 ? 37  TYR A CD2 1 
ATOM   263 C  CE1 . TYR A 1 37  ? 3.28639   -3.21218  5.76194   1.000 26.96253 ? 37  TYR A CE1 1 
ATOM   264 C  CE2 . TYR A 1 37  ? 3.92906   -5.50158  6.00653   1.000 26.04317 ? 37  TYR A CE2 1 
ATOM   265 C  CZ  . TYR A 1 37  ? 4.17908   -4.16100  6.20768   1.000 27.06424 ? 37  TYR A CZ  1 
ATOM   266 O  OH  . TYR A 1 37  ? 5.32499   -3.76083  6.85528   1.000 27.46189 ? 37  TYR A OH  1 
ATOM   267 N  N   . ARG A 1 38  ? -0.90354  -6.92620  1.99956   1.000 24.10461 ? 38  ARG A N   1 
ATOM   268 C  CA  . ARG A 1 38  ? -2.16797  -7.48555  1.54900   1.000 25.07341 ? 38  ARG A CA  1 
ATOM   269 C  C   . ARG A 1 38  ? -2.44429  -8.76710  2.31672   1.000 26.12234 ? 38  ARG A C   1 
ATOM   270 O  O   . ARG A 1 38  ? -1.52091  -9.44933  2.76913   1.000 26.43368 ? 38  ARG A O   1 
ATOM   271 C  CB  . ARG A 1 38  ? -2.17472  -7.75592  0.03989   1.000 25.04680 ? 38  ARG A CB  1 
ATOM   272 C  CG  . ARG A 1 38  ? -1.24478  -8.86556  -0.40419  1.000 24.97725 ? 38  ARG A CG  1 
ATOM   273 C  CD  . ARG A 1 38  ? -1.24818  -8.98526  -1.91308  1.000 25.77229 ? 38  ARG A CD  1 
ATOM   274 N  NE  . ARG A 1 38  ? -0.29413  -9.98078  -2.38303  1.000 26.95174 ? 38  ARG A NE  1 
ATOM   275 C  CZ  . ARG A 1 38  ? 0.00462   -10.18090 -3.65837  1.000 28.64904 ? 38  ARG A CZ  1 
ATOM   276 N  NH1 . ARG A 1 38  ? -0.55200  -9.46036  -4.61835  1.000 28.04139 ? 38  ARG A NH1 1 
ATOM   277 N  NH2 . ARG A 1 38  ? 0.88567   -11.12494 -3.97808  1.000 30.53545 ? 38  ARG A NH2 1 
ATOM   278 N  N   . GLN A 1 39  ? -3.72760  -9.08522  2.46336   1.000 26.86230 ? 39  GLN A N   1 
ATOM   279 C  CA  . GLN A 1 39  ? -4.13378  -10.27879 3.18785   1.000 27.84276 ? 39  GLN A CA  1 
ATOM   280 C  C   . GLN A 1 39  ? -5.30809  -10.92677 2.47596   1.000 27.89072 ? 39  GLN A C   1 
ATOM   281 O  O   . GLN A 1 39  ? -6.33041  -10.27752 2.23498   1.000 26.20010 ? 39  GLN A O   1 
ATOM   282 C  CB  . GLN A 1 39  ? -4.51008  -9.95393  4.63717   1.000 28.39587 ? 39  GLN A CB  1 
ATOM   283 C  CG  . GLN A 1 39  ? -4.72475  -11.18849 5.49456   1.000 30.30208 ? 39  GLN A CG  1 
ATOM   284 C  CD  . GLN A 1 39  ? -5.00929  -10.85710 6.94459   1.000 29.50195 ? 39  GLN A CD  1 
ATOM   285 O  OE1 . GLN A 1 39  ? -5.66471  -9.86169  7.25015   1.000 28.98183 ? 39  GLN A OE1 1 
ATOM   286 N  NE2 . GLN A 1 39  ? -4.51135  -11.69208 7.84897   1.000 30.74381 ? 39  GLN A NE2 1 
ATOM   287 N  N   . ALA A 1 40  ? -5.15238  -12.19554 2.13928   1.000 29.83841 ? 40  ALA A N   1 
ATOM   288 C  CA  . ALA A 1 40  ? -6.22451  -13.01036 1.59756   1.000 31.07119 ? 40  ALA A CA  1 
ATOM   289 C  C   . ALA A 1 40  ? -6.95833  -13.71556 2.72913   1.000 33.80436 ? 40  ALA A C   1 
ATOM   290 O  O   . ALA A 1 40  ? -6.41361  -13.87891 3.82646   1.000 33.28644 ? 40  ALA A O   1 
ATOM   291 C  CB  . ALA A 1 40  ? -5.65831  -14.03116 0.61203   1.000 32.44971 ? 40  ALA A CB  1 
ATOM   292 N  N   . PRO A 1 41  ? -8.20768  -14.12547 2.50723   1.000 34.17876 ? 41  PRO A N   1 
ATOM   293 C  CA  . PRO A 1 41  ? -8.94964  -14.82447 3.56551   1.000 34.48107 ? 41  PRO A CA  1 
ATOM   294 C  C   . PRO A 1 41  ? -8.21679  -16.07318 4.03676   1.000 36.72810 ? 41  PRO A C   1 
ATOM   295 O  O   . PRO A 1 41  ? -7.84258  -16.93656 3.23939   1.000 37.44771 ? 41  PRO A O   1 
ATOM   296 C  CB  . PRO A 1 41  ? -10.28149 -15.16904 2.89133   1.000 34.66084 ? 41  PRO A CB  1 
ATOM   297 C  CG  . PRO A 1 41  ? -10.44939 -14.11687 1.85425   1.000 33.80992 ? 41  PRO A CG  1 
ATOM   298 C  CD  . PRO A 1 41  ? -9.06288  -13.82848 1.34372   1.000 33.05261 ? 41  PRO A CD  1 
ATOM   299 N  N   . GLY A 1 42  ? -8.00280  -16.15296 5.34821   1.000 37.63889 ? 42  GLY A N   1 
ATOM   300 C  CA  . GLY A 1 42  ? -7.36435  -17.30999 5.94121   1.000 39.25266 ? 42  GLY A CA  1 
ATOM   301 C  C   . GLY A 1 42  ? -5.86288  -17.36915 5.79649   1.000 39.99980 ? 42  GLY A C   1 
ATOM   302 O  O   . GLY A 1 42  ? -5.28236  -18.44872 5.94459   1.000 42.68383 ? 42  GLY A O   1 
ATOM   303 N  N   . GLN A 1 43  ? -5.20855  -16.24481 5.51884   1.000 40.16321 ? 43  GLN A N   1 
ATOM   304 C  CA  . GLN A 1 43  ? -3.76758  -16.21992 5.32968   1.000 40.69702 ? 43  GLN A CA  1 
ATOM   305 C  C   . GLN A 1 43  ? -3.14956  -15.07531 6.11889   1.000 38.34623 ? 43  GLN A C   1 
ATOM   306 O  O   . GLN A 1 43  ? -3.82026  -14.11252 6.49884   1.000 36.54816 ? 43  GLN A O   1 
ATOM   307 C  CB  . GLN A 1 43  ? -3.39194  -16.08706 3.84801   1.000 41.95687 ? 43  GLN A CB  1 
ATOM   308 C  CG  . GLN A 1 43  ? -3.58543  -17.35645 3.04038   1.000 46.60735 ? 43  GLN A CG  1 
ATOM   309 C  CD  . GLN A 1 43  ? -3.05981  -17.22488 1.62514   1.000 60.09527 ? 43  GLN A CD  1 
ATOM   310 O  OE1 . GLN A 1 43  ? -2.83790  -16.11801 1.13357   1.000 61.24645 ? 43  GLN A OE1 1 
ATOM   311 N  NE2 . GLN A 1 43  ? -2.85091  -18.35718 0.96353   1.000 70.76686 ? 43  GLN A NE2 1 
ATOM   312 N  N   . GLU A 1 44  ? -1.84981  -15.20586 6.36057   1.000 40.22575 ? 44  GLU A N   1 
ATOM   313 C  CA  . GLU A 1 44  ? -1.08797  -14.16471 7.02313   1.000 39.45562 ? 44  GLU A CA  1 
ATOM   314 C  C   . GLU A 1 44  ? -0.92542  -12.96555 6.08832   1.000 35.91419 ? 44  GLU A C   1 
ATOM   315 O  O   . GLU A 1 44  ? -0.92667  -13.12080 4.86416   1.000 35.19339 ? 44  GLU A O   1 
ATOM   316 C  CB  . GLU A 1 44  ? 0.28176   -14.70563 7.42630   1.000 45.05956 ? 44  GLU A CB  1 
ATOM   317 C  CG  . GLU A 1 44  ? 0.87818   -14.10896 8.68708   1.000 52.83911 ? 44  GLU A CG  1 
ATOM   318 C  CD  . GLU A 1 44  ? 2.06214   -14.90756 9.19477   1.000 68.89258 ? 44  GLU A CD  1 
ATOM   319 O  OE1 . GLU A 1 44  ? 2.04148   -16.15034 9.06229   1.000 69.62630 ? 44  GLU A OE1 1 
ATOM   320 O  OE2 . GLU A 1 44  ? 3.01473   -14.29377 9.71932   1.000 70.08432 ? 44  GLU A OE2 1 
ATOM   321 N  N   . PRO A 1 45  ? -0.80731  -11.75588 6.63766   1.000 35.20307 ? 45  PRO A N   1 
ATOM   322 C  CA  . PRO A 1 45  ? -0.51722  -10.59608 5.78667   1.000 32.21064 ? 45  PRO A CA  1 
ATOM   323 C  C   . PRO A 1 45  ? 0.82000   -10.74925 5.07971   1.000 31.88539 ? 45  PRO A C   1 
ATOM   324 O  O   . PRO A 1 45  ? 1.77637   -11.30799 5.62119   1.000 32.75320 ? 45  PRO A O   1 
ATOM   325 C  CB  . PRO A 1 45  ? -0.49421  -9.42561  6.77559   1.000 30.68765 ? 45  PRO A CB  1 
ATOM   326 C  CG  . PRO A 1 45  ? -1.35382  -9.87260  7.89503   1.000 31.77721 ? 45  PRO A CG  1 
ATOM   327 C  CD  . PRO A 1 45  ? -1.13063  -11.35444 8.01696   1.000 33.81773 ? 45  PRO A CD  1 
ATOM   328 N  N   . GLU A 1 46  ? 0.87772   -10.24011 3.85197   1.000 29.94215 ? 46  GLU A N   1 
ATOM   329 C  CA  . GLU A 1 46  ? 2.05672   -10.35317 3.00301   1.000 29.24529 ? 46  GLU A CA  1 
ATOM   330 C  C   . GLU A 1 46  ? 2.61289   -8.96303  2.73396   1.000 28.31150 ? 46  GLU A C   1 
ATOM   331 O  O   . GLU A 1 46  ? 1.89279   -8.08895  2.23965   1.000 26.93016 ? 46  GLU A O   1 
ATOM   332 C  CB  . GLU A 1 46  ? 1.71553   -11.05754 1.68832   1.000 29.63504 ? 46  GLU A CB  1 
ATOM   333 C  CG  . GLU A 1 46  ? 2.88307   -11.16825 0.72118   1.000 29.16401 ? 46  GLU A CG  1 
ATOM   334 C  CD  . GLU A 1 46  ? 2.47070   -11.72172 -0.62957  1.000 30.54680 ? 46  GLU A CD  1 
ATOM   335 O  OE1 . GLU A 1 46  ? 1.25775   -11.93226 -0.84212  1.000 30.16756 ? 46  GLU A OE1 1 
ATOM   336 O  OE2 . GLU A 1 46  ? 3.35901   -11.94481 -1.47939  1.000 32.40025 ? 46  GLU A OE2 1 
ATOM   337 N  N   . PHE A 1 47  ? 3.88845   -8.76256  3.05551   1.000 28.61089 ? 47  PHE A N   1 
ATOM   338 C  CA  . PHE A 1 47  ? 4.55253   -7.50831  2.72958   1.000 27.84641 ? 47  PHE A CA  1 
ATOM   339 C  C   . PHE A 1 47  ? 4.67935   -7.35383  1.21940   1.000 27.99669 ? 47  PHE A C   1 
ATOM   340 O  O   . PHE A 1 47  ? 4.96097   -8.31659  0.50145   1.000 29.07741 ? 47  PHE A O   1 
ATOM   341 C  CB  . PHE A 1 47  ? 5.93296   -7.45030  3.38340   1.000 28.11046 ? 47  PHE A CB  1 
ATOM   342 C  CG  . PHE A 1 47  ? 6.78921   -6.31551  2.89536   1.000 27.79779 ? 47  PHE A CG  1 
ATOM   343 C  CD1 . PHE A 1 47  ? 6.59002   -5.02803  3.36382   1.000 28.07723 ? 47  PHE A CD1 1 
ATOM   344 C  CD2 . PHE A 1 47  ? 7.79777   -6.53827  1.97139   1.000 29.08954 ? 47  PHE A CD2 1 
ATOM   345 C  CE1 . PHE A 1 47  ? 7.37762   -3.98267  2.91606   1.000 29.34662 ? 47  PHE A CE1 1 
ATOM   346 C  CE2 . PHE A 1 47  ? 8.58694   -5.49776  1.52043   1.000 29.19321 ? 47  PHE A CE2 1 
ATOM   347 C  CZ  . PHE A 1 47  ? 8.37701   -4.21925  1.99380   1.000 30.23944 ? 47  PHE A CZ  1 
ATOM   348 N  N   . LEU A 1 48  ? 4.47089   -6.12909  0.73674   1.000 27.31628 ? 48  LEU A N   1 
ATOM   349 C  CA  . LEU A 1 48  ? 4.51652   -5.84508  -0.69343  1.000 27.96074 ? 48  LEU A CA  1 
ATOM   350 C  C   . LEU A 1 48  ? 5.56117   -4.79161  -1.03648  1.000 28.61850 ? 48  LEU A C   1 
ATOM   351 O  O   . LEU A 1 48  ? 6.46895   -5.06843  -1.82623  1.000 29.49138 ? 48  LEU A O   1 
ATOM   352 C  CB  . LEU A 1 48  ? 3.13299   -5.40347  -1.18453  1.000 26.64385 ? 48  LEU A CB  1 
ATOM   353 C  CG  . LEU A 1 48  ? 1.99766   -6.40236  -0.97456  1.000 26.58198 ? 48  LEU A CG  1 
ATOM   354 C  CD1 . LEU A 1 48  ? 0.67217   -5.75318  -1.30434  1.000 24.86215 ? 48  LEU A CD1 1 
ATOM   355 C  CD2 . LEU A 1 48  ? 2.21226   -7.64260  -1.82395  1.000 27.65872 ? 48  LEU A CD2 1 
ATOM   356 N  N   . ALA A 1 49  ? 5.45733   -3.59055  -0.47469  1.000 28.05135 ? 49  ALA A N   1 
ATOM   357 C  CA  . ALA A 1 49  ? 6.36647   -2.51240  -0.82504  1.000 28.30600 ? 49  ALA A CA  1 
ATOM   358 C  C   . ALA A 1 49  ? 6.57454   -1.61759  0.38634   1.000 30.09947 ? 49  ALA A C   1 
ATOM   359 O  O   . ALA A 1 49  ? 5.71475   -1.52539  1.26540   1.000 27.17424 ? 49  ALA A O   1 
ATOM   360 C  CB  . ALA A 1 49  ? 5.84132   -1.69581  -2.00888  1.000 27.90464 ? 49  ALA A CB  1 
ATOM   361 N  N   . ARG A 1 50  ? 7.72993   -0.95893  0.41827   1.000 29.75400 ? 50  ARG A N   1 
ATOM   362 C  CA  . ARG A 1 50  ? 8.11197   -0.07719  1.50994   1.000 31.77012 ? 50  ARG A CA  1 
ATOM   363 C  C   . ARG A 1 50  ? 8.77505   1.15722   0.92156   1.000 31.41819 ? 50  ARG A C   1 
ATOM   364 O  O   . ARG A 1 50  ? 9.45428   1.07908   -0.10397  1.000 30.62483 ? 50  ARG A O   1 
ATOM   365 C  CB  . ARG A 1 50  ? 9.06254   -0.78793  2.48621   1.000 34.30692 ? 50  ARG A CB  1 
ATOM   366 C  CG  . ARG A 1 50  ? 9.41561   -0.00777  3.74132   1.000 39.25441 ? 50  ARG A CG  1 
ATOM   367 C  CD  . ARG A 1 50  ? 10.30658  -0.84621  4.64921   1.000 50.07415 ? 50  ARG A CD  1 
ATOM   368 N  NE  . ARG A 1 50  ? 10.56200  -0.20194  5.93201   1.000 73.60805 ? 50  ARG A NE  1 
ATOM   369 C  CZ  . ARG A 1 50  ? 11.18607  -0.78183  6.94885   1.000 70.54265 ? 50  ARG A CZ  1 
ATOM   370 N  NH1 . ARG A 1 50  ? 11.63202  -2.02584  6.86811   1.000 70.10398 ? 50  ARG A NH1 1 
ATOM   371 N  NH2 . ARG A 1 50  ? 11.36440  -0.09808  8.07616   1.000 59.69387 ? 50  ARG A NH2 1 
ATOM   372 N  N   . ILE A 1 51  ? 8.56604   2.30034   1.56662   1.000 30.54362 ? 51  ILE A N   1 
ATOM   373 C  CA  . ILE A 1 51  ? 9.17662   3.54355   1.11063   1.000 31.23024 ? 51  ILE A CA  1 
ATOM   374 C  C   . ILE A 1 51  ? 9.47483   4.41267   2.32408   1.000 31.96850 ? 51  ILE A C   1 
ATOM   375 O  O   . ILE A 1 51  ? 8.72242   4.42139   3.30366   1.000 31.69312 ? 51  ILE A O   1 
ATOM   376 C  CB  . ILE A 1 51  ? 8.28207   4.27058   0.08013   1.000 30.60319 ? 51  ILE A CB  1 
ATOM   377 C  CG1 . ILE A 1 51  ? 9.06751   5.37592   -0.62893  1.000 30.95756 ? 51  ILE A CG1 1 
ATOM   378 C  CG2 . ILE A 1 51  ? 7.02426   4.82794   0.73583   1.000 29.23082 ? 51  ILE A CG2 1 
ATOM   379 C  CD1 . ILE A 1 51  ? 8.37436   5.92155   -1.85591  1.000 30.67547 ? 51  ILE A CD1 1 
ATOM   380 N  N   . THR A 1 52  ? 10.59542  5.12719   2.26036   1.000 32.59788 ? 52  THR A N   1 
ATOM   381 C  CA  . THR A 1 52  ? 11.02196  6.02461   3.31980   1.000 32.69547 ? 52  THR A CA  1 
ATOM   382 C  C   . THR A 1 52  ? 10.69039  7.46600   2.94580   1.000 33.59454 ? 52  THR A C   1 
ATOM   383 O  O   . THR A 1 52  ? 10.18106  7.75318   1.86019   1.000 32.99271 ? 52  THR A O   1 
ATOM   384 C  CB  . THR A 1 52  ? 12.51896  5.86263   3.59087   1.000 32.71635 ? 52  THR A CB  1 
ATOM   385 O  OG1 . THR A 1 52  ? 13.26484  6.36239   2.47309   1.000 32.48670 ? 52  THR A OG1 1 
ATOM   386 C  CG2 . THR A 1 52  ? 12.86370  4.39780   3.80060   1.000 32.54307 ? 52  THR A CG2 1 
ATOM   387 N  N   . VAL A 1 53  ? 10.98425  8.38547   3.86833   1.000 33.59737 ? 53  VAL A N   1 
ATOM   388 C  CA  . VAL A 1 53  ? 10.75381  9.80211   3.60020   1.000 35.15574 ? 53  VAL A CA  1 
ATOM   389 C  C   . VAL A 1 53  ? 11.60935  10.26459  2.42894   1.000 35.35423 ? 53  VAL A C   1 
ATOM   390 O  O   . VAL A 1 53  ? 11.16096  11.04839  1.58314   1.000 36.18966 ? 53  VAL A O   1 
ATOM   391 C  CB  . VAL A 1 53  ? 11.02310  10.63720  4.86585   1.000 35.87576 ? 53  VAL A CB  1 
ATOM   392 C  CG1 . VAL A 1 53  ? 10.83776  12.12264  4.58031   1.000 37.42135 ? 53  VAL A CG1 1 
ATOM   393 C  CG2 . VAL A 1 53  ? 10.10547  10.19779  5.98584   1.000 35.79366 ? 53  VAL A CG2 1 
ATOM   394 N  N   . GLY A 1 54  ? 12.84598  9.77319   2.34909   1.000 34.70239 ? 54  GLY A N   1 
ATOM   395 C  CA  . GLY A 1 54  ? 13.74264  10.15124  1.27190   1.000 35.37355 ? 54  GLY A CA  1 
ATOM   396 C  C   . GLY A 1 54  ? 13.38111  9.57892   -0.08200  1.000 35.91533 ? 54  GLY A C   1 
ATOM   397 O  O   . GLY A 1 54  ? 13.91816  10.04652  -1.09185  1.000 38.56812 ? 54  GLY A O   1 
ATOM   398 N  N   . GLY A 1 55  ? 12.49253  8.58771   -0.12966  1.000 34.97114 ? 55  GLY A N   1 
ATOM   399 C  CA  . GLY A 1 55  ? 12.08785  7.97441   -1.37631  1.000 34.11018 ? 55  GLY A CA  1 
ATOM   400 C  C   . GLY A 1 55  ? 12.68276  6.61084   -1.65018  1.000 33.01995 ? 55  GLY A C   1 
ATOM   401 O  O   . GLY A 1 55  ? 12.39342  6.03124   -2.70384  1.000 33.47737 ? 55  GLY A O   1 
ATOM   402 N  N   . THR A 1 56  ? 13.50311  6.08180   -0.74630  1.000 33.84409 ? 56  THR A N   1 
ATOM   403 C  CA  . THR A 1 56  ? 14.07058  4.75447   -0.94013  1.000 33.75155 ? 56  THR A CA  1 
ATOM   404 C  C   . THR A 1 56  ? 12.96975  3.70333   -0.86989  1.000 33.15892 ? 56  THR A C   1 
ATOM   405 O  O   . THR A 1 56  ? 12.20566  3.65229   0.09883   1.000 33.34721 ? 56  THR A O   1 
ATOM   406 C  CB  . THR A 1 56  ? 15.14191  4.47376   0.11196   1.000 33.96405 ? 56  THR A CB  1 
ATOM   407 O  OG1 . THR A 1 56  ? 16.17911  5.45631   0.00961   1.000 34.83236 ? 56  THR A OG1 1 
ATOM   408 C  CG2 . THR A 1 56  ? 15.74129  3.09003   -0.09393  1.000 33.70268 ? 56  THR A CG2 1 
ATOM   409 N  N   . THR A 1 57  ? 12.88539  2.86668   -1.89964  1.000 33.07404 ? 57  THR A N   1 
ATOM   410 C  CA  . THR A 1 57  ? 11.83789  1.86387   -2.00252  1.000 32.20831 ? 57  THR A CA  1 
ATOM   411 C  C   . THR A 1 57  ? 12.40723  0.46330   -1.82239  1.000 32.54008 ? 57  THR A C   1 
ATOM   412 O  O   . THR A 1 57  ? 13.56667  0.19418   -2.15038  1.000 33.25970 ? 57  THR A O   1 
ATOM   413 C  CB  . THR A 1 57  ? 11.11604  1.94613   -3.35217  1.000 31.98593 ? 57  THR A CB  1 
ATOM   414 O  OG1 . THR A 1 57  ? 12.05496  1.73196   -4.41419  1.000 33.19341 ? 57  THR A OG1 1 
ATOM   415 C  CG2 . THR A 1 57  ? 10.45326  3.30375   -3.52439  1.000 31.43008 ? 57  THR A CG2 1 
ATOM   416 N  N   . SER A 1 58  ? 11.56848  -0.42458  -1.29340  1.000 32.69954 ? 58  SER A N   1 
ATOM   417 C  CA  . SER A 1 58  ? 11.87582  -1.84107  -1.17839  1.000 33.08773 ? 58  SER A CA  1 
ATOM   418 C  C   . SER A 1 58  ? 10.63008  -2.62785  -1.55048  1.000 32.09027 ? 58  SER A C   1 
ATOM   419 O  O   . SER A 1 58  ? 9.51087   -2.20097  -1.25574  1.000 30.80007 ? 58  SER A O   1 
ATOM   420 C  CB  . SER A 1 58  ? 12.33847  -2.20692  0.23688   1.000 34.27969 ? 58  SER A CB  1 
ATOM   421 O  OG  . SER A 1 58  ? 12.60182  -3.59480  0.33882   1.000 45.91049 ? 58  SER A OG  1 
ATOM   422 N  N   . TYR A 1 59  ? 10.82454  -3.77003  -2.20262  1.000 32.30779 ? 59  TYR A N   1 
ATOM   423 C  CA  . TYR A 1 59  ? 9.71735   -4.54917  -2.73128  1.000 31.90086 ? 59  TYR A CA  1 
ATOM   424 C  C   . TYR A 1 59  ? 9.87348   -6.01629  -2.36648  1.000 33.36660 ? 59  TYR A C   1 
ATOM   425 O  O   . TYR A 1 59  ? 10.98585  -6.51486  -2.17813  1.000 35.34005 ? 59  TYR A O   1 
ATOM   426 C  CB  . TYR A 1 59  ? 9.61648   -4.42094  -4.25574  1.000 31.17763 ? 59  TYR A CB  1 
ATOM   427 C  CG  . TYR A 1 59  ? 9.28064   -3.03281  -4.74449  1.000 29.86122 ? 59  TYR A CG  1 
ATOM   428 C  CD1 . TYR A 1 59  ? 7.96087   -2.63948  -4.92104  1.000 28.93562 ? 59  TYR A CD1 1 
ATOM   429 C  CD2 . TYR A 1 59  ? 10.28262  -2.11599  -5.03508  1.000 29.56807 ? 59  TYR A CD2 1 
ATOM   430 C  CE1 . TYR A 1 59  ? 7.64797   -1.37062  -5.37041  1.000 28.42083 ? 59  TYR A CE1 1 
ATOM   431 C  CE2 . TYR A 1 59  ? 9.97828   -0.84516  -5.48592  1.000 29.64530 ? 59  TYR A CE2 1 
ATOM   432 C  CZ  . TYR A 1 59  ? 8.65991   -0.47834  -5.65173  1.000 28.43406 ? 59  TYR A CZ  1 
ATOM   433 O  OH  . TYR A 1 59  ? 8.35122   0.78410   -6.09994  1.000 28.77972 ? 59  TYR A OH  1 
ATOM   434 N  N   . ALA A 1 60  ? 8.73871   -6.70077  -2.27023  1.000 32.46570 ? 60  ALA A N   1 
ATOM   435 C  CA  . ALA A 1 60  ? 8.73469   -8.15034  -2.20301  1.000 34.31701 ? 60  ALA A CA  1 
ATOM   436 C  C   . ALA A 1 60  ? 8.88611   -8.73401  -3.60459  1.000 35.98580 ? 60  ALA A C   1 
ATOM   437 O  O   . ALA A 1 60  ? 8.55396   -8.09982  -4.60963  1.000 35.21051 ? 60  ALA A O   1 
ATOM   438 C  CB  . ALA A 1 60  ? 7.44851   -8.65945  -1.55465  1.000 32.96925 ? 60  ALA A CB  1 
ATOM   439 N  N   . ASP A 1 61  ? 9.39174   -9.96698  -3.66316  1.000 38.36137 ? 61  ASP A N   1 
ATOM   440 C  CA  . ASP A 1 61  ? 9.67913   -10.58552 -4.95227  1.000 39.22056 ? 61  ASP A CA  1 
ATOM   441 C  C   . ASP A 1 61  ? 8.41875   -10.86614 -5.76192  1.000 37.42636 ? 61  ASP A C   1 
ATOM   442 O  O   . ASP A 1 61  ? 8.49496   -10.95170 -6.99155  1.000 37.12767 ? 61  ASP A O   1 
ATOM   443 C  CB  . ASP A 1 61  ? 10.46778  -11.87958 -4.74731  1.000 42.12650 ? 61  ASP A CB  1 
ATOM   444 C  CG  . ASP A 1 61  ? 11.69292  -11.68328 -3.87124  1.000 49.82614 ? 61  ASP A CG  1 
ATOM   445 O  OD1 . ASP A 1 61  ? 12.22589  -10.55365 -3.83094  1.000 45.55632 ? 61  ASP A OD1 1 
ATOM   446 O  OD2 . ASP A 1 61  ? 12.12125  -12.65909 -3.22135  1.000 46.12669 ? 61  ASP A OD2 1 
ATOM   447 N  N   . SER A 1 62  ? 7.26463   -10.99849 -5.10888  1.000 36.77976 ? 62  SER A N   1 
ATOM   448 C  CA  . SER A 1 62  ? 6.02547   -11.31939 -5.80518  1.000 35.52120 ? 62  SER A CA  1 
ATOM   449 C  C   . SER A 1 62  ? 5.44886   -10.14337 -6.58334  1.000 35.04103 ? 62  SER A C   1 
ATOM   450 O  O   . SER A 1 62  ? 4.53729   -10.34735 -7.39249  1.000 34.13134 ? 62  SER A O   1 
ATOM   451 C  CB  . SER A 1 62  ? 4.98322   -11.83054 -4.80604  1.000 34.99331 ? 62  SER A CB  1 
ATOM   452 O  OG  . SER A 1 62  ? 4.79796   -10.90785 -3.74679  1.000 34.92080 ? 62  SER A OG  1 
ATOM   453 N  N   . VAL A 1 63  ? 5.94800   -8.92482  -6.36560  1.000 33.79732 ? 63  VAL A N   1 
ATOM   454 C  CA  . VAL A 1 63  ? 5.40161   -7.73758  -7.00953  1.000 32.67504 ? 63  VAL A CA  1 
ATOM   455 C  C   . VAL A 1 63  ? 6.45958   -6.90951  -7.72255  1.000 32.33271 ? 63  VAL A C   1 
ATOM   456 O  O   . VAL A 1 63  ? 6.12686   -5.87469  -8.30278  1.000 30.99564 ? 63  VAL A O   1 
ATOM   457 C  CB  . VAL A 1 63  ? 4.63450   -6.85885  -5.99995  1.000 31.07345 ? 63  VAL A CB  1 
ATOM   458 C  CG1 . VAL A 1 63  ? 3.50762   -7.65307  -5.34632  1.000 30.07747 ? 63  VAL A CG1 1 
ATOM   459 C  CG2 . VAL A 1 63  ? 5.58602   -6.30319  -4.95222  1.000 31.07682 ? 63  VAL A CG2 1 
ATOM   460 N  N   . LYS A 1 64  ? 7.72400   -7.32702  -7.70107  1.000 33.25852 ? 64  LYS A N   1 
ATOM   461 C  CA  . LYS A 1 64  ? 8.77181   -6.56377  -8.36722  1.000 33.00919 ? 64  LYS A CA  1 
ATOM   462 C  C   . LYS A 1 64  ? 8.53123   -6.52064  -9.87063  1.000 32.65235 ? 64  LYS A C   1 
ATOM   463 O  O   . LYS A 1 64  ? 8.15200   -7.52012  -10.48704 1.000 32.53347 ? 64  LYS A O   1 
ATOM   464 C  CB  . LYS A 1 64  ? 10.14432  -7.16903  -8.07076  1.000 34.59777 ? 64  LYS A CB  1 
ATOM   465 C  CG  . LYS A 1 64  ? 10.65188  -6.88579  -6.66936  1.000 36.27666 ? 64  LYS A CG  1 
ATOM   466 C  CD  . LYS A 1 64  ? 11.99658  -7.54343  -6.41893  1.000 39.47837 ? 64  LYS A CD  1 
ATOM   467 C  CE  . LYS A 1 64  ? 12.43797  -7.37037  -4.97339  1.000 40.84155 ? 64  LYS A CE  1 
ATOM   468 N  NZ  . LYS A 1 64  ? 13.66613  -8.15558  -4.66009  1.000 47.61349 ? 64  LYS A NZ  1 
ATOM   469 N  N   . GLY A 1 65  ? 8.75294   -5.34667  -10.46191 1.000 31.59570 ? 65  GLY A N   1 
ATOM   470 C  CA  . GLY A 1 65  ? 8.50335   -5.13635  -11.86997 1.000 30.66784 ? 65  GLY A CA  1 
ATOM   471 C  C   . GLY A 1 65  ? 7.06722   -4.83103  -12.22896 1.000 30.68286 ? 65  GLY A C   1 
ATOM   472 O  O   . GLY A 1 65  ? 6.81372   -4.32762  -13.33032 1.000 30.67291 ? 65  GLY A O   1 
ATOM   473 N  N   . ARG A 1 66  ? 6.11798   -5.11932  -11.34152 1.000 30.00823 ? 66  ARG A N   1 
ATOM   474 C  CA  . ARG A 1 66  ? 4.70553   -4.83642  -11.56564 1.000 28.84046 ? 66  ARG A CA  1 
ATOM   475 C  C   . ARG A 1 66  ? 4.16688   -3.72631  -10.68113 1.000 28.29432 ? 66  ARG A C   1 
ATOM   476 O  O   . ARG A 1 66  ? 3.39440   -2.88930  -11.15247 1.000 27.23603 ? 66  ARG A O   1 
ATOM   477 C  CB  . ARG A 1 66  ? 3.86522   -6.09588  -11.33329 1.000 29.24192 ? 66  ARG A CB  1 
ATOM   478 C  CG  . ARG A 1 66  ? 4.11587   -7.22753  -12.30678 1.000 29.11751 ? 66  ARG A CG  1 
ATOM   479 C  CD  . ARG A 1 66  ? 3.07838   -8.31373  -12.09571 1.000 29.60582 ? 66  ARG A CD  1 
ATOM   480 N  NE  . ARG A 1 66  ? 3.08387   -8.79625  -10.71989 1.000 30.64352 ? 66  ARG A NE  1 
ATOM   481 C  CZ  . ARG A 1 66  ? 2.00080   -9.16850  -10.05147 1.000 31.08234 ? 66  ARG A CZ  1 
ATOM   482 N  NH1 . ARG A 1 66  ? 0.79439   -9.08555  -10.58799 1.000 30.33245 ? 66  ARG A NH1 1 
ATOM   483 N  NH2 . ARG A 1 66  ? 2.13035   -9.62757  -8.81017  1.000 32.03968 ? 66  ARG A NH2 1 
ATOM   484 N  N   . PHE A 1 67  ? 4.54739   -3.70123  -9.40769  1.000 27.81712 ? 67  PHE A N   1 
ATOM   485 C  CA  . PHE A 1 67  ? 4.03437   -2.72309  -8.46021  1.000 27.95989 ? 67  PHE A CA  1 
ATOM   486 C  C   . PHE A 1 67  ? 5.07045   -1.63206  -8.22905  1.000 27.72864 ? 67  PHE A C   1 
ATOM   487 O  O   . PHE A 1 67  ? 6.27279   -1.90455  -8.17271  1.000 28.70410 ? 67  PHE A O   1 
ATOM   488 C  CB  . PHE A 1 67  ? 3.66577   -3.37578  -7.12344  1.000 27.33972 ? 67  PHE A CB  1 
ATOM   489 C  CG  . PHE A 1 67  ? 2.44600   -4.26549  -7.18004  1.000 27.89036 ? 67  PHE A CG  1 
ATOM   490 C  CD1 . PHE A 1 67  ? 1.92856   -4.70457  -8.38896  1.000 26.87296 ? 67  PHE A CD1 1 
ATOM   491 C  CD2 . PHE A 1 67  ? 1.81138   -4.65268  -6.01064  1.000 26.54222 ? 67  PHE A CD2 1 
ATOM   492 C  CE1 . PHE A 1 67  ? 0.81408   -5.52070  -8.43043  1.000 27.42719 ? 67  PHE A CE1 1 
ATOM   493 C  CE2 . PHE A 1 67  ? 0.69441   -5.46673  -6.04605  1.000 26.03679 ? 67  PHE A CE2 1 
ATOM   494 C  CZ  . PHE A 1 67  ? 0.19543   -5.90035  -7.25744  1.000 26.56655 ? 67  PHE A CZ  1 
ATOM   495 N  N   . THR A 1 68  ? 4.59682   -0.39528  -8.09447  1.000 26.40523 ? 68  THR A N   1 
ATOM   496 C  CA  . THR A 1 68  ? 5.45628   0.75111   -7.82282  1.000 27.55852 ? 68  THR A CA  1 
ATOM   497 C  C   . THR A 1 68  ? 4.88702   1.52591   -6.64557  1.000 27.71098 ? 68  THR A C   1 
ATOM   498 O  O   . THR A 1 68  ? 3.74560   1.99520   -6.70348  1.000 27.03382 ? 68  THR A O   1 
ATOM   499 C  CB  . THR A 1 68  ? 5.57604   1.66204   -9.04812  1.000 27.67070 ? 68  THR A CB  1 
ATOM   500 O  OG1 . THR A 1 68  ? 6.23479   0.95827   -10.10830 1.000 28.08936 ? 68  THR A OG1 1 
ATOM   501 C  CG2 . THR A 1 68  ? 6.36833   2.91321   -8.70393  1.000 28.39274 ? 68  THR A CG2 1 
ATOM   502 N  N   . ILE A 1 69  ? 5.67750   1.66268   -5.58523  1.000 27.79378 ? 69  ILE A N   1 
ATOM   503 C  CA  . ILE A 1 69  ? 5.29285   2.45238   -4.42172  1.000 27.82526 ? 69  ILE A CA  1 
ATOM   504 C  C   . ILE A 1 69  ? 5.92547   3.83076   -4.54149  1.000 28.75191 ? 69  ILE A C   1 
ATOM   505 O  O   . ILE A 1 69  ? 7.08745   3.96865   -4.94902  1.000 28.98432 ? 69  ILE A O   1 
ATOM   506 C  CB  . ILE A 1 69  ? 5.69136   1.75305   -3.10503  1.000 27.92961 ? 69  ILE A CB  1 
ATOM   507 C  CG1 . ILE A 1 69  ? 5.14251   2.51571   -1.89379  1.000 27.78284 ? 69  ILE A CG1 1 
ATOM   508 C  CG2 . ILE A 1 69  ? 7.20286   1.57555   -3.00629  1.000 28.95560 ? 69  ILE A CG2 1 
ATOM   509 C  CD1 . ILE A 1 69  ? 5.39582   1.81792   -0.57375  1.000 27.71714 ? 69  ILE A CD1 1 
ATOM   510 N  N   . SER A 1 70  ? 5.14517   4.85846   -4.22157  1.000 29.05648 ? 70  SER A N   1 
ATOM   511 C  CA  A SER A 1 70  ? 5.60978   6.23431   -4.27182  0.811 30.67594 ? 70  SER A CA  1 
ATOM   512 C  CA  B SER A 1 70  ? 5.60596   6.23663   -4.27537  0.189 29.84325 ? 70  SER A CA  1 
ATOM   513 C  C   . SER A 1 70  ? 4.95702   7.01424   -3.14003  1.000 31.18799 ? 70  SER A C   1 
ATOM   514 O  O   . SER A 1 70  ? 4.00223   6.55423   -2.50695  1.000 29.69727 ? 70  SER A O   1 
ATOM   515 C  CB  A SER A 1 70  ? 5.30142   6.88101   -5.62643  0.811 30.63277 ? 70  SER A CB  1 
ATOM   516 C  CB  B SER A 1 70  ? 5.28961   6.88906   -5.62777  0.189 29.28145 ? 70  SER A CB  1 
ATOM   517 O  OG  A SER A 1 70  ? 3.90618   6.90055   -5.86841  0.811 29.35570 ? 70  SER A OG  1 
ATOM   518 O  OG  B SER A 1 70  ? 5.84513   6.14668   -6.69984  0.189 29.16462 ? 70  SER A OG  1 
ATOM   519 N  N   . ARG A 1 71  ? 5.48384   8.20919   -2.88571  1.000 31.19942 ? 71  ARG A N   1 
ATOM   520 C  CA  . ARG A 1 71  ? 4.96453   9.05946   -1.82577  1.000 32.24380 ? 71  ARG A CA  1 
ATOM   521 C  C   . ARG A 1 71  ? 4.97789   10.51238  -2.27468  1.000 33.33945 ? 71  ARG A C   1 
ATOM   522 O  O   . ARG A 1 71  ? 5.88089   10.94252  -2.99828  1.000 33.41694 ? 71  ARG A O   1 
ATOM   523 C  CB  . ARG A 1 71  ? 5.77565   8.89585   -0.53167  1.000 32.27919 ? 71  ARG A CB  1 
ATOM   524 C  CG  . ARG A 1 71  ? 7.26805   9.13893   -0.69039  1.000 32.99072 ? 71  ARG A CG  1 
ATOM   525 C  CD  . ARG A 1 71  ? 7.65804   10.53247  -0.22929  1.000 35.44107 ? 71  ARG A CD  1 
ATOM   526 N  NE  . ARG A 1 71  ? 9.06502   10.81721  -0.48155  1.000 36.54887 ? 71  ARG A NE  1 
ATOM   527 C  CZ  . ARG A 1 71  ? 9.53208   11.34439  -1.60490  1.000 36.69626 ? 71  ARG A CZ  1 
ATOM   528 N  NH1 . ARG A 1 71  ? 8.72889   11.65712  -2.60841  1.000 36.27190 ? 71  ARG A NH1 1 
ATOM   529 N  NH2 . ARG A 1 71  ? 10.83803  11.56291  -1.72480  1.000 39.65001 ? 71  ARG A NH2 1 
ATOM   530 N  N   . ASP A 1 72  ? 3.96828   11.25999  -1.84091  1.000 35.63637 ? 72  ASP A N   1 
ATOM   531 C  CA  . ASP A 1 72  ? 3.86714   12.69670  -2.08427  1.000 37.15455 ? 72  ASP A CA  1 
ATOM   532 C  C   . ASP A 1 72  ? 3.90369   13.37147  -0.71631  1.000 37.33591 ? 72  ASP A C   1 
ATOM   533 O  O   . ASP A 1 72  ? 2.89315   13.39914  -0.00672  1.000 37.56203 ? 72  ASP A O   1 
ATOM   534 C  CB  . ASP A 1 72  ? 2.59305   13.03395  -2.85719  1.000 37.88933 ? 72  ASP A CB  1 
ATOM   535 C  CG  . ASP A 1 72  ? 2.59725   14.44811  -3.41664  1.000 40.77961 ? 72  ASP A CG  1 
ATOM   536 O  OD1 . ASP A 1 72  ? 3.16628   15.35563  -2.77390  1.000 41.39114 ? 72  ASP A OD1 1 
ATOM   537 O  OD2 . ASP A 1 72  ? 2.02063   14.65299  -4.50587  1.000 45.28962 ? 72  ASP A OD2 1 
ATOM   538 N  N   . LEU A 1 73  ? 5.07266   13.90484  -0.34618  1.000 38.13068 ? 73  LEU A N   1 
ATOM   539 C  CA  . LEU A 1 73  ? 5.23675   14.49251  0.98091   1.000 38.33276 ? 73  LEU A CA  1 
ATOM   540 C  C   . LEU A 1 73  ? 4.29350   15.66925  1.19041   1.000 38.40891 ? 73  LEU A C   1 
ATOM   541 O  O   . LEU A 1 73  ? 3.76239   15.85973  2.29098   1.000 38.82348 ? 73  LEU A O   1 
ATOM   542 C  CB  . LEU A 1 73  ? 6.68753   14.92742  1.18555   1.000 38.99149 ? 73  LEU A CB  1 
ATOM   543 C  CG  . LEU A 1 73  ? 7.73022   13.81404  1.29491   1.000 39.29868 ? 73  LEU A CG  1 
ATOM   544 C  CD1 . LEU A 1 73  ? 9.13484   14.38537  1.20926   1.000 39.33547 ? 73  LEU A CD1 1 
ATOM   545 C  CD2 . LEU A 1 73  ? 7.54916   13.03747  2.58866   1.000 38.76117 ? 73  LEU A CD2 1 
ATOM   546 N  N   . ALA A 1 74  ? 4.07483   16.47150  0.14626   1.000 39.09284 ? 74  ALA A N   1 
ATOM   547 C  CA  . ALA A 1 74  ? 3.17741   17.61488  0.26691   1.000 39.11796 ? 74  ALA A CA  1 
ATOM   548 C  C   . ALA A 1 74  ? 1.73761   17.17915  0.50720   1.000 39.08704 ? 74  ALA A C   1 
ATOM   549 O  O   . ALA A 1 74  ? 0.99126   17.86961  1.21151   1.000 39.29169 ? 74  ALA A O   1 
ATOM   550 C  CB  . ALA A 1 74  ? 3.26912   18.48650  -0.98530  1.000 39.77714 ? 74  ALA A CB  1 
ATOM   551 N  N   . LYS A 1 75  ? 1.33148   16.04530  -0.06155  1.000 38.72474 ? 75  LYS A N   1 
ATOM   552 C  CA  . LYS A 1 75  ? -0.01557  15.52661  0.12626   1.000 38.17603 ? 75  LYS A CA  1 
ATOM   553 C  C   . LYS A 1 75  ? -0.11388  14.51301  1.25701   1.000 37.50986 ? 75  LYS A C   1 
ATOM   554 O  O   . LYS A 1 75  ? -1.22911  14.10102  1.59692   1.000 36.43123 ? 75  LYS A O   1 
ATOM   555 C  CB  . LYS A 1 75  ? -0.52169  14.87963  -1.16748  1.000 39.09355 ? 75  LYS A CB  1 
ATOM   556 C  CG  . LYS A 1 75  ? -0.56019  15.81308  -2.36159  1.000 41.66169 ? 75  LYS A CG  1 
ATOM   557 C  CD  . LYS A 1 75  ? -1.08676  15.09942  -3.59587  1.000 44.00350 ? 75  LYS A CD  1 
ATOM   558 C  CE  . LYS A 1 75  ? -1.06646  16.01181  -4.81090  1.000 50.83064 ? 75  LYS A CE  1 
ATOM   559 N  NZ  . LYS A 1 75  ? -1.56327  15.32224  -6.03379  1.000 57.23192 ? 75  LYS A NZ  1 
ATOM   560 N  N   . SER A 1 76  ? 1.01625   14.10693  1.84069   1.000 37.40885 ? 76  SER A N   1 
ATOM   561 C  CA  . SER A 1 76  ? 1.04428   13.06732  2.87076   1.000 35.97595 ? 76  SER A CA  1 
ATOM   562 C  C   . SER A 1 76  ? 0.33868   11.80417  2.38586   1.000 34.53187 ? 76  SER A C   1 
ATOM   563 O  O   . SER A 1 76  ? -0.42316  11.16865  3.11710   1.000 33.34983 ? 76  SER A O   1 
ATOM   564 C  CB  . SER A 1 76  ? 0.43201   13.56736  4.18153   1.000 35.67798 ? 76  SER A CB  1 
ATOM   565 O  OG  . SER A 1 76  ? 1.20100   14.61642  4.74041   1.000 38.09914 ? 76  SER A OG  1 
ATOM   566 N  N   . THR A 1 77  ? 0.59143   11.44098  1.13094   1.000 34.35660 ? 77  THR A N   1 
ATOM   567 C  CA  . THR A 1 77  ? -0.07484  10.31431  0.49454   1.000 32.83592 ? 77  THR A CA  1 
ATOM   568 C  C   . THR A 1 77  ? 0.96494   9.36703   -0.08008  1.000 32.18632 ? 77  THR A C   1 
ATOM   569 O  O   . THR A 1 77  ? 1.88580   9.79895   -0.78001  1.000 32.77279 ? 77  THR A O   1 
ATOM   570 C  CB  . THR A 1 77  ? -1.02482  10.78594  -0.61019  1.000 32.38177 ? 77  THR A CB  1 
ATOM   571 O  OG1 . THR A 1 77  ? -1.96375  11.71959  -0.06275  1.000 33.13271 ? 77  THR A OG1 1 
ATOM   572 C  CG2 . THR A 1 77  ? -1.77962  9.60543   -1.20384  1.000 30.83774 ? 77  THR A CG2 1 
ATOM   573 N  N   . VAL A 1 78  ? 0.81791   8.08175   0.22342   1.000 31.21879 ? 78  VAL A N   1 
ATOM   574 C  CA  . VAL A 1 78  ? 1.64890   7.02645   -0.34069  1.000 30.37139 ? 78  VAL A CA  1 
ATOM   575 C  C   . VAL A 1 78  ? 0.80331   6.25494   -1.34324  1.000 29.87642 ? 78  VAL A C   1 
ATOM   576 O  O   . VAL A 1 78  ? -0.32855  5.86048   -1.03626  1.000 28.79213 ? 78  VAL A O   1 
ATOM   577 C  CB  . VAL A 1 78  ? 2.20618   6.10283   0.75609   1.000 29.94274 ? 78  VAL A CB  1 
ATOM   578 C  CG1 . VAL A 1 78  ? 2.87958   4.88630   0.14329   1.000 28.31146 ? 78  VAL A CG1 1 
ATOM   579 C  CG2 . VAL A 1 78  ? 3.18337   6.86948   1.63017   1.000 30.46508 ? 78  VAL A CG2 1 
ATOM   580 N  N   . TYR A 1 79  ? 1.34145   6.05718   -2.54261  1.000 29.27581 ? 79  TYR A N   1 
ATOM   581 C  CA  . TYR A 1 79  ? 0.62226   5.41079   -3.62822  1.000 28.89367 ? 79  TYR A CA  1 
ATOM   582 C  C   . TYR A 1 79  ? 1.20530   4.03198   -3.90593  1.000 27.82728 ? 79  TYR A C   1 
ATOM   583 O  O   . TYR A 1 79  ? 2.39209   3.78131   -3.67646  1.000 27.89129 ? 79  TYR A O   1 
ATOM   584 C  CB  . TYR A 1 79  ? 0.67824   6.25193   -4.90706  1.000 30.12294 ? 79  TYR A CB  1 
ATOM   585 C  CG  . TYR A 1 79  ? 0.24534   7.68921   -4.72835  1.000 32.35357 ? 79  TYR A CG  1 
ATOM   586 C  CD1 . TYR A 1 79  ? -1.07961  8.06415   -4.91030  1.000 32.59130 ? 79  TYR A CD1 1 
ATOM   587 C  CD2 . TYR A 1 79  ? 1.16456   8.67328   -4.38816  1.000 31.87502 ? 79  TYR A CD2 1 
ATOM   588 C  CE1 . TYR A 1 79  ? -1.47742  9.37800   -4.75283  1.000 33.77944 ? 79  TYR A CE1 1 
ATOM   589 C  CE2 . TYR A 1 79  ? 0.77677   9.98797   -4.22740  1.000 33.26320 ? 79  TYR A CE2 1 
ATOM   590 C  CZ  . TYR A 1 79  ? -0.54410  10.33538  -4.41113  1.000 35.24518 ? 79  TYR A CZ  1 
ATOM   591 O  OH  . TYR A 1 79  ? -0.93067  11.64587  -4.25108  1.000 37.05947 ? 79  TYR A OH  1 
ATOM   592 N  N   . LEU A 1 80  ? 0.35628   3.13729   -4.40667  1.000 27.19149 ? 80  LEU A N   1 
ATOM   593 C  CA  . LEU A 1 80  ? 0.78512   1.81889   -4.86869  1.000 26.61589 ? 80  LEU A CA  1 
ATOM   594 C  C   . LEU A 1 80  ? 0.20585   1.60866   -6.26367  1.000 27.43921 ? 80  LEU A C   1 
ATOM   595 O  O   . LEU A 1 80  ? -0.98041  1.29641   -6.41171  1.000 27.48833 ? 80  LEU A O   1 
ATOM   596 C  CB  . LEU A 1 80  ? 0.34617   0.71494   -3.91547  1.000 26.17226 ? 80  LEU A CB  1 
ATOM   597 C  CG  . LEU A 1 80  ? 0.88536   -0.66849  -4.28804  1.000 25.08146 ? 80  LEU A CG  1 
ATOM   598 C  CD1 . LEU A 1 80  ? 2.40007   -0.71444  -4.12391  1.000 25.68542 ? 80  LEU A CD1 1 
ATOM   599 C  CD2 . LEU A 1 80  ? 0.21312   -1.76060  -3.47131  1.000 24.81379 ? 80  LEU A CD2 1 
ATOM   600 N  N   . GLN A 1 81  ? 1.04405   1.79187   -7.28104  1.000 26.56882 ? 81  GLN A N   1 
ATOM   601 C  CA  . GLN A 1 81  ? 0.64877   1.54714   -8.66154  1.000 26.85345 ? 81  GLN A CA  1 
ATOM   602 C  C   . GLN A 1 81  ? 0.80676   0.06450   -8.96856  1.000 27.53995 ? 81  GLN A C   1 
ATOM   603 O  O   . GLN A 1 81  ? 1.92463   -0.45870  -8.96231  1.000 27.09881 ? 81  GLN A O   1 
ATOM   604 C  CB  . GLN A 1 81  ? 1.49562   2.38520   -9.61457  1.000 26.84173 ? 81  GLN A CB  1 
ATOM   605 C  CG  . GLN A 1 81  ? 1.17709   2.14959   -11.07688 1.000 26.95171 ? 81  GLN A CG  1 
ATOM   606 C  CD  . GLN A 1 81  ? -0.21406  2.61762   -11.43948 1.000 25.27173 ? 81  GLN A CD  1 
ATOM   607 O  OE1 . GLN A 1 81  ? -0.67025  3.65814   -10.96689 1.000 28.73099 ? 81  GLN A OE1 1 
ATOM   608 N  NE2 . GLN A 1 81  ? -0.90182  1.84756   -12.27543 1.000 26.03471 ? 81  GLN A NE2 1 
ATOM   609 N  N   . MET A 1 82  ? -0.30346  -0.61067  -9.23959  1.000 24.85415 ? 82  MET A N   1 
ATOM   610 C  CA  . MET A 1 82  ? -0.31709  -2.05516  -9.43964  1.000 26.84262 ? 82  MET A CA  1 
ATOM   611 C  C   . MET A 1 82  ? -0.64591  -2.34623  -10.89629 1.000 26.92078 ? 82  MET A C   1 
ATOM   612 O  O   . MET A 1 82  ? -1.79726  -2.20237  -11.31698 1.000 25.27791 ? 82  MET A O   1 
ATOM   613 C  CB  . MET A 1 82  ? -1.32621  -2.72056  -8.50846  1.000 26.12644 ? 82  MET A CB  1 
ATOM   614 C  CG  . MET A 1 82  ? -1.06066  -2.47312  -7.03613  1.000 25.99777 ? 82  MET A CG  1 
ATOM   615 S  SD  . MET A 1 82  ? -2.24734  -3.34409  -6.00242  1.000 26.99599 ? 82  MET A SD  1 
ATOM   616 C  CE  . MET A 1 82  ? -3.78055  -2.64815  -6.60402  1.000 24.86476 ? 82  MET A CE  1 
ATOM   617 N  N   . ASP A 1 83  ? 0.35843   -2.76377  -11.65697 1.000 26.46373 ? 83  ASP A N   1 
ATOM   618 C  CA  . ASP A 1 83  ? 0.18079   -3.09906  -13.06002 1.000 26.31379 ? 83  ASP A CA  1 
ATOM   619 C  C   . ASP A 1 83  ? 0.17363   -4.61022  -13.25783 1.000 26.58343 ? 83  ASP A C   1 
ATOM   620 O  O   . ASP A 1 83  ? 0.77105   -5.36177  -12.48186 1.000 26.01281 ? 83  ASP A O   1 
ATOM   621 C  CB  . ASP A 1 83  ? 1.28184   -2.46696  -13.91399 1.000 26.53277 ? 83  ASP A CB  1 
ATOM   622 C  CG  . ASP A 1 83  ? 1.17352   -0.95558  -13.97856 1.000 26.90174 ? 83  ASP A CG  1 
ATOM   623 O  OD1 . ASP A 1 83  ? 0.23735   -0.39611  -13.37279 1.000 27.98088 ? 83  ASP A OD1 1 
ATOM   624 O  OD2 . ASP A 1 83  ? 2.02382   -0.32552  -14.63847 1.000 28.04351 ? 83  ASP A OD2 1 
ATOM   625 N  N   . TYR A 1 84  ? -0.51472  -5.04040  -14.31433 1.000 25.14634 ? 84  TYR A N   1 
ATOM   626 C  CA  . TYR A 1 84  ? -0.58601  -6.44174  -14.72294 1.000 26.14628 ? 84  TYR A CA  1 
ATOM   627 C  C   . TYR A 1 84  ? -1.03998  -7.33022  -13.56565 1.000 26.78341 ? 84  TYR A C   1 
ATOM   628 O  O   . TYR A 1 84  ? -0.37654  -8.29348  -13.17782 1.000 27.30025 ? 84  TYR A O   1 
ATOM   629 C  CB  . TYR A 1 84  ? 0.75528   -6.90340  -15.29616 1.000 25.80302 ? 84  TYR A CB  1 
ATOM   630 C  CG  . TYR A 1 84  ? 1.16207   -6.12523  -16.52447 1.000 25.88383 ? 84  TYR A CG  1 
ATOM   631 C  CD1 . TYR A 1 84  ? 0.49612   -6.30154  -17.72912 1.000 26.12487 ? 84  TYR A CD1 1 
ATOM   632 C  CD2 . TYR A 1 84  ? 2.20231   -5.20766  -16.47885 1.000 25.94896 ? 84  TYR A CD2 1 
ATOM   633 C  CE1 . TYR A 1 84  ? 0.85470   -5.58983  -18.85628 1.000 26.50057 ? 84  TYR A CE1 1 
ATOM   634 C  CE2 . TYR A 1 84  ? 2.57091   -4.49009  -17.60310 1.000 26.66019 ? 84  TYR A CE2 1 
ATOM   635 C  CZ  . TYR A 1 84  ? 1.89272   -4.68544  -18.79016 1.000 26.01858 ? 84  TYR A CZ  1 
ATOM   636 O  OH  . TYR A 1 84  ? 2.25310   -3.97481  -19.91234 1.000 26.67076 ? 84  TYR A OH  1 
ATOM   637 N  N   . LEU A 1 85  ? -2.20156  -6.98119  -13.01858 1.000 25.67225 ? 85  LEU A N   1 
ATOM   638 C  CA  . LEU A 1 85  ? -2.74723  -7.70754  -11.88141 1.000 26.72842 ? 85  LEU A CA  1 
ATOM   639 C  C   . LEU A 1 85  ? -3.20831  -9.10054  -12.29627 1.000 27.49434 ? 85  LEU A C   1 
ATOM   640 O  O   . LEU A 1 85  ? -3.75814  -9.29754  -13.38372 1.000 26.44151 ? 85  LEU A O   1 
ATOM   641 C  CB  . LEU A 1 85  ? -3.90463  -6.92332  -11.26363 1.000 25.63612 ? 85  LEU A CB  1 
ATOM   642 C  CG  . LEU A 1 85  ? -3.47866  -5.68035  -10.47834 1.000 25.66341 ? 85  LEU A CG  1 
ATOM   643 C  CD1 . LEU A 1 85  ? -4.64112  -4.71952  -10.30081 1.000 25.48073 ? 85  LEU A CD1 1 
ATOM   644 C  CD2 . LEU A 1 85  ? -2.90677  -6.08493  -9.12848  1.000 25.57624 ? 85  LEU A CD2 1 
ATOM   645 N  N   . LYS A 1 86  ? -2.97213  -10.06874 -11.42101 1.000 27.86987 ? 86  LYS A N   1 
ATOM   646 C  CA  . LYS A 1 86  ? -3.31427  -11.46542 -11.62293 1.000 28.29561 ? 86  LYS A CA  1 
ATOM   647 C  C   . LYS A 1 86  ? -4.34531  -11.88757 -10.58535 1.000 28.34605 ? 86  LYS A C   1 
ATOM   648 O  O   . LYS A 1 86  ? -4.49552  -11.22990 -9.54880  1.000 26.40829 ? 86  LYS A O   1 
ATOM   649 C  CB  . LYS A 1 86  ? -2.06104  -12.34802 -11.51311 1.000 31.03049 ? 86  LYS A CB  1 
ATOM   650 C  CG  . LYS A 1 86  ? -0.95537  -11.94869 -12.47696 1.000 32.14577 ? 86  LYS A CG  1 
ATOM   651 C  CD  . LYS A 1 86  ? 0.42726   -12.10205 -11.85784 1.000 36.89660 ? 86  LYS A CD  1 
ATOM   652 C  CE  . LYS A 1 86  ? 1.04800   -13.45282 -12.17165 1.000 48.32703 ? 86  LYS A CE  1 
ATOM   653 N  NZ  . LYS A 1 86  ? 2.47753   -13.50605 -11.74689 1.000 47.93265 ? 86  LYS A NZ  1 
ATOM   654 N  N   . PRO A 1 87  ? -5.09333  -12.96620 -10.83990 1.000 27.73116 ? 87  PRO A N   1 
ATOM   655 C  CA  . PRO A 1 87  ? -6.03625  -13.44864 -9.81643  1.000 27.49816 ? 87  PRO A CA  1 
ATOM   656 C  C   . PRO A 1 87  ? -5.37534  -13.73488 -8.47863  1.000 28.60506 ? 87  PRO A C   1 
ATOM   657 O  O   . PRO A 1 87  ? -6.03197  -13.61954 -7.43577  1.000 26.34220 ? 87  PRO A O   1 
ATOM   658 C  CB  . PRO A 1 87  ? -6.61672  -14.71860 -10.45230 1.000 27.50424 ? 87  PRO A CB  1 
ATOM   659 C  CG  . PRO A 1 87  ? -6.50547  -14.47184 -11.92581 1.000 27.57586 ? 87  PRO A CG  1 
ATOM   660 C  CD  . PRO A 1 87  ? -5.22336  -13.70915 -12.10732 1.000 26.95842 ? 87  PRO A CD  1 
ATOM   661 N  N   . GLU A 1 88  ? -4.08622  -14.08684 -8.47731  1.000 28.82386 ? 88  GLU A N   1 
ATOM   662 C  CA  . GLU A 1 88  ? -3.35171  -14.26887 -7.23039  1.000 30.76238 ? 88  GLU A CA  1 
ATOM   663 C  C   . GLU A 1 88  ? -3.23408  -12.97548 -6.43284  1.000 29.12095 ? 88  GLU A C   1 
ATOM   664 O  O   . GLU A 1 88  ? -2.96906  -13.02772 -5.22695  1.000 29.91829 ? 88  GLU A O   1 
ATOM   665 C  CB  . GLU A 1 88  ? -1.94974  -14.81373 -7.51722  1.000 33.60376 ? 88  GLU A CB  1 
ATOM   666 C  CG  . GLU A 1 88  ? -1.07514  -13.84113 -8.30748  1.000 38.69176 ? 88  GLU A CG  1 
ATOM   667 C  CD  . GLU A 1 88  ? 0.41397   -14.05289 -8.08916  1.000 57.97635 ? 88  GLU A CD  1 
ATOM   668 O  OE1 . GLU A 1 88  ? 0.97828   -15.01030 -8.66161  1.000 58.34707 ? 88  GLU A OE1 1 
ATOM   669 O  OE2 . GLU A 1 88  ? 1.01976   -13.25534 -7.34112  1.000 51.26402 ? 88  GLU A OE2 1 
ATOM   670 N  N   . ASP A 1 89  ? -3.40613  -11.81951 -7.07692  1.000 28.02975 ? 89  ASP A N   1 
ATOM   671 C  CA  . ASP A 1 89  ? -3.31049  -10.53299 -6.39732  1.000 27.63454 ? 89  ASP A CA  1 
ATOM   672 C  C   . ASP A 1 89  ? -4.59664  -10.13937 -5.68400  1.000 27.20699 ? 89  ASP A C   1 
ATOM   673 O  O   . ASP A 1 89  ? -4.62996  -9.08354  -5.04380  1.000 22.39766 ? 89  ASP A O   1 
ATOM   674 C  CB  . ASP A 1 89  ? -2.92665  -9.43427  -7.39099  1.000 26.99632 ? 89  ASP A CB  1 
ATOM   675 C  CG  . ASP A 1 89  ? -1.55399  -9.64605  -7.99334  1.000 29.21519 ? 89  ASP A CG  1 
ATOM   676 O  OD1 . ASP A 1 89  ? -0.62489  -10.02655 -7.24847  1.000 29.33733 ? 89  ASP A OD1 1 
ATOM   677 O  OD2 . ASP A 1 89  ? -1.40540  -9.43313  -9.21557  1.000 29.22600 ? 89  ASP A OD2 1 
ATOM   678 N  N   . THR A 1 90  ? -5.64884  -10.94793 -5.77880  1.000 24.46468 ? 90  THR A N   1 
ATOM   679 C  CA  . THR A 1 90  ? -6.88814  -10.66383 -5.06490  1.000 25.65510 ? 90  THR A CA  1 
ATOM   680 C  C   . THR A 1 90  ? -6.65468  -10.77929 -3.56328  1.000 24.51458 ? 90  THR A C   1 
ATOM   681 O  O   . THR A 1 90  ? -6.23166  -11.83245 -3.07296  1.000 24.28298 ? 90  THR A O   1 
ATOM   682 C  CB  . THR A 1 90  ? -7.99050  -11.61917 -5.51666  1.000 23.98902 ? 90  THR A CB  1 
ATOM   683 O  OG1 . THR A 1 90  ? -8.30150  -11.36759 -6.89206  1.000 23.87479 ? 90  THR A OG1 1 
ATOM   684 C  CG2 . THR A 1 90  ? -9.24761  -11.42737 -4.67923  1.000 24.70378 ? 90  THR A CG2 1 
ATOM   685 N  N   . ALA A 1 91  ? -6.91833  -9.69291  -2.84018  1.000 25.26716 ? 91  ALA A N   1 
ATOM   686 C  CA  . ALA A 1 91  ? -6.74698  -9.63699  -1.39345  1.000 25.42135 ? 91  ALA A CA  1 
ATOM   687 C  C   . ALA A 1 91  ? -7.24334  -8.27984  -0.91130  1.000 26.30643 ? 91  ALA A C   1 
ATOM   688 O  O   . ALA A 1 91  ? -7.59490  -7.40415  -1.70794  1.000 23.64506 ? 91  ALA A O   1 
ATOM   689 C  CB  . ALA A 1 91  ? -5.29092  -9.84636  -0.97262  1.000 24.62678 ? 91  ALA A CB  1 
ATOM   690 N  N   . VAL A 1 92  ? -7.26422  -8.11679  0.40799   1.000 24.77668 ? 92  VAL A N   1 
ATOM   691 C  CA  . VAL A 1 92  ? -7.47671  -6.81366  1.02828   1.000 25.15126 ? 92  VAL A CA  1 
ATOM   692 C  C   . VAL A 1 92  ? -6.10977  -6.17908  1.24601   1.000 25.27949 ? 92  VAL A C   1 
ATOM   693 O  O   . VAL A 1 92  ? -5.23986  -6.76586  1.89858   1.000 21.62272 ? 92  VAL A O   1 
ATOM   694 C  CB  . VAL A 1 92  ? -8.24976  -6.93353  2.35012   1.000 24.72285 ? 92  VAL A CB  1 
ATOM   695 C  CG1 . VAL A 1 92  ? -8.53076  -5.55138  2.91867   1.000 25.66669 ? 92  VAL A CG1 1 
ATOM   696 C  CG2 . VAL A 1 92  ? -9.54037  -7.70243  2.13616   1.000 25.75537 ? 92  VAL A CG2 1 
ATOM   697 N  N   . TYR A 1 93  ? -5.91540  -4.98589  0.69648   1.000 21.58735 ? 93  TYR A N   1 
ATOM   698 C  CA  . TYR A 1 93  ? -4.62690  -4.31064  0.73934   1.000 25.36592 ? 93  TYR A CA  1 
ATOM   699 C  C   . TYR A 1 93  ? -4.62008  -3.28845  1.86533   1.000 25.73506 ? 93  TYR A C   1 
ATOM   700 O  O   . TYR A 1 93  ? -5.54522  -2.47981  1.98439   1.000 23.64396 ? 93  TYR A O   1 
ATOM   701 C  CB  . TYR A 1 93  ? -4.31713  -3.64241  -0.60109  1.000 23.77366 ? 93  TYR A CB  1 
ATOM   702 C  CG  . TYR A 1 93  ? -3.90194  -4.62264  -1.67521  1.000 23.82618 ? 93  TYR A CG  1 
ATOM   703 C  CD1 . TYR A 1 93  ? -4.79360  -5.57292  -2.15741  1.000 24.21887 ? 93  TYR A CD1 1 
ATOM   704 C  CD2 . TYR A 1 93  ? -2.61838  -4.60014  -2.20629  1.000 23.34533 ? 93  TYR A CD2 1 
ATOM   705 C  CE1 . TYR A 1 93  ? -4.41915  -6.47429  -3.13583  1.000 23.45775 ? 93  TYR A CE1 1 
ATOM   706 C  CE2 . TYR A 1 93  ? -2.23651  -5.49647  -3.18805  1.000 23.66461 ? 93  TYR A CE2 1 
ATOM   707 C  CZ  . TYR A 1 93  ? -3.13967  -6.43107  -3.64798  1.000 24.36266 ? 93  TYR A CZ  1 
ATOM   708 O  OH  . TYR A 1 93  ? -2.76263  -7.32459  -4.62354  1.000 23.30337 ? 93  TYR A OH  1 
ATOM   709 N  N   . TYR A 1 94  ? -3.58226  -3.33787  2.69224   1.000 24.85176 ? 94  TYR A N   1 
ATOM   710 C  CA  . TYR A 1 94  ? -3.42470  -2.43151  3.81724   1.000 25.08206 ? 94  TYR A CA  1 
ATOM   711 C  C   . TYR A 1 94  ? -2.13906  -1.63869  3.65787   1.000 25.86283 ? 94  TYR A C   1 
ATOM   712 O  O   . TYR A 1 94  ? -1.12506  -2.17023  3.19590   1.000 25.38116 ? 94  TYR A O   1 
ATOM   713 C  CB  . TYR A 1 94  ? -3.38147  -3.18810  5.14891   1.000 24.59766 ? 94  TYR A CB  1 
ATOM   714 C  CG  . TYR A 1 94  ? -4.61710  -3.99737  5.46491   1.000 24.84295 ? 94  TYR A CG  1 
ATOM   715 C  CD1 . TYR A 1 94  ? -4.75394  -5.29708  5.00005   1.000 25.08116 ? 94  TYR A CD1 1 
ATOM   716 C  CD2 . TYR A 1 94  ? -5.63743  -3.46922  6.24589   1.000 25.37795 ? 94  TYR A CD2 1 
ATOM   717 C  CE1 . TYR A 1 94  ? -5.87359  -6.04334  5.29070   1.000 25.41753 ? 94  TYR A CE1 1 
ATOM   718 C  CE2 . TYR A 1 94  ? -6.76537  -4.21149  6.54305   1.000 25.99633 ? 94  TYR A CE2 1 
ATOM   719 C  CZ  . TYR A 1 94  ? -6.87624  -5.49779  6.06205   1.000 25.30948 ? 94  TYR A CZ  1 
ATOM   720 O  OH  . TYR A 1 94  ? -7.99262  -6.24501  6.35100   1.000 24.91293 ? 94  TYR A OH  1 
ATOM   721 N  N   . CYS A 1 95  ? -2.18090  -0.37220  4.05433   1.000 24.88731 ? 95  CYS A N   1 
ATOM   722 C  CA  . CYS A 1 95  ? -0.98312  0.44195   4.17373   1.000 26.19620 ? 95  CYS A CA  1 
ATOM   723 C  C   . CYS A 1 95  ? -0.69981  0.71311   5.64282   1.000 27.15905 ? 95  CYS A C   1 
ATOM   724 O  O   . CYS A 1 95  ? -1.62367  0.87905   6.44534   1.000 25.64741 ? 95  CYS A O   1 
ATOM   725 C  CB  . CYS A 1 95  ? -1.11495  1.76413   3.41062   1.000 25.86650 ? 95  CYS A CB  1 
ATOM   726 S  SG  . CYS A 1 95  ? -2.31042  2.94627   4.07847   1.000 28.55439 ? 95  CYS A SG  1 
ATOM   727 N  N   . ASN A 1 96  ? 0.57848   0.73323   5.99248   1.000 26.63628 ? 96  ASN A N   1 
ATOM   728 C  CA  . ASN A 1 96  ? 1.00754   1.07078   7.33651   1.000 26.74136 ? 96  ASN A CA  1 
ATOM   729 C  C   . ASN A 1 96  ? 1.97554   2.23975   7.26676   1.000 29.20666 ? 96  ASN A C   1 
ATOM   730 O  O   . ASN A 1 96  ? 2.48603   2.59160   6.20141   1.000 27.15158 ? 96  ASN A O   1 
ATOM   731 C  CB  . ASN A 1 96  ? 1.65132   -0.13347  8.04497   1.000 26.93590 ? 96  ASN A CB  1 
ATOM   732 C  CG  . ASN A 1 96  ? 3.10847   -0.34481  7.65561   1.000 27.98475 ? 96  ASN A CG  1 
ATOM   733 O  OD1 . ASN A 1 96  ? 3.51101   -0.07216  6.52469   1.000 28.21017 ? 96  ASN A OD1 1 
ATOM   734 N  ND2 . ASN A 1 96  ? 3.90618   -0.83476  8.59883   1.000 29.03739 ? 96  ASN A ND2 1 
ATOM   735 N  N   . ALA A 1 97  ? 2.22675   2.84099   8.42371   1.000 27.99882 ? 97  ALA A N   1 
ATOM   736 C  CA  . ALA A 1 97  ? 3.14870   3.96374   8.52010   1.000 30.82117 ? 97  ALA A CA  1 
ATOM   737 C  C   . ALA A 1 97  ? 3.84874   3.90570   9.86651   1.000 32.72481 ? 97  ALA A C   1 
ATOM   738 O  O   . ALA A 1 97  ? 3.18915   3.88400   10.91003  1.000 33.19295 ? 97  ALA A O   1 
ATOM   739 C  CB  . ALA A 1 97  ? 2.41653   5.29641   8.35183   1.000 30.14609 ? 97  ALA A CB  1 
ATOM   740 N  N   . ASP A 1 98  ? 5.17723   3.87273   9.84219   1.000 33.79192 ? 98  ASP A N   1 
ATOM   741 C  CA  . ASP A 1 98  ? 5.97701   3.90945   11.05850  1.000 35.61000 ? 98  ASP A CA  1 
ATOM   742 C  C   . ASP A 1 98  ? 6.32263   5.36007   11.36755  1.000 36.68615 ? 98  ASP A C   1 
ATOM   743 O  O   . ASP A 1 98  ? 6.95323   6.03843   10.55016  1.000 36.80950 ? 98  ASP A O   1 
ATOM   744 C  CB  . ASP A 1 98  ? 7.24354   3.06902   10.90009  1.000 36.87488 ? 98  ASP A CB  1 
ATOM   745 C  CG  . ASP A 1 98  ? 6.94468   1.59657   10.68131  1.000 37.56057 ? 98  ASP A CG  1 
ATOM   746 O  OD1 . ASP A 1 98  ? 6.01305   1.07118   11.32493  1.000 36.24991 ? 98  ASP A OD1 1 
ATOM   747 O  OD2 . ASP A 1 98  ? 7.64387   0.96083   9.86382   1.000 48.55796 ? 98  ASP A OD2 1 
ATOM   748 N  N   . PHE A 1 99  ? 5.90148   5.83795   12.53510  1.000 38.21416 ? 99  PHE A N   1 
ATOM   749 C  CA  . PHE A 1 99  ? 6.15138   7.21204   12.93917  1.000 40.41441 ? 99  PHE A CA  1 
ATOM   750 C  C   . PHE A 1 99  ? 6.73191   7.23726   14.34706  1.000 42.28387 ? 99  PHE A C   1 
ATOM   751 O  O   . PHE A 1 99  ? 6.84360   6.20711   15.01866  1.000 43.83188 ? 99  PHE A O   1 
ATOM   752 C  CB  . PHE A 1 99  ? 4.87724   8.06917   12.85311  1.000 39.83706 ? 99  PHE A CB  1 
ATOM   753 C  CG  . PHE A 1 99  ? 3.74882   7.59747   13.73167  1.000 40.90298 ? 99  PHE A CG  1 
ATOM   754 C  CD1 . PHE A 1 99  ? 2.95083   6.52992   13.35135  1.000 38.45468 ? 99  PHE A CD1 1 
ATOM   755 C  CD2 . PHE A 1 99  ? 3.46293   8.24861   14.92118  1.000 41.97135 ? 99  PHE A CD2 1 
ATOM   756 C  CE1 . PHE A 1 99  ? 1.90435   6.10588   14.15224  1.000 37.60770 ? 99  PHE A CE1 1 
ATOM   757 C  CE2 . PHE A 1 99  ? 2.41664   7.83155   15.72490  1.000 41.91078 ? 99  PHE A CE2 1 
ATOM   758 C  CZ  . PHE A 1 99  ? 1.63507   6.75986   15.33873  1.000 40.53334 ? 99  PHE A CZ  1 
ATOM   759 N  N   . ASP A 1 100 ? 7.11247   8.44104   14.78102  1.000 43.21767 ? 100 ASP A N   1 
ATOM   760 C  CA  . ASP A 1 100 ? 7.78768   8.66023   16.06108  1.000 45.67267 ? 100 ASP A CA  1 
ATOM   761 C  C   . ASP A 1 100 ? 9.08761   7.85559   16.13292  1.000 46.17043 ? 100 ASP A C   1 
ATOM   762 O  O   . ASP A 1 100 ? 9.26499   6.97699   16.97995  1.000 45.95293 ? 100 ASP A O   1 
ATOM   763 C  CB  . ASP A 1 100 ? 6.86279   8.33245   17.23962  1.000 48.06553 ? 100 ASP A CB  1 
ATOM   764 C  CG  . ASP A 1 100 ? 5.67709   9.27317   17.32917  1.000 57.08771 ? 100 ASP A CG  1 
ATOM   765 O  OD1 . ASP A 1 100 ? 5.60179   10.21414  16.51151  1.000 57.25323 ? 100 ASP A OD1 1 
ATOM   766 O  OD2 . ASP A 1 100 ? 4.81998   9.07188   18.21685  1.000 60.25554 ? 100 ASP A OD2 1 
ATOM   767 N  N   . PHE A 1 101 ? 9.99919   8.18018   15.21123  1.000 45.53673 ? 101 PHE A N   1 
ATOM   768 C  CA  . PHE A 1 101 ? 11.30971  7.53170   15.11757  1.000 45.91119 ? 101 PHE A CA  1 
ATOM   769 C  C   . PHE A 1 101 ? 11.17033  6.02189   14.93299  1.000 45.26081 ? 101 PHE A C   1 
ATOM   770 O  O   . PHE A 1 101 ? 11.96727  5.23599   15.45068  1.000 45.99316 ? 101 PHE A O   1 
ATOM   771 C  CB  . PHE A 1 101 ? 12.17968  7.85473   16.33554  1.000 47.18745 ? 101 PHE A CB  1 
ATOM   772 N  N   . GLY A 1 102 ? 10.14799  5.61268   14.18483  1.000 44.26556 ? 102 GLY A N   1 
ATOM   773 C  CA  . GLY A 1 102 ? 9.93707   4.20307   13.92938  1.000 43.05583 ? 102 GLY A CA  1 
ATOM   774 C  C   . GLY A 1 102 ? 9.52273   3.39754   15.13623  1.000 44.54344 ? 102 GLY A C   1 
ATOM   775 O  O   . GLY A 1 102 ? 9.69785   2.17680   15.14249  1.000 43.41990 ? 102 GLY A O   1 
ATOM   776 N  N   . SER A 1 103 ? 8.97571   4.04571   16.16522  1.000 44.14121 ? 103 SER A N   1 
ATOM   777 C  CA  . SER A 1 103 ? 8.54121   3.34771   17.36730  1.000 45.38069 ? 103 SER A CA  1 
ATOM   778 C  C   . SER A 1 103 ? 7.03695   3.12679   17.42531  1.000 44.88903 ? 103 SER A C   1 
ATOM   779 O  O   . SER A 1 103 ? 6.57934   2.28380   18.20387  1.000 45.82313 ? 103 SER A O   1 
ATOM   780 C  CB  . SER A 1 103 ? 8.97901   4.11701   18.61712  1.000 46.49839 ? 103 SER A CB  1 
ATOM   781 O  OG  . SER A 1 103 ? 8.42558   5.42116   18.63702  1.000 47.03058 ? 103 SER A OG  1 
ATOM   782 N  N   . ARG A 1 104 ? 6.26341   3.86028   16.63533  1.000 43.53649 ? 104 ARG A N   1 
ATOM   783 C  CA  . ARG A 1 104 ? 4.82583   3.67126   16.53755  1.000 41.69286 ? 104 ARG A CA  1 
ATOM   784 C  C   . ARG A 1 104 ? 4.46405   3.20188   15.13573  1.000 38.66029 ? 104 ARG A C   1 
ATOM   785 O  O   . ARG A 1 104 ? 5.20469   3.41768   14.17515  1.000 38.59893 ? 104 ARG A O   1 
ATOM   786 C  CB  . ARG A 1 104 ? 4.07397   4.96764   16.86240  1.000 42.89248 ? 104 ARG A CB  1 
ATOM   787 C  CG  . ARG A 1 104 ? 4.38897   5.57825   18.21224  1.000 45.11551 ? 104 ARG A CG  1 
ATOM   788 C  CD  . ARG A 1 104 ? 3.83276   4.74982   19.34644  1.000 48.04122 ? 104 ARG A CD  1 
ATOM   789 N  NE  . ARG A 1 104 ? 3.76137   5.52405   20.57834  1.000 51.44739 ? 104 ARG A NE  1 
ATOM   790 C  CZ  . ARG A 1 104 ? 4.80143   5.80513   21.35075  1.000 51.65788 ? 104 ARG A CZ  1 
ATOM   791 N  NH1 . ARG A 1 104 ? 6.02543   5.41788   21.03268  1.000 57.62074 ? 104 ARG A NH1 1 
ATOM   792 N  NH2 . ARG A 1 104 ? 4.60873   6.49551   22.46978  1.000 54.50057 ? 104 ARG A NH2 1 
ATOM   793 N  N   . THR A 1 105 ? 3.30736   2.55755   15.02913  1.000 36.75857 ? 105 THR A N   1 
ATOM   794 C  CA  . THR A 1 105 ? 2.80270   2.08371   13.75083  1.000 34.01956 ? 105 THR A CA  1 
ATOM   795 C  C   . THR A 1 105 ? 1.30581   2.33883   13.67578  1.000 32.61497 ? 105 THR A C   1 
ATOM   796 O  O   . THR A 1 105 ? 0.58261   2.13093   14.65241  1.000 32.58814 ? 105 THR A O   1 
ATOM   797 C  CB  . THR A 1 105 ? 3.09101   0.59071   13.55509  1.000 32.94608 ? 105 THR A CB  1 
ATOM   798 O  OG1 . THR A 1 105 ? 4.49883   0.36272   13.67888  1.000 35.68005 ? 105 THR A OG1 1 
ATOM   799 C  CG2 . THR A 1 105 ? 2.61546   0.12777   12.18596  1.000 31.18588 ? 105 THR A CG2 1 
ATOM   800 N  N   . ALA A 1 106 ? 0.85207   2.81392   12.52200  1.000 31.39020 ? 106 ALA A N   1 
ATOM   801 C  CA  . ALA A 1 106 ? -0.56179  2.98948   12.23682  1.000 29.86357 ? 106 ALA A CA  1 
ATOM   802 C  C   . ALA A 1 106 ? -0.90648  2.20820   10.97901  1.000 29.26234 ? 106 ALA A C   1 
ATOM   803 O  O   . ALA A 1 106 ? -0.09168  2.09677   10.05981  1.000 26.91434 ? 106 ALA A O   1 
ATOM   804 C  CB  . ALA A 1 106 ? -0.92469  4.46854   12.04971  1.000 31.11833 ? 106 ALA A CB  1 
ATOM   805 N  N   . TRP A 1 107 ? -2.11453  1.65667   10.95124  1.000 26.12620 ? 107 TRP A N   1 
ATOM   806 C  CA  . TRP A 1 107 ? -2.60111  0.87178   9.82649   1.000 28.08787 ? 107 TRP A CA  1 
ATOM   807 C  C   . TRP A 1 107 ? -3.81267  1.54967   9.20631   1.000 27.46259 ? 107 TRP A C   1 
ATOM   808 O  O   . TRP A 1 107 ? -4.65249  2.11306   9.91621   1.000 26.33957 ? 107 TRP A O   1 
ATOM   809 C  CB  . TRP A 1 107 ? -2.98733  -0.54914  10.25811  1.000 26.39974 ? 107 TRP A CB  1 
ATOM   810 C  CG  . TRP A 1 107 ? -1.82645  -1.44348  10.52212  1.000 26.58662 ? 107 TRP A CG  1 
ATOM   811 C  CD1 . TRP A 1 107 ? -1.25651  -1.71263  11.73029  1.000 26.83169 ? 107 TRP A CD1 1 
ATOM   812 C  CD2 . TRP A 1 107 ? -1.09335  -2.19930  9.55370   1.000 26.74269 ? 107 TRP A CD2 1 
ATOM   813 N  NE1 . TRP A 1 107 ? -0.20964  -2.58840  11.57499  1.000 27.56235 ? 107 TRP A NE1 1 
ATOM   814 C  CE2 . TRP A 1 107 ? -0.08943  -2.90241  10.24664  1.000 26.71807 ? 107 TRP A CE2 1 
ATOM   815 C  CE3 . TRP A 1 107 ? -1.18874  -2.35005  8.16653   1.000 25.59331 ? 107 TRP A CE3 1 
ATOM   816 C  CZ2 . TRP A 1 107 ? 0.81472   -3.74202  9.60000   1.000 27.27991 ? 107 TRP A CZ2 1 
ATOM   817 C  CZ3 . TRP A 1 107 ? -0.29068  -3.18302  7.52676   1.000 26.02250 ? 107 TRP A CZ3 1 
ATOM   818 C  CH2 . TRP A 1 107 ? 0.69812   -3.86856  8.24337   1.000 26.30925 ? 107 TRP A CH2 1 
ATOM   819 N  N   . GLY A 1 108 ? -3.90088  1.48929   7.88252   1.000 25.93272 ? 108 GLY A N   1 
ATOM   820 C  CA  . GLY A 1 108 ? -5.10648  1.90701   7.20197   1.000 27.25304 ? 108 GLY A CA  1 
ATOM   821 C  C   . GLY A 1 108 ? -6.23064  0.90814   7.40012   1.000 26.70662 ? 108 GLY A C   1 
ATOM   822 O  O   . GLY A 1 108 ? -6.04909  -0.19587  7.91718   1.000 25.44258 ? 108 GLY A O   1 
ATOM   823 N  N   . GLN A 1 109 ? -7.42814  1.31286   6.97556   1.000 27.42791 ? 109 GLN A N   1 
ATOM   824 C  CA  . GLN A 1 109 ? -8.60448  0.47011   7.14351   1.000 27.03329 ? 109 GLN A CA  1 
ATOM   825 C  C   . GLN A 1 109 ? -8.66118  -0.67116  6.13780   1.000 27.22231 ? 109 GLN A C   1 
ATOM   826 O  O   . GLN A 1 109 ? -9.46164  -1.59548  6.31883   1.000 26.80556 ? 109 GLN A O   1 
ATOM   827 C  CB  . GLN A 1 109 ? -9.88168  1.31551   7.04692   1.000 27.15185 ? 109 GLN A CB  1 
ATOM   828 C  CG  . GLN A 1 109 ? -10.42315 1.53020   5.63347   1.000 26.93806 ? 109 GLN A CG  1 
ATOM   829 C  CD  . GLN A 1 109 ? -9.71506  2.63972   4.87266   1.000 28.19816 ? 109 GLN A CD  1 
ATOM   830 O  OE1 . GLN A 1 109 ? -8.63561  3.08843   5.25838   1.000 28.13173 ? 109 GLN A OE1 1 
ATOM   831 N  NE2 . GLN A 1 109 ? -10.32820 3.08961   3.78307   1.000 28.53530 ? 109 GLN A NE2 1 
ATOM   832 N  N   . GLY A 1 110 ? -7.83608  -0.63588  5.10364   1.000 26.96778 ? 110 GLY A N   1 
ATOM   833 C  CA  . GLY A 1 110 ? -7.82320  -1.69144  4.10463   1.000 25.94485 ? 110 GLY A CA  1 
ATOM   834 C  C   . GLY A 1 110 ? -8.78981  -1.42587  2.96971   1.000 26.87229 ? 110 GLY A C   1 
ATOM   835 O  O   . GLY A 1 110 ? -9.83559  -0.79851  3.13150   1.000 26.62595 ? 110 GLY A O   1 
ATOM   836 N  N   . THR A 1 111 ? -8.42422  -1.91463  1.78661   1.000 26.27951 ? 111 THR A N   1 
ATOM   837 C  CA  . THR A 1 111 ? -9.28517  -1.81019  0.61860   1.000 26.54847 ? 111 THR A CA  1 
ATOM   838 C  C   . THR A 1 111 ? -9.23828  -3.11657  -0.16132  1.000 27.04540 ? 111 THR A C   1 
ATOM   839 O  O   . THR A 1 111 ? -8.17367  -3.72357  -0.31561  1.000 26.56767 ? 111 THR A O   1 
ATOM   840 C  CB  . THR A 1 111 ? -8.88745  -0.62509  -0.27742  1.000 26.82276 ? 111 THR A CB  1 
ATOM   841 O  OG1 . THR A 1 111 ? -9.73707  -0.59138  -1.43099  1.000 28.39210 ? 111 THR A OG1 1 
ATOM   842 C  CG2 . THR A 1 111 ? -7.43452  -0.73045  -0.72013  1.000 26.33800 ? 111 THR A CG2 1 
ATOM   843 N  N   . GLN A 1 112 ? -10.40345 -3.55304  -0.63384  1.000 26.29365 ? 112 GLN A N   1 
ATOM   844 C  CA  . GLN A 1 112 ? -10.51564 -4.83437  -1.31637  1.000 28.03737 ? 112 GLN A CA  1 
ATOM   845 C  C   . GLN A 1 112 ? -10.13052 -4.68057  -2.78185  1.000 26.92596 ? 112 GLN A C   1 
ATOM   846 O  O   . GLN A 1 112 ? -10.60679 -3.76981  -3.46871  1.000 25.23158 ? 112 GLN A O   1 
ATOM   847 C  CB  . GLN A 1 112 ? -11.93878 -5.38186  -1.19749  1.000 29.17390 ? 112 GLN A CB  1 
ATOM   848 C  CG  . GLN A 1 112 ? -12.20993 -6.62936  -2.03235  1.000 30.59006 ? 112 GLN A CG  1 
ATOM   849 C  CD  . GLN A 1 112 ? -11.54122 -7.86823  -1.47191  1.000 36.49729 ? 112 GLN A CD  1 
ATOM   850 O  OE1 . GLN A 1 112 ? -11.59731 -8.12281  -0.27036  1.000 40.85812 ? 112 GLN A OE1 1 
ATOM   851 N  NE2 . GLN A 1 112 ? -10.90131 -8.64544  -2.34098  1.000 28.92210 ? 112 GLN A NE2 1 
ATOM   852 N  N   . VAL A 1 113 ? -9.25226  -5.56119  -3.25149  1.000 27.03400 ? 113 VAL A N   1 
ATOM   853 C  CA  . VAL A 1 113 ? -8.86594  -5.63317  -4.65482  1.000 26.22534 ? 113 VAL A CA  1 
ATOM   854 C  C   . VAL A 1 113 ? -9.21405  -7.02835  -5.14291  1.000 26.05613 ? 113 VAL A C   1 
ATOM   855 O  O   . VAL A 1 113 ? -8.72345  -8.02283  -4.59418  1.000 25.88158 ? 113 VAL A O   1 
ATOM   856 C  CB  . VAL A 1 113 ? -7.37189  -5.33691  -4.86135  1.000 25.49016 ? 113 VAL A CB  1 
ATOM   857 C  CG1 . VAL A 1 113 ? -6.98720  -5.53899  -6.32371  1.000 24.06033 ? 113 VAL A CG1 1 
ATOM   858 C  CG2 . VAL A 1 113 ? -7.03863  -3.92484  -4.40849  1.000 25.75724 ? 113 VAL A CG2 1 
ATOM   859 N  N   . THR A 1 114 ? -10.06932 -7.10546  -6.15639  1.000 25.87918 ? 114 THR A N   1 
ATOM   860 C  CA  . THR A 1 114 ? -10.46507 -8.37554  -6.74866  1.000 25.91642 ? 114 THR A CA  1 
ATOM   861 C  C   . THR A 1 114 ? -10.10359 -8.35684  -8.22461  1.000 26.00679 ? 114 THR A C   1 
ATOM   862 O  O   . THR A 1 114 ? -10.54626 -7.47215  -8.96590  1.000 24.92825 ? 114 THR A O   1 
ATOM   863 C  CB  . THR A 1 114 ? -11.96014 -8.63761  -6.56451  1.000 26.53413 ? 114 THR A CB  1 
ATOM   864 O  OG1 . THR A 1 114 ? -12.27873 -8.61907  -5.16872  1.000 27.14259 ? 114 THR A OG1 1 
ATOM   865 C  CG2 . THR A 1 114 ? -12.32747 -9.99511  -7.14232  1.000 26.23894 ? 114 THR A CG2 1 
ATOM   866 N  N   . VAL A 1 115 ? -9.29814  -9.32476  -8.64330  1.000 25.67215 ? 115 VAL A N   1 
ATOM   867 C  CA  . VAL A 1 115 ? -8.88774  -9.46608  -10.03312 1.000 25.90299 ? 115 VAL A CA  1 
ATOM   868 C  C   . VAL A 1 115 ? -9.70229  -10.60514 -10.62803 1.000 26.46806 ? 115 VAL A C   1 
ATOM   869 O  O   . VAL A 1 115 ? -9.48650  -11.77558 -10.29691 1.000 26.90741 ? 115 VAL A O   1 
ATOM   870 C  CB  . VAL A 1 115 ? -7.38153  -9.72505  -10.15267 1.000 25.29171 ? 115 VAL A CB  1 
ATOM   871 C  CG1 . VAL A 1 115 ? -6.95116  -9.67274  -11.60771 1.000 26.48048 ? 115 VAL A CG1 1 
ATOM   872 C  CG2 . VAL A 1 115 ? -6.60826  -8.71361  -9.32131  1.000 25.85810 ? 115 VAL A CG2 1 
ATOM   873 N  N   . SER A 1 116 ? -10.64386 -10.26894 -11.50534 1.000 27.44383 ? 116 SER A N   1 
ATOM   874 C  CA  . SER A 1 116 ? -11.56656 -11.25952 -12.03524 1.000 28.46718 ? 116 SER A CA  1 
ATOM   875 C  C   . SER A 1 116 ? -12.05690 -10.82640 -13.40808 1.000 29.16635 ? 116 SER A C   1 
ATOM   876 O  O   . SER A 1 116 ? -12.21609 -9.63377  -13.68077 1.000 27.33919 ? 116 SER A O   1 
ATOM   877 C  CB  . SER A 1 116 ? -12.76130 -11.46448 -11.09664 1.000 28.20176 ? 116 SER A CB  1 
ATOM   878 O  OG  . SER A 1 116 ? -13.74992 -12.27507 -11.70629 1.000 29.48138 ? 116 SER A OG  1 
ATOM   879 N  N   . SER A 1 117 ? -12.29605 -11.81637 -14.27079 1.000 30.76688 ? 117 SER A N   1 
ATOM   880 C  CA  . SER A 1 117 ? -12.91813 -11.57147 -15.56605 1.000 30.71317 ? 117 SER A CA  1 
ATOM   881 C  C   . SER A 1 117 ? -14.43437 -11.46731 -15.47345 1.000 30.66359 ? 117 SER A C   1 
ATOM   882 O  O   . SER A 1 117 ? -15.06935 -10.98417 -16.41741 1.000 31.36042 ? 117 SER A O   1 
ATOM   883 C  CB  . SER A 1 117 ? -12.54160 -12.68300 -16.55067 1.000 31.97543 ? 117 SER A CB  1 
ATOM   884 O  OG  . SER A 1 117 ? -11.13897 -12.73788 -16.74531 1.000 33.17167 ? 117 SER A OG  1 
ATOM   885 N  N   . GLY A 1 118 ? -15.02295 -11.90221 -14.36474 1.000 30.60872 ? 118 GLY A N   1 
ATOM   886 C  CA  . GLY A 1 118 ? -16.46391 -11.87768 -14.20295 1.000 30.19088 ? 118 GLY A CA  1 
ATOM   887 C  C   . GLY A 1 118 ? -17.12022 -13.19325 -14.57934 1.000 31.98160 ? 118 GLY A C   1 
ATOM   888 O  O   . GLY A 1 118 ? -16.48538 -14.24701 -14.54294 1.000 33.88618 ? 118 GLY A O   1 
HETATM 889 C  C4  . WZ0 B 2 .   ? 7.35712   7.78691   4.09831   1.000 32.90565 ? 201 WZ0 A C4  1 
HETATM 890 C  C5  . WZ0 B 2 .   ? 4.87454   12.24652  5.42976   1.000 38.18129 ? 201 WZ0 A C5  1 
HETATM 891 C  C6  . WZ0 B 2 .   ? 6.07100   12.21241  6.12030   1.000 38.80631 ? 201 WZ0 A C6  1 
HETATM 892 C  C7  . WZ0 B 2 .   ? 6.80856   13.37691  6.21692   1.000 41.68521 ? 201 WZ0 A C7  1 
HETATM 893 C  C8  . WZ0 B 2 .   ? 6.40185   14.58265  5.64410   1.000 42.64175 ? 201 WZ0 A C8  1 
HETATM 894 C  C10 . WZ0 B 2 .   ? 4.43144   13.43154  4.83880   1.000 39.17294 ? 201 WZ0 A C10 1 
HETATM 895 C  C13 . WZ0 B 2 .   ? 8.81621   14.36611  7.08972   1.000 43.24441 ? 201 WZ0 A C13 1 
HETATM 896 C  C1  . WZ0 B 2 .   ? 1.04535   7.97020   4.83265   1.000 31.35109 ? 201 WZ0 A C1  1 
HETATM 897 C  C11 . WZ0 B 2 .   ? 7.25286   15.74135  5.80591   1.000 45.63066 ? 201 WZ0 A C11 1 
HETATM 898 C  C12 . WZ0 B 2 .   ? 8.42666   15.62410  6.51225   1.000 46.49730 ? 201 WZ0 A C12 1 
HETATM 899 C  C14 . WZ0 B 2 .   ? 6.85992   17.06306  5.20561   1.000 47.52194 ? 201 WZ0 A C14 1 
HETATM 900 C  C2  . WZ0 B 2 .   ? 1.77159   9.20731   4.48409   1.000 32.75902 ? 201 WZ0 A C2  1 
HETATM 901 C  C3  . WZ0 B 2 .   ? 6.02482   8.21974   3.63317   1.000 33.02803 ? 201 WZ0 A C3  1 
HETATM 902 C  C9  . WZ0 B 2 .   ? 5.18593   14.57308  4.94978   1.000 40.72810 ? 201 WZ0 A C9  1 
HETATM 903 O  O1  . WZ0 B 2 .   ? 3.20425   8.96312   4.46059   1.000 33.48989 ? 201 WZ0 A O1  1 
HETATM 904 O  O2  . WZ0 B 2 .   ? 5.59926   9.40959   4.35230   1.000 34.91062 ? 201 WZ0 A O2  1 
HETATM 905 O  O3  . WZ0 B 2 .   ? 4.08910   11.09209  5.29806   1.000 36.42536 ? 201 WZ0 A O3  1 
HETATM 906 O  O4  . WZ0 B 2 .   ? 9.82308   14.15797  7.72554   1.000 44.53819 ? 201 WZ0 A O4  1 
HETATM 907 O  O5  . WZ0 B 2 .   ? 7.98844   13.28115  6.92049   1.000 42.34959 ? 201 WZ0 A O5  1 
HETATM 908 P  P1  . WZ0 B 2 .   ? 4.21853   10.08713  4.06605   1.000 35.59532 ? 201 WZ0 A P1  1 
HETATM 909 S  S1  . WZ0 B 2 .   ? 3.98432   10.91401  2.36333   1.000 34.29247 ? 201 WZ0 A S1  1 
HETATM 910 CL CL1 . WZ0 B 2 .   ? 9.45386   17.01075  6.71089   1.000 67.44054 ? 201 WZ0 A CL1 1 
HETATM 911 O  O   . HOH C 3 .   ? -7.95403  2.26827   -8.22734  1.000 30.04394 ? 301 HOH A O   1 
HETATM 912 O  O   . HOH C 3 .   ? 1.83641   -11.51294 -6.12762  1.000 35.83902 ? 302 HOH A O   1 
HETATM 913 O  O   . HOH C 3 .   ? -7.87137  -8.62412  5.93145   1.000 27.94972 ? 303 HOH A O   1 
HETATM 914 O  O   . HOH C 3 .   ? 5.31881   -4.39374  -15.30929 1.000 29.07761 ? 304 HOH A O   1 
HETATM 915 O  O   . HOH C 3 .   ? -11.53432 5.75325   0.91314   1.000 33.42312 ? 305 HOH A O   1 
HETATM 916 O  O   . HOH C 3 .   ? -6.33213  -9.08026  9.63524   1.000 27.91917 ? 306 HOH A O   1 
HETATM 917 O  O   . HOH C 3 .   ? 9.18228   4.96255   -6.19699  1.000 31.71254 ? 307 HOH A O   1 
HETATM 918 O  O   . HOH C 3 .   ? -6.73769  -2.24151  9.45747   1.000 26.56212 ? 308 HOH A O   1 
HETATM 919 O  O   . HOH C 3 .   ? -0.92185  4.04575   15.71586  1.000 34.76084 ? 309 HOH A O   1 
HETATM 920 O  O   . HOH C 3 .   ? -2.29852  -13.10139 2.58522   1.000 33.69593 ? 310 HOH A O   1 
HETATM 921 O  O   . HOH C 3 .   ? -5.07511  4.62863   10.75000  1.000 29.91793 ? 311 HOH A O   1 
HETATM 922 O  O   . HOH C 3 .   ? -5.72703  10.33569  6.87193   1.000 33.35693 ? 312 HOH A O   1 
HETATM 923 O  O   . HOH C 3 .   ? 3.51130   4.71175   -7.40501  1.000 28.16309 ? 313 HOH A O   1 
HETATM 924 O  O   . HOH C 3 .   ? -3.02764  -12.22773 -2.59775  1.000 27.34943 ? 314 HOH A O   1 
HETATM 925 O  O   . HOH C 3 .   ? 0.75739   8.14126   -8.83253  1.000 37.96626 ? 315 HOH A O   1 
HETATM 926 O  O   . HOH C 3 .   ? 6.40363   -10.61394 1.03209   1.000 30.79588 ? 316 HOH A O   1 
HETATM 927 O  O   . HOH C 3 .   ? -12.78175 -2.14775  -0.40444  1.000 31.11256 ? 317 HOH A O   1 
HETATM 928 O  O   . HOH C 3 .   ? -7.30554  7.52778   0.52855   1.000 31.63011 ? 318 HOH A O   1 
HETATM 929 O  O   . HOH C 3 .   ? -3.76652  1.88063   13.22046  1.000 27.70304 ? 319 HOH A O   1 
HETATM 930 O  O   . HOH C 3 .   ? -7.80358  -13.66240 6.69192   1.000 34.51925 ? 320 HOH A O   1 
HETATM 931 O  O   . HOH C 3 .   ? -8.19085  -9.89354  -19.24977 1.000 35.54265 ? 321 HOH A O   1 
HETATM 932 O  O   . HOH C 3 .   ? 4.09922   -0.00088  -11.72286 1.000 28.32838 ? 322 HOH A O   1 
HETATM 933 O  O   . HOH C 3 .   ? 0.17564   7.07744   18.54495  1.000 43.07674 ? 323 HOH A O   1 
HETATM 934 O  O   . HOH C 3 .   ? 10.48745  2.51813   -6.90811  1.000 33.15025 ? 324 HOH A O   1 
HETATM 935 O  O   . HOH C 3 .   ? 2.65674   -14.07322 -3.36068  1.000 39.65898 ? 325 HOH A O   1 
HETATM 936 O  O   . HOH C 3 .   ? -3.20725  16.25404  9.20783   1.000 41.79158 ? 326 HOH A O   1 
HETATM 937 O  O   . HOH C 3 .   ? 5.81796   -10.00011 -10.03704 1.000 33.62809 ? 327 HOH A O   1 
HETATM 938 O  O   . HOH C 3 .   ? -6.12020  6.19706   -6.07817  1.000 37.65945 ? 328 HOH A O   1 
HETATM 939 O  O   . HOH C 3 .   ? -11.14654 -1.31070  -13.14593 1.000 28.35819 ? 329 HOH A O   1 
HETATM 940 O  O   . HOH C 3 .   ? -11.03553 -14.53068 -13.91561 1.000 34.66294 ? 330 HOH A O   1 
HETATM 941 O  O   . HOH C 3 .   ? -3.76707  2.58385   -12.89540 1.000 28.75609 ? 331 HOH A O   1 
HETATM 942 O  O   . HOH C 3 .   ? 7.93385   8.71964   -4.58689  1.000 31.60981 ? 332 HOH A O   1 
HETATM 943 O  O   . HOH C 3 .   ? -6.78891  -1.43903  -16.46991 1.000 31.62793 ? 333 HOH A O   1 
HETATM 944 O  O   . HOH C 3 .   ? 5.78149   -11.10251 4.08199   1.000 32.57294 ? 334 HOH A O   1 
HETATM 945 O  O   . HOH C 3 .   ? -12.42848 0.76320   -9.23586  1.000 29.24096 ? 335 HOH A O   1 
HETATM 946 O  O   . HOH C 3 .   ? -7.11042  3.36367   -10.03276 1.000 30.96055 ? 336 HOH A O   1 
HETATM 947 O  O   . HOH C 3 .   ? 10.49038  7.25680   -5.09337  1.000 34.77443 ? 337 HOH A O   1 
HETATM 948 O  O   . HOH C 3 .   ? 15.13505  3.31536   -4.39850  1.000 34.84881 ? 338 HOH A O   1 
HETATM 949 O  O   . HOH C 3 .   ? -5.43302  -0.75463  -18.23633 1.000 38.79047 ? 339 HOH A O   1 
HETATM 950 O  O   . HOH C 3 .   ? 3.69651   5.04615   -10.02053 1.000 31.08875 ? 340 HOH A O   1 
HETATM 951 O  O   . HOH C 3 .   ? -6.73377  6.22408   -9.79054  1.000 39.82603 ? 341 HOH A O   1 
HETATM 952 O  O   . HOH C 3 .   ? 3.78943   19.22279  15.04177  1.000 47.36039 ? 342 HOH A O   1 
# 
